data_8EI1
#
_entry.id   8EI1
#
_cell.length_a   99.650
_cell.length_b   99.650
_cell.length_c   366.490
_cell.angle_alpha   90.000
_cell.angle_beta   90.000
_cell.angle_gamma   90.000
#
_symmetry.space_group_name_H-M   'P 43 21 2'
#
loop_
_entity.id
_entity.type
_entity.pdbx_description
1 polymer Cullin-4B
2 polymer H316
3 non-polymer "N,N'-(1,4-phenylene)diacetamide"
#
loop_
_entity_poly.entity_id
_entity_poly.type
_entity_poly.pdbx_seq_one_letter_code
_entity_poly.pdbx_strand_id
1 'polypeptide(L)'
;SMPKLPENYTDETWQKLKEAVEAIQNSTSIKYNLEELYQAVENLCSYKISANLYKQLRQICEDHIKAQIHQFREDSLDSV
LFLKKIDRCWQNHCRQMIMIRSIFLFLDRTYVLQNSMLPSIWDMGLELFRAHIISDQKVQNKTIDGILLLIERERNGEAI
DRSLLRSLLSMLSDLQIYQDSFEQRFLEETNRLYAAEGQKLMQEREVPEYLHHVNKRLEEEADRLITYLDQTTQKSLIAT
VEKQLLGEHLTAILQKGLNNLLDENRIQDLSLLYQLFSRVRGGVQVLLQQWIEYIKAFGSTIVINPEKDKTMRQELDDFK
DKVDHIIDICFLKNEKFINAMKEAFETFINKRPN
;
A,B,C,D
2 'polypeptide(L)' (ACE)DPADRWCELAAWTCDTF(NH2) E,F,G,H
#
# COMPACT_ATOMS: atom_id res chain seq x y z
N ASP A 11 -19.68 30.77 22.79
CA ASP A 11 -20.92 30.00 22.58
C ASP A 11 -21.81 30.60 21.51
N GLU A 12 -21.71 31.92 21.36
CA GLU A 12 -22.32 32.62 20.24
C GLU A 12 -21.54 32.35 18.97
N THR A 13 -20.22 32.16 19.09
CA THR A 13 -19.39 31.79 17.95
C THR A 13 -19.79 30.41 17.43
N TRP A 14 -19.95 29.43 18.34
CA TRP A 14 -20.35 28.09 17.92
C TRP A 14 -21.71 28.08 17.24
N GLN A 15 -22.60 28.98 17.64
CA GLN A 15 -23.94 29.01 17.04
C GLN A 15 -23.88 29.33 15.55
N LYS A 16 -22.90 30.11 15.11
CA LYS A 16 -22.73 30.33 13.68
C LYS A 16 -22.45 29.02 12.95
N LEU A 17 -21.47 28.25 13.43
CA LEU A 17 -21.08 27.02 12.75
C LEU A 17 -22.22 26.02 12.78
N LYS A 18 -22.91 25.92 13.93
CA LYS A 18 -24.06 25.03 14.04
C LYS A 18 -25.11 25.35 12.98
N GLU A 19 -25.31 26.64 12.67
CA GLU A 19 -26.28 26.98 11.63
C GLU A 19 -25.72 26.67 10.25
N ALA A 20 -24.42 26.89 10.04
CA ALA A 20 -23.81 26.59 8.74
C ALA A 20 -23.87 25.10 8.45
N VAL A 21 -23.59 24.26 9.45
CA VAL A 21 -23.67 22.80 9.27
C VAL A 21 -25.10 22.40 8.93
N GLU A 22 -26.07 22.95 9.68
CA GLU A 22 -27.47 22.64 9.42
C GLU A 22 -27.87 23.08 8.01
N ALA A 23 -27.30 24.19 7.53
CA ALA A 23 -27.53 24.58 6.14
C ALA A 23 -26.97 23.55 5.17
N ILE A 24 -25.77 23.03 5.46
CA ILE A 24 -25.17 22.00 4.62
C ILE A 24 -26.02 20.73 4.67
N GLN A 25 -26.51 20.37 5.85
CA GLN A 25 -27.27 19.14 6.00
C GLN A 25 -28.62 19.21 5.30
N ASN A 26 -29.28 20.35 5.38
CA ASN A 26 -30.59 20.53 4.78
C ASN A 26 -30.54 21.09 3.36
N SER A 27 -29.33 21.30 2.83
CA SER A 27 -29.13 21.77 1.46
C SER A 27 -29.73 23.16 1.25
N THR A 28 -29.71 24.00 2.28
CA THR A 28 -30.24 25.34 2.16
C THR A 28 -29.08 26.30 1.95
N SER A 29 -29.16 27.50 2.52
CA SER A 29 -28.20 28.56 2.22
C SER A 29 -27.31 28.81 3.43
N ILE A 30 -26.02 29.02 3.16
CA ILE A 30 -25.07 29.39 4.21
C ILE A 30 -25.10 30.91 4.33
N LYS A 31 -25.72 31.39 5.41
CA LYS A 31 -26.01 32.81 5.60
C LYS A 31 -24.85 33.56 6.24
N TYR A 32 -23.62 33.11 6.00
CA TYR A 32 -22.41 33.76 6.45
C TYR A 32 -21.37 33.71 5.34
N ASN A 33 -20.45 34.67 5.35
CA ASN A 33 -19.30 34.55 4.46
C ASN A 33 -18.32 33.54 5.05
N LEU A 34 -17.65 32.80 4.16
CA LEU A 34 -16.89 31.64 4.61
C LEU A 34 -15.71 32.04 5.50
N GLU A 35 -15.07 33.17 5.19
CA GLU A 35 -13.96 33.64 6.02
C GLU A 35 -14.39 33.82 7.46
N GLU A 36 -15.64 34.26 7.66
CA GLU A 36 -16.18 34.39 9.00
C GLU A 36 -16.25 33.05 9.71
N LEU A 37 -16.59 31.98 8.97
CA LEU A 37 -16.72 30.66 9.57
C LEU A 37 -15.36 30.06 9.91
N TYR A 38 -14.37 30.26 9.04
CA TYR A 38 -13.02 29.77 9.32
C TYR A 38 -12.46 30.39 10.61
N GLN A 39 -12.78 31.67 10.87
CA GLN A 39 -12.34 32.30 12.12
C GLN A 39 -12.94 31.60 13.33
N ALA A 40 -14.24 31.30 13.25
CA ALA A 40 -14.94 30.61 14.33
C ALA A 40 -14.25 29.31 14.69
N VAL A 41 -13.88 28.52 13.67
CA VAL A 41 -13.17 27.27 13.90
C VAL A 41 -11.80 27.53 14.52
N GLU A 42 -11.06 28.50 13.95
CA GLU A 42 -9.71 28.74 14.41
C GLU A 42 -9.68 29.27 15.84
N ASN A 43 -10.65 30.11 16.20
CA ASN A 43 -10.68 30.64 17.57
C ASN A 43 -11.09 29.58 18.58
N LEU A 44 -12.14 28.81 18.28
CA LEU A 44 -12.60 27.79 19.23
C LEU A 44 -11.58 26.69 19.45
N CYS A 45 -10.63 26.51 18.54
CA CYS A 45 -9.54 25.57 18.76
C CYS A 45 -8.41 26.19 19.57
N SER A 46 -8.39 27.52 19.69
CA SER A 46 -7.29 28.23 20.32
C SER A 46 -7.63 28.82 21.69
N TYR A 47 -8.89 28.76 22.12
CA TYR A 47 -9.26 29.27 23.44
C TYR A 47 -10.11 28.33 24.28
N LYS A 48 -11.00 27.55 23.66
CA LYS A 48 -11.93 26.69 24.39
C LYS A 48 -11.53 25.22 24.31
N ILE A 49 -10.29 24.93 23.90
CA ILE A 49 -9.73 23.58 23.74
C ILE A 49 -10.49 22.91 22.59
N SER A 50 -9.76 22.19 21.75
CA SER A 50 -10.35 21.67 20.52
C SER A 50 -11.29 20.50 20.78
N ALA A 51 -11.03 19.69 21.82
CA ALA A 51 -11.91 18.61 22.25
C ALA A 51 -13.38 19.00 22.14
N ASN A 52 -13.82 19.90 23.03
CA ASN A 52 -15.18 20.40 23.08
C ASN A 52 -15.78 20.71 21.71
N LEU A 53 -14.98 21.28 20.81
CA LEU A 53 -15.52 21.62 19.49
C LEU A 53 -15.70 20.37 18.63
N TYR A 54 -14.82 19.38 18.80
CA TYR A 54 -14.98 18.12 18.09
C TYR A 54 -16.22 17.39 18.57
N LYS A 55 -16.45 17.33 19.89
CA LYS A 55 -17.59 16.60 20.42
C LYS A 55 -18.90 17.28 20.04
N GLN A 56 -18.92 18.62 19.99
CA GLN A 56 -20.14 19.32 19.58
C GLN A 56 -20.44 19.09 18.10
N LEU A 57 -19.41 19.11 17.25
CA LEU A 57 -19.63 18.84 15.83
C LEU A 57 -20.08 17.41 15.60
N ARG A 58 -19.47 16.44 16.30
CA ARG A 58 -19.92 15.06 16.21
C ARG A 58 -21.39 14.89 16.50
N GLN A 59 -21.90 15.56 17.53
CA GLN A 59 -23.29 15.33 17.95
C GLN A 59 -24.29 15.84 16.91
N ILE A 60 -24.10 17.06 16.40
CA ILE A 60 -25.06 17.56 15.42
C ILE A 60 -24.96 16.78 14.12
N CYS A 61 -23.83 16.12 13.87
CA CYS A 61 -23.76 15.19 12.74
C CYS A 61 -24.52 13.90 13.06
N GLU A 62 -24.38 13.40 14.29
CA GLU A 62 -25.12 12.20 14.68
C GLU A 62 -26.62 12.46 14.66
N ASP A 63 -27.04 13.63 15.16
CA ASP A 63 -28.46 13.98 15.18
C ASP A 63 -29.06 13.93 13.78
N HIS A 64 -28.41 14.57 12.81
CA HIS A 64 -28.95 14.61 11.46
C HIS A 64 -29.00 13.22 10.84
N ILE A 65 -27.93 12.44 10.99
CA ILE A 65 -27.85 11.15 10.33
C ILE A 65 -28.76 10.13 11.03
N LYS A 66 -28.82 10.17 12.37
CA LYS A 66 -29.77 9.32 13.08
C LYS A 66 -31.20 9.62 12.66
N ALA A 67 -31.47 10.81 12.14
CA ALA A 67 -32.79 11.16 11.65
C ALA A 67 -33.08 10.59 10.27
N GLN A 68 -32.06 10.03 9.60
CA GLN A 68 -32.20 9.52 8.24
C GLN A 68 -32.67 8.08 8.18
N ILE A 69 -32.73 7.36 9.31
CA ILE A 69 -33.11 5.95 9.31
C ILE A 69 -34.58 5.77 9.00
N HIS A 70 -35.40 6.77 9.25
CA HIS A 70 -36.85 6.58 9.21
C HIS A 70 -37.36 6.37 7.78
N GLN A 71 -36.68 6.93 6.78
CA GLN A 71 -37.12 6.75 5.39
C GLN A 71 -37.02 5.30 4.93
N PHE A 72 -36.19 4.49 5.61
CA PHE A 72 -35.95 3.10 5.23
C PHE A 72 -36.87 2.11 5.97
N ARG A 73 -37.89 2.65 6.59
CA ARG A 73 -38.78 1.87 7.44
C ARG A 73 -39.90 1.17 6.73
N GLU A 74 -39.83 1.11 5.41
CA GLU A 74 -40.89 0.44 4.73
C GLU A 74 -40.21 -0.53 3.83
N ASP A 75 -39.63 -1.60 4.38
CA ASP A 75 -38.91 -2.54 3.52
C ASP A 75 -39.68 -3.65 2.82
N SER A 76 -40.71 -3.21 2.13
CA SER A 76 -41.59 -3.96 1.29
C SER A 76 -41.54 -3.35 -0.10
N LEU A 77 -40.90 -2.20 -0.23
CA LEU A 77 -40.73 -1.42 -1.42
C LEU A 77 -39.93 -2.15 -2.45
N ASP A 78 -40.05 -1.71 -3.69
CA ASP A 78 -39.35 -2.32 -4.82
C ASP A 78 -37.85 -2.25 -4.54
N SER A 79 -37.16 -3.35 -4.83
CA SER A 79 -35.76 -3.50 -4.43
C SER A 79 -34.87 -2.42 -5.04
N VAL A 80 -34.96 -2.23 -6.36
CA VAL A 80 -34.13 -1.23 -7.02
C VAL A 80 -34.43 0.17 -6.48
N LEU A 81 -35.72 0.47 -6.25
CA LEU A 81 -36.06 1.76 -5.69
C LEU A 81 -35.46 1.92 -4.29
N PHE A 82 -35.45 0.85 -3.51
CA PHE A 82 -34.79 0.86 -2.21
C PHE A 82 -33.29 1.07 -2.37
N LEU A 83 -32.67 0.34 -3.30
CA LEU A 83 -31.25 0.50 -3.54
C LEU A 83 -30.92 1.91 -4.02
N LYS A 84 -31.77 2.48 -4.87
CA LYS A 84 -31.53 3.84 -5.33
C LYS A 84 -31.74 4.86 -4.23
N LYS A 85 -32.61 4.53 -3.26
CA LYS A 85 -32.82 5.37 -2.08
C LYS A 85 -31.61 5.30 -1.15
N ILE A 86 -31.01 4.12 -1.02
CA ILE A 86 -29.76 3.99 -0.26
C ILE A 86 -28.67 4.82 -0.93
N ASP A 87 -28.60 4.75 -2.26
CA ASP A 87 -27.55 5.44 -3.01
C ASP A 87 -27.64 6.95 -2.82
N ARG A 88 -28.84 7.52 -3.00
CA ARG A 88 -29.01 8.97 -2.81
C ARG A 88 -28.66 9.38 -1.39
N CYS A 89 -29.11 8.60 -0.41
CA CYS A 89 -28.78 8.87 0.99
C CYS A 89 -27.27 8.88 1.19
N TRP A 90 -26.56 7.97 0.52
CA TRP A 90 -25.10 7.90 0.64
C TRP A 90 -24.42 9.09 -0.05
N GLN A 91 -24.81 9.38 -1.30
CA GLN A 91 -24.22 10.51 -2.01
C GLN A 91 -24.47 11.83 -1.27
N ASN A 92 -25.64 11.97 -0.65
CA ASN A 92 -25.91 13.17 0.14
C ASN A 92 -25.02 13.19 1.38
N HIS A 93 -24.86 12.05 2.04
CA HIS A 93 -24.00 12.00 3.22
C HIS A 93 -22.58 12.40 2.86
N CYS A 94 -22.05 11.84 1.76
CA CYS A 94 -20.71 12.17 1.32
C CYS A 94 -20.60 13.65 0.97
N ARG A 95 -21.53 14.15 0.17
CA ARG A 95 -21.52 15.54 -0.24
C ARG A 95 -21.50 16.47 0.96
N GLN A 96 -22.37 16.20 1.93
CA GLN A 96 -22.42 17.02 3.15
C GLN A 96 -21.13 16.90 3.95
N MET A 97 -20.69 15.66 4.23
CA MET A 97 -19.51 15.46 5.08
C MET A 97 -18.25 16.07 4.48
N ILE A 98 -18.11 16.04 3.15
CA ILE A 98 -16.95 16.67 2.53
C ILE A 98 -16.92 18.17 2.82
N MET A 99 -18.08 18.82 2.73
CA MET A 99 -18.13 20.26 2.98
C MET A 99 -17.89 20.60 4.45
N ILE A 100 -18.54 19.86 5.37
CA ILE A 100 -18.25 20.05 6.79
C ILE A 100 -16.76 19.90 7.05
N ARG A 101 -16.13 18.95 6.36
CA ARG A 101 -14.68 18.78 6.45
C ARG A 101 -13.93 20.02 5.98
N SER A 102 -14.45 20.70 4.95
CA SER A 102 -13.79 21.89 4.45
C SER A 102 -13.81 23.02 5.49
N ILE A 103 -14.99 23.28 6.08
CA ILE A 103 -15.10 24.37 7.04
C ILE A 103 -14.23 24.10 8.26
N PHE A 104 -14.22 22.85 8.74
CA PHE A 104 -13.49 22.47 9.93
C PHE A 104 -12.11 21.90 9.61
N LEU A 105 -11.50 22.31 8.50
CA LEU A 105 -10.21 21.75 8.11
C LEU A 105 -9.14 22.04 9.17
N PHE A 106 -9.20 23.24 9.76
CA PHE A 106 -8.26 23.57 10.82
C PHE A 106 -8.39 22.60 11.98
N LEU A 107 -9.59 22.14 12.28
CA LEU A 107 -9.78 21.16 13.33
C LEU A 107 -9.12 19.83 12.93
N ASP A 108 -9.37 19.38 11.70
CA ASP A 108 -8.85 18.09 11.26
C ASP A 108 -7.33 18.11 11.14
N ARG A 109 -6.75 19.27 10.84
CA ARG A 109 -5.30 19.33 10.74
C ARG A 109 -4.61 19.55 12.09
N THR A 110 -5.32 20.13 13.05
CA THR A 110 -4.78 20.23 14.40
C THR A 110 -4.67 18.86 15.07
N TYR A 111 -5.70 18.01 14.94
CA TYR A 111 -5.65 16.71 15.58
C TYR A 111 -4.63 15.78 14.95
N VAL A 112 -4.33 15.97 13.67
CA VAL A 112 -3.28 15.20 13.06
C VAL A 112 -1.91 15.73 13.48
N LEU A 113 -1.78 17.05 13.62
CA LEU A 113 -0.50 17.61 14.06
C LEU A 113 -0.19 17.20 15.49
N GLN A 114 -1.22 17.05 16.32
CA GLN A 114 -1.10 16.74 17.74
C GLN A 114 -1.16 15.24 18.08
N ASN A 115 -0.97 14.34 17.12
CA ASN A 115 -0.98 12.91 17.43
C ASN A 115 -2.28 12.50 18.11
N SER A 116 -3.41 12.92 17.54
CA SER A 116 -4.64 12.56 18.22
C SER A 116 -5.05 11.13 17.91
N MET A 117 -5.75 10.52 18.85
CA MET A 117 -6.34 9.22 18.60
C MET A 117 -7.77 9.35 18.08
N LEU A 118 -8.31 10.56 18.06
CA LEU A 118 -9.68 10.77 17.61
C LEU A 118 -9.79 10.61 16.10
N PRO A 119 -10.87 10.00 15.60
CA PRO A 119 -11.01 9.82 14.17
C PRO A 119 -11.12 11.15 13.44
N SER A 120 -10.73 11.15 12.17
CA SER A 120 -10.92 12.32 11.34
C SER A 120 -12.42 12.62 11.19
N ILE A 121 -12.70 13.86 10.81
CA ILE A 121 -14.09 14.26 10.61
C ILE A 121 -14.75 13.39 9.54
N TRP A 122 -14.02 13.05 8.48
CA TRP A 122 -14.57 12.18 7.45
C TRP A 122 -14.85 10.79 7.99
N ASP A 123 -13.88 10.19 8.68
CA ASP A 123 -14.07 8.85 9.24
C ASP A 123 -15.17 8.86 10.30
N MET A 124 -15.23 9.93 11.11
CA MET A 124 -16.31 10.07 12.08
C MET A 124 -17.66 10.04 11.40
N GLY A 125 -17.77 10.65 10.23
CA GLY A 125 -19.01 10.56 9.48
C GLY A 125 -19.29 9.15 9.00
N LEU A 126 -18.23 8.43 8.59
CA LEU A 126 -18.39 7.05 8.14
C LEU A 126 -18.89 6.15 9.25
N GLU A 127 -18.33 6.29 10.46
CA GLU A 127 -18.78 5.46 11.58
C GLU A 127 -20.26 5.71 11.86
N LEU A 128 -20.64 7.00 11.96
CA LEU A 128 -22.03 7.34 12.23
C LEU A 128 -22.96 6.82 11.14
N PHE A 129 -22.55 6.95 9.87
CA PHE A 129 -23.39 6.44 8.79
C PHE A 129 -23.56 4.93 8.89
N ARG A 130 -22.47 4.20 9.16
CA ARG A 130 -22.58 2.75 9.32
C ARG A 130 -23.47 2.41 10.51
N ALA A 131 -23.21 3.06 11.65
CA ALA A 131 -23.88 2.69 12.90
C ALA A 131 -25.39 2.85 12.79
N HIS A 132 -25.85 3.98 12.26
CA HIS A 132 -27.26 4.31 12.27
C HIS A 132 -27.99 3.93 10.98
N ILE A 133 -27.29 3.67 9.89
CA ILE A 133 -27.96 3.40 8.63
C ILE A 133 -27.69 1.97 8.16
N ILE A 134 -26.45 1.71 7.75
CA ILE A 134 -26.17 0.46 7.08
C ILE A 134 -26.11 -0.72 8.06
N SER A 135 -25.67 -0.49 9.30
CA SER A 135 -25.61 -1.58 10.27
C SER A 135 -26.99 -2.12 10.62
N ASP A 136 -28.02 -1.28 10.50
CA ASP A 136 -29.39 -1.70 10.75
C ASP A 136 -29.68 -3.00 10.01
N GLN A 137 -30.02 -4.04 10.77
CA GLN A 137 -30.14 -5.38 10.18
C GLN A 137 -31.16 -5.38 9.05
N LYS A 138 -32.30 -4.74 9.26
CA LYS A 138 -33.30 -4.68 8.21
C LYS A 138 -32.79 -3.91 7.00
N VAL A 139 -32.13 -2.79 7.24
CA VAL A 139 -31.57 -1.99 6.15
C VAL A 139 -30.45 -2.75 5.44
N GLN A 140 -29.53 -3.33 6.22
CA GLN A 140 -28.42 -4.06 5.60
C GLN A 140 -28.91 -5.27 4.81
N ASN A 141 -29.90 -5.99 5.35
CA ASN A 141 -30.40 -7.18 4.66
C ASN A 141 -31.09 -6.84 3.34
N LYS A 142 -31.90 -5.78 3.33
CA LYS A 142 -32.56 -5.42 2.08
C LYS A 142 -31.56 -4.88 1.06
N THR A 143 -30.50 -4.23 1.54
CA THR A 143 -29.48 -3.71 0.64
C THR A 143 -28.68 -4.85 0.01
N ILE A 144 -28.18 -5.78 0.82
CA ILE A 144 -27.35 -6.85 0.31
C ILE A 144 -28.16 -7.77 -0.60
N ASP A 145 -29.40 -8.09 -0.22
CA ASP A 145 -30.26 -8.92 -1.05
C ASP A 145 -30.43 -8.34 -2.45
N GLY A 146 -30.70 -7.04 -2.54
CA GLY A 146 -30.91 -6.42 -3.83
C GLY A 146 -29.65 -6.40 -4.67
N ILE A 147 -28.51 -6.11 -4.04
CA ILE A 147 -27.23 -6.08 -4.76
C ILE A 147 -26.95 -7.43 -5.40
N LEU A 148 -27.09 -8.51 -4.62
CA LEU A 148 -26.91 -9.85 -5.16
C LEU A 148 -27.96 -10.16 -6.21
N LEU A 149 -29.18 -9.65 -6.02
CA LEU A 149 -30.25 -9.92 -6.97
C LEU A 149 -29.99 -9.25 -8.31
N LEU A 150 -29.38 -8.05 -8.31
CA LEU A 150 -28.99 -7.43 -9.57
C LEU A 150 -27.90 -8.22 -10.26
N ILE A 151 -26.92 -8.70 -9.49
CA ILE A 151 -25.87 -9.53 -10.08
C ILE A 151 -26.48 -10.80 -10.65
N GLU A 152 -27.44 -11.40 -9.95
CA GLU A 152 -28.10 -12.59 -10.48
C GLU A 152 -28.87 -12.28 -11.75
N ARG A 153 -29.52 -11.12 -11.81
CA ARG A 153 -30.26 -10.75 -13.01
C ARG A 153 -29.31 -10.59 -14.19
N GLU A 154 -28.17 -9.93 -13.97
CA GLU A 154 -27.23 -9.72 -15.06
C GLU A 154 -26.68 -11.04 -15.59
N ARG A 155 -26.33 -11.97 -14.68
CA ARG A 155 -25.83 -13.26 -15.12
C ARG A 155 -26.89 -14.01 -15.94
N ASN A 156 -28.16 -13.75 -15.67
CA ASN A 156 -29.26 -14.34 -16.41
C ASN A 156 -29.59 -13.58 -17.69
N GLY A 157 -28.86 -12.51 -17.99
CA GLY A 157 -29.01 -11.78 -19.24
C GLY A 157 -29.76 -10.48 -19.12
N GLU A 158 -30.29 -10.15 -17.95
CA GLU A 158 -31.07 -8.93 -17.82
C GLU A 158 -30.14 -7.74 -17.66
N ALA A 159 -30.60 -6.58 -18.13
CA ALA A 159 -29.82 -5.35 -18.04
C ALA A 159 -30.10 -4.67 -16.70
N ILE A 160 -29.03 -4.22 -16.04
CA ILE A 160 -29.12 -3.60 -14.72
C ILE A 160 -28.29 -2.33 -14.73
N ASP A 161 -28.44 -1.55 -13.67
CA ASP A 161 -27.65 -0.33 -13.50
C ASP A 161 -26.31 -0.73 -12.87
N ARG A 162 -25.28 -0.86 -13.70
CA ARG A 162 -23.97 -1.17 -13.15
C ARG A 162 -23.43 -0.01 -12.33
N SER A 163 -23.74 1.23 -12.73
CA SER A 163 -23.30 2.40 -11.98
C SER A 163 -23.84 2.38 -10.56
N LEU A 164 -25.13 2.04 -10.42
CA LEU A 164 -25.71 1.87 -9.08
C LEU A 164 -24.98 0.78 -8.31
N LEU A 165 -24.75 -0.36 -8.95
CA LEU A 165 -24.08 -1.47 -8.29
C LEU A 165 -22.68 -1.09 -7.84
N ARG A 166 -21.92 -0.40 -8.69
CA ARG A 166 -20.57 0.01 -8.31
C ARG A 166 -20.60 0.96 -7.13
N SER A 167 -21.53 1.91 -7.14
CA SER A 167 -21.60 2.90 -6.06
C SER A 167 -21.95 2.24 -4.73
N LEU A 168 -22.87 1.28 -4.77
CA LEU A 168 -23.28 0.60 -3.55
C LEU A 168 -22.16 -0.25 -2.97
N LEU A 169 -21.45 -0.99 -3.83
CA LEU A 169 -20.35 -1.82 -3.36
C LEU A 169 -19.17 -0.97 -2.88
N SER A 170 -18.88 0.12 -3.59
CA SER A 170 -17.83 1.04 -3.14
C SER A 170 -18.13 1.57 -1.74
N MET A 171 -19.40 1.86 -1.46
CA MET A 171 -19.80 2.30 -0.13
C MET A 171 -19.47 1.24 0.91
N LEU A 172 -19.86 -0.02 0.64
CA LEU A 172 -19.58 -1.11 1.57
C LEU A 172 -18.09 -1.27 1.84
N SER A 173 -17.25 -0.98 0.84
CA SER A 173 -15.81 -0.99 1.07
C SER A 173 -15.38 0.21 1.90
N ASP A 174 -15.87 1.40 1.55
CA ASP A 174 -15.56 2.59 2.33
C ASP A 174 -15.99 2.43 3.78
N LEU A 175 -17.13 1.77 4.01
CA LEU A 175 -17.57 1.49 5.37
C LEU A 175 -16.89 0.26 5.95
N GLN A 176 -16.04 -0.41 5.17
CA GLN A 176 -15.24 -1.55 5.61
C GLN A 176 -16.12 -2.71 6.09
N ILE A 177 -17.18 -3.00 5.34
CA ILE A 177 -18.07 -4.11 5.65
C ILE A 177 -18.36 -4.91 4.38
N TYR A 178 -17.61 -4.62 3.31
CA TYR A 178 -17.74 -5.34 2.05
C TYR A 178 -17.49 -6.83 2.20
N GLN A 179 -16.45 -7.22 2.96
CA GLN A 179 -16.06 -8.63 3.02
C GLN A 179 -17.04 -9.45 3.84
N ASP A 180 -17.33 -9.00 5.07
CA ASP A 180 -18.19 -9.75 5.98
C ASP A 180 -19.61 -9.84 5.45
N SER A 181 -20.19 -8.70 5.05
CA SER A 181 -21.61 -8.64 4.74
C SER A 181 -21.92 -9.06 3.31
N PHE A 182 -21.03 -8.77 2.37
CA PHE A 182 -21.31 -9.01 0.96
C PHE A 182 -20.49 -10.13 0.36
N GLU A 183 -19.16 -10.10 0.54
CA GLU A 183 -18.27 -10.95 -0.28
C GLU A 183 -18.53 -12.44 -0.09
N GLN A 184 -18.65 -12.89 1.15
CA GLN A 184 -18.82 -14.33 1.37
C GLN A 184 -20.13 -14.82 0.75
N ARG A 185 -21.23 -14.12 1.03
CA ARG A 185 -22.49 -14.50 0.40
C ARG A 185 -22.41 -14.42 -1.11
N PHE A 186 -21.64 -13.46 -1.64
CA PHE A 186 -21.52 -13.35 -3.09
C PHE A 186 -20.81 -14.56 -3.68
N LEU A 187 -19.70 -14.97 -3.10
CA LEU A 187 -19.01 -16.16 -3.58
C LEU A 187 -19.87 -17.41 -3.42
N GLU A 188 -20.65 -17.48 -2.34
CA GLU A 188 -21.54 -18.63 -2.14
C GLU A 188 -22.62 -18.68 -3.22
N GLU A 189 -23.20 -17.54 -3.58
CA GLU A 189 -24.18 -17.54 -4.66
C GLU A 189 -23.52 -17.75 -6.01
N THR A 190 -22.30 -17.23 -6.22
CA THR A 190 -21.57 -17.54 -7.45
C THR A 190 -21.29 -19.03 -7.55
N ASN A 191 -20.93 -19.65 -6.42
CA ASN A 191 -20.66 -21.08 -6.40
C ASN A 191 -21.91 -21.88 -6.77
N ARG A 192 -23.02 -21.59 -6.11
CA ARG A 192 -24.25 -22.32 -6.37
C ARG A 192 -24.72 -22.14 -7.82
N LEU A 193 -24.61 -20.91 -8.33
CA LEU A 193 -25.10 -20.63 -9.68
C LEU A 193 -24.28 -21.38 -10.72
N TYR A 194 -22.95 -21.25 -10.67
CA TYR A 194 -22.11 -21.87 -11.69
C TYR A 194 -21.94 -23.37 -11.46
N ALA A 195 -22.07 -23.86 -10.23
CA ALA A 195 -22.11 -25.31 -10.02
C ALA A 195 -23.27 -25.93 -10.78
N ALA A 196 -24.47 -25.36 -10.63
CA ALA A 196 -25.62 -25.86 -11.37
C ALA A 196 -25.45 -25.65 -12.87
N GLU A 197 -24.98 -24.47 -13.26
CA GLU A 197 -24.81 -24.19 -14.69
C GLU A 197 -23.84 -25.16 -15.34
N GLY A 198 -22.79 -25.54 -14.61
CA GLY A 198 -21.89 -26.56 -15.12
C GLY A 198 -22.60 -27.87 -15.40
N GLN A 199 -23.35 -28.36 -14.40
CA GLN A 199 -24.03 -29.64 -14.55
C GLN A 199 -25.05 -29.60 -15.69
N LYS A 200 -25.82 -28.51 -15.77
CA LYS A 200 -26.93 -28.44 -16.72
C LYS A 200 -26.44 -28.30 -18.16
N LEU A 201 -25.61 -27.29 -18.42
CA LEU A 201 -25.14 -27.04 -19.78
C LEU A 201 -24.19 -28.12 -20.28
N MET A 202 -23.60 -28.91 -19.38
CA MET A 202 -22.75 -30.01 -19.80
C MET A 202 -23.56 -31.09 -20.50
N GLN A 203 -24.84 -31.23 -20.16
CA GLN A 203 -25.73 -32.15 -20.86
C GLN A 203 -26.40 -31.50 -22.08
N GLU A 204 -26.77 -30.22 -21.98
CA GLU A 204 -27.60 -29.62 -23.03
C GLU A 204 -26.78 -29.18 -24.24
N ARG A 205 -25.46 -29.01 -24.10
CA ARG A 205 -24.65 -28.50 -25.19
C ARG A 205 -23.48 -29.43 -25.44
N GLU A 206 -23.07 -29.51 -26.69
CA GLU A 206 -21.92 -30.32 -27.05
C GLU A 206 -20.63 -29.64 -26.58
N VAL A 207 -19.55 -30.41 -26.58
CA VAL A 207 -18.25 -29.94 -26.09
C VAL A 207 -17.81 -28.65 -26.80
N PRO A 208 -17.93 -28.53 -28.13
CA PRO A 208 -17.56 -27.24 -28.76
C PRO A 208 -18.39 -26.07 -28.25
N GLU A 209 -19.70 -26.23 -28.16
CA GLU A 209 -20.55 -25.13 -27.67
C GLU A 209 -20.36 -24.88 -26.19
N TYR A 210 -20.02 -25.91 -25.41
CA TYR A 210 -19.81 -25.72 -23.99
C TYR A 210 -18.53 -24.93 -23.71
N LEU A 211 -17.45 -25.23 -24.43
CA LEU A 211 -16.18 -24.55 -24.20
C LEU A 211 -16.30 -23.05 -24.52
N HIS A 212 -16.94 -22.73 -25.65
CA HIS A 212 -17.23 -21.34 -25.97
C HIS A 212 -17.98 -20.66 -24.83
N HIS A 213 -18.96 -21.36 -24.26
CA HIS A 213 -19.76 -20.79 -23.19
C HIS A 213 -18.93 -20.56 -21.93
N VAL A 214 -18.08 -21.53 -21.58
CA VAL A 214 -17.22 -21.37 -20.40
C VAL A 214 -16.30 -20.16 -20.59
N ASN A 215 -15.72 -20.02 -21.77
CA ASN A 215 -14.91 -18.85 -22.05
C ASN A 215 -15.74 -17.58 -21.99
N LYS A 216 -17.00 -17.65 -22.42
CA LYS A 216 -17.88 -16.46 -22.39
C LYS A 216 -18.13 -16.02 -20.97
N ARG A 217 -18.31 -16.98 -20.05
CA ARG A 217 -18.54 -16.63 -18.65
C ARG A 217 -17.29 -16.05 -18.01
N LEU A 218 -16.12 -16.65 -18.28
CA LEU A 218 -14.89 -16.15 -17.69
C LEU A 218 -14.60 -14.73 -18.13
N GLU A 219 -14.93 -14.39 -19.38
CA GLU A 219 -14.75 -13.02 -19.84
C GLU A 219 -15.78 -12.10 -19.20
N GLU A 220 -17.03 -12.55 -19.11
CA GLU A 220 -18.07 -11.77 -18.45
C GLU A 220 -17.71 -11.50 -16.99
N GLU A 221 -17.31 -12.54 -16.27
CA GLU A 221 -16.97 -12.38 -14.85
C GLU A 221 -15.75 -11.49 -14.68
N ALA A 222 -14.80 -11.56 -15.60
CA ALA A 222 -13.70 -10.60 -15.58
C ALA A 222 -14.19 -9.18 -15.81
N ASP A 223 -15.24 -9.03 -16.62
CA ASP A 223 -15.82 -7.71 -16.83
C ASP A 223 -16.53 -7.20 -15.59
N ARG A 224 -17.28 -8.08 -14.91
CA ARG A 224 -17.97 -7.67 -13.69
C ARG A 224 -16.99 -7.24 -12.61
N LEU A 225 -15.80 -7.86 -12.57
CA LEU A 225 -14.77 -7.45 -11.62
C LEU A 225 -14.28 -6.04 -11.94
N ILE A 226 -13.98 -5.78 -13.21
CA ILE A 226 -13.50 -4.47 -13.64
C ILE A 226 -14.56 -3.40 -13.36
N THR A 227 -15.84 -3.75 -13.55
CA THR A 227 -16.87 -2.72 -13.58
C THR A 227 -17.35 -2.35 -12.17
N TYR A 228 -17.81 -3.31 -11.38
CA TYR A 228 -18.43 -2.96 -10.09
C TYR A 228 -17.98 -3.77 -8.88
N LEU A 229 -17.27 -4.89 -9.04
CA LEU A 229 -16.82 -5.61 -7.85
C LEU A 229 -15.47 -5.05 -7.38
N ASP A 230 -15.13 -5.36 -6.13
CA ASP A 230 -13.85 -4.93 -5.59
C ASP A 230 -12.75 -5.88 -6.04
N GLN A 231 -11.55 -5.34 -6.21
CA GLN A 231 -10.44 -6.12 -6.74
C GLN A 231 -10.00 -7.27 -5.83
N THR A 232 -10.25 -7.18 -4.52
CA THR A 232 -9.87 -8.26 -3.62
C THR A 232 -10.70 -9.52 -3.80
N THR A 233 -11.77 -9.45 -4.61
CA THR A 233 -12.62 -10.60 -4.90
C THR A 233 -12.10 -11.42 -6.07
N GLN A 234 -11.05 -10.95 -6.72
CA GLN A 234 -10.64 -11.49 -8.02
C GLN A 234 -10.26 -12.96 -7.96
N LYS A 235 -9.35 -13.34 -7.07
CA LYS A 235 -8.85 -14.71 -7.05
C LYS A 235 -9.97 -15.70 -6.78
N SER A 236 -10.75 -15.46 -5.72
CA SER A 236 -11.77 -16.43 -5.31
C SER A 236 -12.90 -16.50 -6.32
N LEU A 237 -13.27 -15.38 -6.94
CA LEU A 237 -14.35 -15.38 -7.92
C LEU A 237 -13.99 -16.23 -9.13
N ILE A 238 -12.85 -15.93 -9.75
CA ILE A 238 -12.43 -16.67 -10.95
C ILE A 238 -12.15 -18.13 -10.60
N ALA A 239 -11.54 -18.38 -9.44
CA ALA A 239 -11.31 -19.75 -9.01
C ALA A 239 -12.62 -20.52 -8.90
N THR A 240 -13.68 -19.85 -8.43
CA THR A 240 -14.98 -20.48 -8.36
C THR A 240 -15.52 -20.82 -9.74
N VAL A 241 -15.46 -19.87 -10.66
CA VAL A 241 -15.96 -20.11 -12.02
C VAL A 241 -15.13 -21.18 -12.71
N GLU A 242 -13.80 -21.11 -12.56
CA GLU A 242 -12.95 -22.13 -13.15
C GLU A 242 -13.28 -23.52 -12.60
N LYS A 243 -13.56 -23.62 -11.30
CA LYS A 243 -13.82 -24.91 -10.69
C LYS A 243 -15.14 -25.49 -11.16
N GLN A 244 -16.21 -24.70 -11.11
CA GLN A 244 -17.55 -25.23 -11.34
C GLN A 244 -17.86 -25.45 -12.82
N LEU A 245 -17.18 -24.75 -13.72
CA LEU A 245 -17.39 -24.93 -15.14
C LEU A 245 -16.33 -25.81 -15.80
N LEU A 246 -15.16 -25.96 -15.18
CA LEU A 246 -14.08 -26.75 -15.75
C LEU A 246 -13.59 -27.85 -14.82
N GLY A 247 -13.14 -27.51 -13.61
CA GLY A 247 -12.51 -28.50 -12.75
C GLY A 247 -13.38 -29.70 -12.47
N GLU A 248 -14.66 -29.46 -12.21
CA GLU A 248 -15.61 -30.54 -11.92
C GLU A 248 -16.07 -31.29 -13.17
N HIS A 249 -15.52 -30.95 -14.34
CA HIS A 249 -15.97 -31.55 -15.60
C HIS A 249 -14.84 -31.93 -16.56
N LEU A 250 -13.57 -31.85 -16.14
CA LEU A 250 -12.44 -32.08 -17.05
C LEU A 250 -12.57 -33.41 -17.79
N THR A 251 -12.60 -34.52 -17.04
CA THR A 251 -12.67 -35.83 -17.67
C THR A 251 -13.93 -35.97 -18.51
N ALA A 252 -15.06 -35.47 -18.01
CA ALA A 252 -16.30 -35.60 -18.76
C ALA A 252 -16.25 -34.83 -20.07
N ILE A 253 -15.56 -33.69 -20.11
CA ILE A 253 -15.43 -32.96 -21.38
C ILE A 253 -14.61 -33.77 -22.37
N LEU A 254 -13.49 -34.35 -21.90
CA LEU A 254 -12.58 -35.05 -22.82
C LEU A 254 -13.22 -36.31 -23.39
N GLN A 255 -13.78 -37.17 -22.53
CA GLN A 255 -14.33 -38.42 -23.04
C GLN A 255 -15.56 -38.19 -23.90
N LYS A 256 -16.16 -37.01 -23.82
CA LYS A 256 -17.35 -36.69 -24.61
C LYS A 256 -16.99 -36.00 -25.91
N GLY A 257 -15.88 -35.28 -25.96
CA GLY A 257 -15.57 -34.46 -27.13
C GLY A 257 -14.16 -34.48 -27.67
N LEU A 258 -13.17 -34.93 -26.90
CA LEU A 258 -11.78 -34.79 -27.33
C LEU A 258 -11.49 -35.61 -28.59
N ASN A 259 -11.89 -36.88 -28.59
CA ASN A 259 -11.63 -37.75 -29.76
C ASN A 259 -12.23 -37.15 -31.03
N ASN A 260 -13.49 -36.72 -30.96
CA ASN A 260 -14.14 -36.12 -32.12
C ASN A 260 -13.43 -34.84 -32.54
N LEU A 261 -12.94 -34.05 -31.58
CA LEU A 261 -12.24 -32.83 -31.93
C LEU A 261 -10.95 -33.14 -32.67
N LEU A 262 -10.26 -34.21 -32.26
CA LEU A 262 -9.02 -34.61 -32.92
C LEU A 262 -9.29 -35.29 -34.26
N ASP A 263 -10.31 -36.15 -34.33
CA ASP A 263 -10.59 -36.85 -35.58
C ASP A 263 -11.04 -35.89 -36.67
N GLU A 264 -11.62 -34.77 -36.29
CA GLU A 264 -12.12 -33.80 -37.24
C GLU A 264 -11.21 -32.60 -37.39
N ASN A 265 -10.09 -32.59 -36.67
CA ASN A 265 -9.06 -31.59 -36.87
C ASN A 265 -9.63 -30.19 -36.64
N ARG A 266 -10.32 -30.05 -35.52
CA ARG A 266 -11.01 -28.80 -35.18
C ARG A 266 -10.04 -28.00 -34.33
N ILE A 267 -9.12 -27.33 -35.03
CA ILE A 267 -7.96 -26.68 -34.43
C ILE A 267 -8.41 -25.58 -33.47
N GLN A 268 -9.39 -24.76 -33.88
CA GLN A 268 -9.82 -23.64 -33.04
C GLN A 268 -10.37 -24.14 -31.71
N ASP A 269 -11.26 -25.13 -31.77
CA ASP A 269 -11.83 -25.71 -30.56
C ASP A 269 -10.75 -26.39 -29.72
N LEU A 270 -9.74 -26.94 -30.39
CA LEU A 270 -8.61 -27.57 -29.70
C LEU A 270 -7.72 -26.55 -29.01
N SER A 271 -7.48 -25.41 -29.67
CA SER A 271 -6.71 -24.34 -29.05
C SER A 271 -7.41 -23.81 -27.81
N LEU A 272 -8.73 -23.61 -27.91
CA LEU A 272 -9.51 -23.11 -26.78
C LEU A 272 -9.54 -24.11 -25.63
N LEU A 273 -9.71 -25.40 -25.97
CA LEU A 273 -9.70 -26.46 -24.95
C LEU A 273 -8.43 -26.39 -24.14
N TYR A 274 -7.29 -26.17 -24.81
CA TYR A 274 -6.01 -26.10 -24.11
C TYR A 274 -5.91 -24.85 -23.25
N GLN A 275 -6.41 -23.71 -23.76
CA GLN A 275 -6.39 -22.48 -22.97
C GLN A 275 -7.25 -22.63 -21.72
N LEU A 276 -8.44 -23.20 -21.86
CA LEU A 276 -9.33 -23.34 -20.72
C LEU A 276 -8.78 -24.36 -19.72
N PHE A 277 -8.23 -25.47 -20.21
CA PHE A 277 -7.69 -26.47 -19.31
C PHE A 277 -6.43 -25.98 -18.61
N SER A 278 -5.68 -25.07 -19.23
CA SER A 278 -4.49 -24.51 -18.57
C SER A 278 -4.83 -23.77 -17.29
N ARG A 279 -6.08 -23.34 -17.13
CA ARG A 279 -6.47 -22.55 -15.97
C ARG A 279 -6.66 -23.41 -14.73
N VAL A 280 -6.77 -24.72 -14.88
CA VAL A 280 -7.25 -25.60 -13.82
C VAL A 280 -6.17 -26.59 -13.42
N ARG A 281 -6.11 -26.87 -12.12
CA ARG A 281 -5.18 -27.87 -11.62
C ARG A 281 -5.53 -29.24 -12.19
N GLY A 282 -4.55 -29.89 -12.82
CA GLY A 282 -4.75 -31.18 -13.43
C GLY A 282 -5.31 -31.16 -14.83
N GLY A 283 -5.54 -29.98 -15.41
CA GLY A 283 -6.19 -29.88 -16.70
C GLY A 283 -5.31 -30.32 -17.85
N VAL A 284 -4.13 -29.71 -17.98
CA VAL A 284 -3.18 -30.16 -18.99
C VAL A 284 -2.82 -31.62 -18.75
N GLN A 285 -2.88 -32.05 -17.49
CA GLN A 285 -2.54 -33.43 -17.14
C GLN A 285 -3.55 -34.42 -17.69
N VAL A 286 -4.83 -34.22 -17.37
CA VAL A 286 -5.85 -35.15 -17.85
C VAL A 286 -5.91 -35.15 -19.37
N LEU A 287 -5.68 -33.99 -19.99
CA LEU A 287 -5.64 -33.91 -21.44
C LEU A 287 -4.47 -34.72 -22.00
N LEU A 288 -3.30 -34.60 -21.38
CA LEU A 288 -2.13 -35.33 -21.85
C LEU A 288 -2.34 -36.84 -21.76
N GLN A 289 -2.99 -37.30 -20.70
CA GLN A 289 -3.27 -38.73 -20.55
C GLN A 289 -4.19 -39.23 -21.67
N GLN A 290 -5.24 -38.46 -22.00
CA GLN A 290 -6.17 -38.85 -23.07
C GLN A 290 -5.59 -38.64 -24.46
N TRP A 291 -4.61 -37.73 -24.58
CA TRP A 291 -3.84 -37.62 -25.81
C TRP A 291 -3.07 -38.92 -26.09
N ILE A 292 -2.50 -39.52 -25.05
CA ILE A 292 -1.84 -40.82 -25.17
C ILE A 292 -2.83 -41.89 -25.61
N GLU A 293 -3.98 -41.96 -24.93
CA GLU A 293 -4.98 -42.98 -25.27
C GLU A 293 -5.47 -42.83 -26.70
N TYR A 294 -5.51 -41.60 -27.20
CA TYR A 294 -5.95 -41.36 -28.57
C TYR A 294 -4.94 -41.89 -29.57
N ILE A 295 -3.65 -41.72 -29.26
CA ILE A 295 -2.60 -42.18 -30.16
C ILE A 295 -2.49 -43.70 -30.10
N LYS A 296 -2.53 -44.28 -28.88
CA LYS A 296 -2.57 -45.73 -28.77
C LYS A 296 -3.78 -46.29 -29.51
N ALA A 297 -4.92 -45.59 -29.46
CA ALA A 297 -6.08 -45.99 -30.23
C ALA A 297 -5.79 -45.94 -31.73
N PHE A 298 -5.17 -44.84 -32.19
CA PHE A 298 -4.85 -44.72 -33.62
C PHE A 298 -3.95 -45.84 -34.09
N GLY A 299 -2.95 -46.19 -33.28
CA GLY A 299 -2.06 -47.27 -33.66
C GLY A 299 -2.82 -48.58 -33.78
N SER A 300 -3.76 -48.82 -32.86
CA SER A 300 -4.46 -50.09 -32.85
C SER A 300 -5.48 -50.25 -33.97
N THR A 301 -5.91 -49.17 -34.63
CA THR A 301 -6.85 -49.34 -35.74
C THR A 301 -6.19 -49.31 -37.10
N ILE A 302 -4.93 -48.88 -37.19
CA ILE A 302 -4.25 -48.86 -38.49
C ILE A 302 -3.57 -50.19 -38.78
N VAL A 303 -3.28 -50.99 -37.76
CA VAL A 303 -2.86 -52.38 -37.93
C VAL A 303 -4.02 -53.36 -38.04
N ILE A 304 -5.25 -52.95 -37.72
CA ILE A 304 -6.41 -53.82 -37.87
C ILE A 304 -7.02 -53.70 -39.26
N ASN A 305 -7.13 -52.52 -39.76
CA ASN A 305 -7.77 -52.20 -41.03
C ASN A 305 -6.76 -52.27 -42.17
N PRO A 306 -7.09 -52.93 -43.27
CA PRO A 306 -6.17 -52.99 -44.41
C PRO A 306 -6.09 -51.69 -45.16
N GLU A 307 -7.09 -50.81 -44.98
CA GLU A 307 -7.12 -49.45 -45.50
C GLU A 307 -6.52 -49.33 -46.89
N LYS A 308 -7.36 -49.26 -47.90
CA LYS A 308 -6.92 -49.38 -49.28
C LYS A 308 -6.91 -48.04 -49.99
N ASP A 309 -7.24 -46.96 -49.29
CA ASP A 309 -7.21 -45.65 -49.93
C ASP A 309 -5.77 -45.22 -50.18
N LYS A 310 -4.97 -45.07 -49.13
CA LYS A 310 -3.55 -44.80 -49.29
C LYS A 310 -2.74 -45.95 -48.70
N THR A 311 -1.43 -45.89 -48.92
CA THR A 311 -0.52 -46.85 -48.31
C THR A 311 -0.36 -46.53 -46.83
N MET A 312 0.05 -47.54 -46.06
CA MET A 312 0.11 -47.35 -44.61
C MET A 312 1.15 -46.31 -44.25
N ARG A 313 2.26 -46.29 -44.98
CA ARG A 313 3.25 -45.24 -44.77
C ARG A 313 2.67 -43.87 -45.09
N GLN A 314 1.81 -43.80 -46.11
CA GLN A 314 1.14 -42.55 -46.45
C GLN A 314 0.18 -42.13 -45.34
N GLU A 315 -0.66 -43.07 -44.90
CA GLU A 315 -1.59 -42.81 -43.80
C GLU A 315 -0.86 -42.50 -42.50
N LEU A 316 0.26 -43.18 -42.24
CA LEU A 316 1.05 -42.88 -41.05
C LEU A 316 1.78 -41.54 -41.16
N ASP A 317 2.01 -41.03 -42.37
CA ASP A 317 2.72 -39.77 -42.49
C ASP A 317 1.75 -38.59 -42.44
N ASP A 318 0.53 -38.78 -42.94
CA ASP A 318 -0.50 -37.76 -42.79
C ASP A 318 -0.88 -37.59 -41.32
N PHE A 319 -0.98 -38.69 -40.57
CA PHE A 319 -1.30 -38.58 -39.16
C PHE A 319 -0.23 -37.78 -38.42
N LYS A 320 1.04 -38.00 -38.75
CA LYS A 320 2.12 -37.28 -38.07
C LYS A 320 2.07 -35.79 -38.39
N ASP A 321 1.77 -35.42 -39.64
CA ASP A 321 1.62 -34.00 -39.97
C ASP A 321 0.46 -33.37 -39.22
N LYS A 322 -0.71 -34.01 -39.30
CA LYS A 322 -1.90 -33.53 -38.60
C LYS A 322 -1.65 -33.35 -37.13
N VAL A 323 -1.05 -34.36 -36.50
CA VAL A 323 -0.85 -34.32 -35.05
C VAL A 323 0.25 -33.35 -34.66
N ASP A 324 1.32 -33.26 -35.47
CA ASP A 324 2.36 -32.27 -35.18
C ASP A 324 1.77 -30.87 -35.21
N HIS A 325 0.89 -30.62 -36.17
CA HIS A 325 0.27 -29.31 -36.31
C HIS A 325 -0.57 -28.96 -35.10
N ILE A 326 -1.32 -29.93 -34.58
CA ILE A 326 -2.17 -29.68 -33.41
C ILE A 326 -1.31 -29.37 -32.19
N ILE A 327 -0.20 -30.10 -32.03
CA ILE A 327 0.75 -29.80 -30.97
C ILE A 327 1.32 -28.40 -31.16
N ASP A 328 1.57 -28.01 -32.41
CA ASP A 328 2.25 -26.76 -32.70
C ASP A 328 1.40 -25.55 -32.34
N ILE A 329 0.13 -25.59 -32.70
CA ILE A 329 -0.76 -24.43 -32.56
C ILE A 329 -1.69 -24.57 -31.37
N CYS A 330 -2.38 -25.71 -31.25
CA CYS A 330 -3.37 -25.86 -30.19
C CYS A 330 -2.69 -26.02 -28.83
N PHE A 331 -1.61 -26.78 -28.76
CA PHE A 331 -0.94 -27.07 -27.51
C PHE A 331 0.35 -26.27 -27.34
N LEU A 332 0.60 -25.32 -28.24
CA LEU A 332 1.66 -24.31 -28.07
C LEU A 332 3.04 -24.95 -27.97
N LYS A 333 3.32 -25.86 -28.91
CA LYS A 333 4.64 -26.47 -29.03
C LYS A 333 5.07 -27.19 -27.76
N ASN A 334 4.11 -27.62 -26.94
CA ASN A 334 4.42 -28.16 -25.61
C ASN A 334 5.18 -29.48 -25.76
N GLU A 335 6.45 -29.47 -25.32
CA GLU A 335 7.32 -30.65 -25.40
C GLU A 335 6.68 -31.88 -24.77
N LYS A 336 6.06 -31.73 -23.59
CA LYS A 336 5.47 -32.88 -22.90
C LYS A 336 4.54 -33.66 -23.80
N PHE A 337 3.89 -32.98 -24.76
CA PHE A 337 3.00 -33.65 -25.70
C PHE A 337 3.75 -34.35 -26.84
N ILE A 338 4.92 -33.83 -27.22
CA ILE A 338 5.72 -34.51 -28.25
C ILE A 338 6.31 -35.81 -27.68
N ASN A 339 6.85 -35.74 -26.46
CA ASN A 339 7.41 -36.93 -25.82
C ASN A 339 6.33 -37.98 -25.60
N ALA A 340 5.13 -37.57 -25.22
CA ALA A 340 4.06 -38.54 -24.97
C ALA A 340 3.68 -39.27 -26.26
N MET A 341 3.73 -38.58 -27.40
CA MET A 341 3.44 -39.22 -28.67
C MET A 341 4.54 -40.21 -29.06
N LYS A 342 5.81 -39.84 -28.82
CA LYS A 342 6.91 -40.76 -29.08
C LYS A 342 6.80 -42.00 -28.19
N GLU A 343 6.63 -41.79 -26.89
CA GLU A 343 6.50 -42.90 -25.96
C GLU A 343 5.32 -43.79 -26.31
N ALA A 344 4.23 -43.20 -26.83
CA ALA A 344 3.04 -43.99 -27.16
C ALA A 344 3.30 -44.92 -28.33
N PHE A 345 3.88 -44.40 -29.43
CA PHE A 345 4.14 -45.24 -30.59
C PHE A 345 5.18 -46.29 -30.28
N GLU A 346 6.18 -45.95 -29.46
CA GLU A 346 7.24 -46.90 -29.15
C GLU A 346 6.79 -47.94 -28.13
N THR A 347 5.86 -47.58 -27.25
CA THR A 347 5.26 -48.57 -26.36
C THR A 347 4.26 -49.44 -27.12
N PHE A 348 3.52 -48.84 -28.06
CA PHE A 348 2.51 -49.60 -28.78
C PHE A 348 3.13 -50.70 -29.63
N ILE A 349 4.30 -50.42 -30.23
CA ILE A 349 4.91 -51.41 -31.11
C ILE A 349 5.51 -52.55 -30.31
N ASN A 350 5.69 -52.37 -29.00
CA ASN A 350 6.15 -53.47 -28.16
C ASN A 350 5.00 -54.38 -27.72
N LYS A 351 3.75 -53.91 -27.80
CA LYS A 351 2.58 -54.75 -27.59
C LYS A 351 2.35 -55.73 -28.74
N ARG A 352 3.12 -55.59 -29.82
CA ARG A 352 2.89 -56.34 -31.04
C ARG A 352 2.89 -57.85 -30.74
N PRO A 353 2.02 -58.62 -31.39
CA PRO A 353 1.96 -60.06 -31.12
C PRO A 353 3.26 -60.75 -31.52
N ASN A 354 3.52 -61.87 -30.86
CA ASN A 354 4.70 -62.68 -31.18
C ASN A 354 4.33 -63.81 -32.12
N ASP B 11 6.98 -42.08 -7.42
CA ASP B 11 7.13 -42.52 -6.03
C ASP B 11 8.60 -42.58 -5.63
N GLU B 12 9.49 -42.90 -6.58
CA GLU B 12 10.90 -42.68 -6.30
C GLU B 12 11.23 -41.20 -6.41
N THR B 13 10.49 -40.48 -7.26
CA THR B 13 10.68 -39.04 -7.42
C THR B 13 10.37 -38.31 -6.13
N TRP B 14 9.21 -38.59 -5.52
CA TRP B 14 8.85 -37.91 -4.29
C TRP B 14 9.81 -38.23 -3.15
N GLN B 15 10.35 -39.46 -3.11
CA GLN B 15 11.24 -39.81 -2.01
C GLN B 15 12.54 -39.00 -2.08
N LYS B 16 12.96 -38.61 -3.29
CA LYS B 16 14.10 -37.73 -3.46
C LYS B 16 13.86 -36.40 -2.75
N LEU B 17 12.70 -35.79 -2.99
CA LEU B 17 12.37 -34.51 -2.39
C LEU B 17 12.16 -34.65 -0.89
N LYS B 18 11.51 -35.74 -0.46
CA LYS B 18 11.30 -35.95 0.97
C LYS B 18 12.62 -35.97 1.74
N GLU B 19 13.65 -36.56 1.14
CA GLU B 19 14.95 -36.57 1.80
C GLU B 19 15.62 -35.20 1.69
N ALA B 20 15.45 -34.52 0.57
CA ALA B 20 16.04 -33.18 0.41
C ALA B 20 15.47 -32.22 1.44
N VAL B 21 14.14 -32.24 1.63
CA VAL B 21 13.52 -31.41 2.65
C VAL B 21 14.03 -31.80 4.03
N GLU B 22 14.08 -33.09 4.31
CA GLU B 22 14.56 -33.57 5.61
C GLU B 22 16.00 -33.16 5.87
N ALA B 23 16.83 -33.16 4.82
CA ALA B 23 18.20 -32.67 4.96
C ALA B 23 18.22 -31.19 5.31
N ILE B 24 17.36 -30.41 4.65
CA ILE B 24 17.27 -28.97 4.93
C ILE B 24 16.82 -28.74 6.38
N GLN B 25 15.86 -29.54 6.84
CA GLN B 25 15.34 -29.35 8.20
C GLN B 25 16.36 -29.77 9.25
N ASN B 26 17.10 -30.85 8.99
CA ASN B 26 18.09 -31.35 9.93
C ASN B 26 19.48 -30.76 9.69
N SER B 27 19.62 -29.83 8.75
CA SER B 27 20.87 -29.12 8.49
C SER B 27 21.99 -30.06 8.03
N THR B 28 21.63 -31.11 7.30
CA THR B 28 22.61 -32.07 6.82
C THR B 28 22.95 -31.80 5.36
N SER B 29 23.16 -32.88 4.59
CA SER B 29 23.62 -32.78 3.22
C SER B 29 22.51 -33.22 2.26
N ILE B 30 22.39 -32.50 1.16
CA ILE B 30 21.46 -32.85 0.09
C ILE B 30 22.19 -33.80 -0.85
N LYS B 31 21.79 -35.07 -0.84
CA LYS B 31 22.54 -36.13 -1.53
C LYS B 31 22.18 -36.22 -3.01
N TYR B 32 21.74 -35.12 -3.62
CA TYR B 32 21.41 -35.11 -5.03
C TYR B 32 21.86 -33.79 -5.64
N ASN B 33 22.16 -33.79 -6.93
CA ASN B 33 22.35 -32.52 -7.61
C ASN B 33 20.99 -31.87 -7.88
N LEU B 34 21.00 -30.53 -7.85
CA LEU B 34 19.75 -29.77 -7.80
C LEU B 34 18.90 -29.96 -9.07
N GLU B 35 19.56 -30.07 -10.23
CA GLU B 35 18.82 -30.25 -11.48
C GLU B 35 17.92 -31.49 -11.39
N GLU B 36 18.41 -32.53 -10.72
CA GLU B 36 17.59 -33.71 -10.46
C GLU B 36 16.40 -33.35 -9.57
N LEU B 37 16.61 -32.48 -8.60
CA LEU B 37 15.56 -32.12 -7.66
C LEU B 37 14.52 -31.22 -8.31
N TYR B 38 14.97 -30.20 -9.05
CA TYR B 38 14.04 -29.33 -9.76
C TYR B 38 13.21 -30.11 -10.77
N GLN B 39 13.84 -31.08 -11.45
CA GLN B 39 13.09 -31.92 -12.36
C GLN B 39 12.02 -32.71 -11.62
N ALA B 40 12.35 -33.22 -10.44
CA ALA B 40 11.39 -33.99 -9.66
C ALA B 40 10.11 -33.21 -9.41
N VAL B 41 10.24 -31.93 -9.07
CA VAL B 41 9.06 -31.10 -8.79
C VAL B 41 8.19 -30.93 -10.03
N GLU B 42 8.81 -30.68 -11.19
CA GLU B 42 8.00 -30.38 -12.39
C GLU B 42 7.14 -31.56 -12.81
N ASN B 43 7.67 -32.79 -12.73
CA ASN B 43 6.91 -33.96 -13.18
C ASN B 43 5.76 -34.27 -12.24
N LEU B 44 5.99 -34.19 -10.92
CA LEU B 44 4.92 -34.51 -9.99
C LEU B 44 3.73 -33.57 -10.18
N CYS B 45 3.97 -32.39 -10.73
CA CYS B 45 2.93 -31.49 -11.20
C CYS B 45 2.53 -31.78 -12.63
N SER B 46 3.36 -32.55 -13.35
CA SER B 46 3.18 -32.78 -14.79
C SER B 46 2.67 -34.17 -15.15
N TYR B 47 2.52 -35.09 -14.18
CA TYR B 47 1.87 -36.38 -14.47
C TYR B 47 0.81 -36.79 -13.45
N LYS B 48 0.83 -36.24 -12.24
CA LYS B 48 -0.15 -36.43 -11.18
C LYS B 48 -0.85 -35.09 -10.96
N ILE B 49 -1.70 -35.01 -9.94
CA ILE B 49 -2.35 -33.77 -9.55
C ILE B 49 -1.44 -33.05 -8.57
N SER B 50 -1.39 -31.72 -8.68
CA SER B 50 -0.48 -30.93 -7.84
C SER B 50 -0.96 -30.82 -6.38
N ALA B 51 -2.28 -30.84 -6.13
CA ALA B 51 -2.80 -30.88 -4.76
C ALA B 51 -2.11 -31.97 -3.97
N ASN B 52 -1.91 -33.12 -4.61
CA ASN B 52 -1.12 -34.20 -4.06
C ASN B 52 0.18 -33.69 -3.45
N LEU B 53 0.98 -33.00 -4.26
CA LEU B 53 2.33 -32.61 -3.84
C LEU B 53 2.32 -31.47 -2.84
N TYR B 54 1.38 -30.54 -2.94
CA TYR B 54 1.34 -29.46 -1.95
C TYR B 54 1.02 -30.03 -0.57
N LYS B 55 0.03 -30.93 -0.49
CA LYS B 55 -0.35 -31.51 0.79
C LYS B 55 0.73 -32.42 1.35
N GLN B 56 1.48 -33.11 0.49
CA GLN B 56 2.56 -33.97 0.97
C GLN B 56 3.67 -33.13 1.59
N LEU B 57 4.05 -32.05 0.92
CA LEU B 57 5.06 -31.15 1.48
C LEU B 57 4.53 -30.47 2.74
N ARG B 58 3.27 -30.06 2.74
CA ARG B 58 2.65 -29.53 3.96
C ARG B 58 2.77 -30.53 5.11
N GLN B 59 2.60 -31.82 4.83
CA GLN B 59 2.67 -32.82 5.90
C GLN B 59 4.08 -32.91 6.49
N ILE B 60 5.09 -33.04 5.63
CA ILE B 60 6.46 -33.18 6.13
C ILE B 60 6.97 -31.89 6.76
N CYS B 61 6.41 -30.74 6.38
CA CYS B 61 6.72 -29.53 7.12
C CYS B 61 6.00 -29.48 8.47
N GLU B 62 4.75 -29.92 8.50
CA GLU B 62 4.00 -29.90 9.75
C GLU B 62 4.61 -30.86 10.77
N ASP B 63 5.02 -32.05 10.33
CA ASP B 63 5.63 -33.03 11.22
C ASP B 63 6.87 -32.45 11.90
N HIS B 64 7.78 -31.87 11.11
CA HIS B 64 9.01 -31.33 11.66
C HIS B 64 8.74 -30.18 12.62
N ILE B 65 7.81 -29.30 12.27
CA ILE B 65 7.54 -28.12 13.09
C ILE B 65 6.79 -28.50 14.36
N LYS B 66 5.86 -29.46 14.28
CA LYS B 66 5.20 -29.95 15.49
C LYS B 66 6.20 -30.51 16.48
N ALA B 67 7.34 -30.98 15.99
CA ALA B 67 8.37 -31.57 16.83
C ALA B 67 9.26 -30.54 17.51
N GLN B 68 9.16 -29.27 17.11
CA GLN B 68 10.02 -28.25 17.67
C GLN B 68 9.48 -27.66 18.96
N ILE B 69 8.26 -28.01 19.37
CA ILE B 69 7.65 -27.42 20.56
C ILE B 69 8.25 -27.97 21.85
N HIS B 70 8.76 -29.20 21.81
CA HIS B 70 9.17 -29.88 23.04
C HIS B 70 10.36 -29.22 23.68
N GLN B 71 11.21 -28.59 22.87
CA GLN B 71 12.40 -27.93 23.37
C GLN B 71 12.10 -26.80 24.32
N PHE B 72 10.90 -26.21 24.25
CA PHE B 72 10.49 -25.07 25.06
C PHE B 72 9.73 -25.46 26.33
N ARG B 73 9.87 -26.70 26.82
CA ARG B 73 9.07 -27.15 27.95
C ARG B 73 9.80 -27.14 29.28
N GLU B 74 11.08 -26.75 29.30
CA GLU B 74 11.76 -26.57 30.57
C GLU B 74 11.19 -25.33 31.22
N ASP B 75 10.13 -25.46 32.02
CA ASP B 75 9.41 -24.27 32.47
C ASP B 75 10.15 -23.44 33.56
N SER B 76 11.47 -23.64 33.73
CA SER B 76 12.30 -22.78 34.58
C SER B 76 13.68 -22.61 33.93
N LEU B 77 13.93 -21.43 33.37
CA LEU B 77 15.18 -21.05 32.73
C LEU B 77 15.12 -19.56 32.43
N ASP B 78 16.29 -18.92 32.41
CA ASP B 78 16.38 -17.47 32.23
C ASP B 78 15.56 -17.00 31.04
N SER B 79 14.85 -15.89 31.23
CA SER B 79 13.94 -15.36 30.23
C SER B 79 14.69 -14.98 28.95
N VAL B 80 15.83 -14.30 29.10
CA VAL B 80 16.61 -13.91 27.92
C VAL B 80 17.04 -15.14 27.13
N LEU B 81 17.50 -16.18 27.81
CA LEU B 81 17.86 -17.41 27.10
C LEU B 81 16.65 -18.04 26.41
N PHE B 82 15.48 -17.96 27.04
CA PHE B 82 14.27 -18.45 26.38
C PHE B 82 13.99 -17.64 25.12
N LEU B 83 14.12 -16.31 25.21
CA LEU B 83 13.91 -15.49 24.02
C LEU B 83 14.94 -15.79 22.94
N LYS B 84 16.20 -16.02 23.33
CA LYS B 84 17.20 -16.36 22.32
C LYS B 84 16.92 -17.71 21.70
N LYS B 85 16.27 -18.56 22.45
CA LYS B 85 15.92 -19.83 21.88
C LYS B 85 14.78 -19.73 20.86
N ILE B 86 13.77 -18.91 21.18
CA ILE B 86 12.70 -18.63 20.22
C ILE B 86 13.29 -17.99 18.96
N ASP B 87 14.23 -17.06 19.12
CA ASP B 87 14.79 -16.38 17.96
C ASP B 87 15.49 -17.36 17.02
N ARG B 88 16.40 -18.20 17.56
CA ARG B 88 17.10 -19.18 16.72
C ARG B 88 16.13 -20.17 16.07
N CYS B 89 15.14 -20.66 16.82
CA CYS B 89 14.13 -21.50 16.20
C CYS B 89 13.48 -20.78 15.03
N TRP B 90 13.24 -19.47 15.19
CA TRP B 90 12.66 -18.67 14.13
C TRP B 90 13.64 -18.47 12.98
N GLN B 91 14.89 -18.12 13.30
CA GLN B 91 15.90 -17.96 12.26
C GLN B 91 16.08 -19.24 11.45
N ASN B 92 15.99 -20.40 12.12
CA ASN B 92 16.08 -21.67 11.41
C ASN B 92 14.86 -21.95 10.55
N HIS B 93 13.66 -21.65 11.06
CA HIS B 93 12.44 -21.91 10.30
C HIS B 93 12.46 -21.14 8.98
N CYS B 94 12.81 -19.85 9.03
CA CYS B 94 12.86 -19.04 7.82
C CYS B 94 13.88 -19.59 6.83
N ARG B 95 15.10 -19.84 7.30
CA ARG B 95 16.15 -20.36 6.44
C ARG B 95 15.73 -21.67 5.78
N GLN B 96 15.14 -22.57 6.56
CA GLN B 96 14.67 -23.84 5.99
C GLN B 96 13.59 -23.58 4.94
N MET B 97 12.58 -22.79 5.29
CA MET B 97 11.46 -22.59 4.38
C MET B 97 11.88 -21.87 3.10
N ILE B 98 12.81 -20.92 3.19
CA ILE B 98 13.26 -20.21 1.99
C ILE B 98 13.92 -21.16 1.01
N MET B 99 14.78 -22.06 1.50
CA MET B 99 15.42 -23.03 0.61
C MET B 99 14.41 -24.03 0.07
N ILE B 100 13.55 -24.55 0.93
CA ILE B 100 12.45 -25.38 0.47
C ILE B 100 11.65 -24.66 -0.59
N ARG B 101 11.43 -23.35 -0.40
CA ARG B 101 10.70 -22.58 -1.40
C ARG B 101 11.47 -22.51 -2.71
N SER B 102 12.82 -22.45 -2.63
CA SER B 102 13.63 -22.39 -3.84
C SER B 102 13.49 -23.67 -4.66
N ILE B 103 13.58 -24.83 -4.00
CA ILE B 103 13.49 -26.10 -4.71
C ILE B 103 12.11 -26.28 -5.35
N PHE B 104 11.05 -25.91 -4.64
CA PHE B 104 9.69 -26.10 -5.12
C PHE B 104 9.14 -24.87 -5.84
N LEU B 105 10.01 -24.07 -6.46
CA LEU B 105 9.57 -22.81 -7.05
C LEU B 105 8.61 -23.02 -8.22
N PHE B 106 8.83 -24.05 -9.05
CA PHE B 106 7.88 -24.35 -10.12
C PHE B 106 6.49 -24.57 -9.56
N LEU B 107 6.41 -25.22 -8.40
CA LEU B 107 5.12 -25.43 -7.73
C LEU B 107 4.46 -24.11 -7.34
N ASP B 108 5.21 -23.23 -6.70
CA ASP B 108 4.64 -22.06 -6.06
C ASP B 108 4.13 -21.05 -7.09
N ARG B 109 4.78 -20.98 -8.26
CA ARG B 109 4.33 -20.06 -9.30
C ARG B 109 3.23 -20.67 -10.17
N THR B 110 3.18 -22.00 -10.25
CA THR B 110 2.14 -22.69 -10.99
C THR B 110 0.78 -22.47 -10.34
N TYR B 111 0.75 -22.51 -9.00
CA TYR B 111 -0.48 -22.28 -8.26
C TYR B 111 -0.98 -20.85 -8.39
N VAL B 112 -0.09 -19.91 -8.73
CA VAL B 112 -0.54 -18.57 -9.08
C VAL B 112 -1.20 -18.61 -10.45
N LEU B 113 -0.63 -19.42 -11.37
CA LEU B 113 -1.21 -19.61 -12.70
C LEU B 113 -2.54 -20.34 -12.64
N GLN B 114 -2.66 -21.33 -11.76
CA GLN B 114 -3.88 -22.12 -11.63
C GLN B 114 -4.89 -21.48 -10.69
N ASN B 115 -4.58 -20.29 -10.20
CA ASN B 115 -5.47 -19.48 -9.36
C ASN B 115 -5.99 -20.25 -8.15
N SER B 116 -5.08 -20.93 -7.45
CA SER B 116 -5.49 -21.66 -6.26
C SER B 116 -5.62 -20.71 -5.08
N MET B 117 -6.49 -21.08 -4.15
CA MET B 117 -6.63 -20.36 -2.89
C MET B 117 -5.66 -20.85 -1.83
N LEU B 118 -4.92 -21.91 -2.12
CA LEU B 118 -4.00 -22.44 -1.13
C LEU B 118 -2.84 -21.46 -0.95
N PRO B 119 -2.40 -21.23 0.29
CA PRO B 119 -1.35 -20.23 0.51
C PRO B 119 -0.04 -20.60 -0.15
N SER B 120 0.80 -19.58 -0.36
CA SER B 120 2.13 -19.80 -0.88
C SER B 120 2.93 -20.69 0.07
N ILE B 121 3.99 -21.30 -0.46
CA ILE B 121 4.83 -22.17 0.36
C ILE B 121 5.38 -21.42 1.55
N TRP B 122 5.78 -20.16 1.34
CA TRP B 122 6.29 -19.35 2.44
C TRP B 122 5.20 -19.10 3.49
N ASP B 123 4.02 -18.66 3.05
CA ASP B 123 2.94 -18.41 3.99
C ASP B 123 2.49 -19.69 4.68
N MET B 124 2.44 -20.81 3.92
CA MET B 124 2.08 -22.09 4.51
C MET B 124 3.01 -22.45 5.66
N GLY B 125 4.30 -22.18 5.50
CA GLY B 125 5.23 -22.39 6.61
C GLY B 125 4.95 -21.47 7.77
N LEU B 126 4.59 -20.22 7.49
CA LEU B 126 4.27 -19.25 8.54
C LEU B 126 3.06 -19.69 9.36
N GLU B 127 2.00 -20.16 8.70
CA GLU B 127 0.83 -20.64 9.44
C GLU B 127 1.20 -21.80 10.35
N LEU B 128 1.95 -22.77 9.82
CA LEU B 128 2.37 -23.91 10.64
C LEU B 128 3.21 -23.45 11.82
N PHE B 129 4.14 -22.52 11.57
CA PHE B 129 4.99 -22.02 12.65
C PHE B 129 4.17 -21.27 13.70
N ARG B 130 3.21 -20.47 13.26
CA ARG B 130 2.32 -19.79 14.20
C ARG B 130 1.54 -20.80 15.04
N ALA B 131 0.88 -21.76 14.38
CA ALA B 131 -0.04 -22.67 15.06
C ALA B 131 0.67 -23.57 16.05
N HIS B 132 1.76 -24.21 15.65
CA HIS B 132 2.33 -25.28 16.45
C HIS B 132 3.40 -24.80 17.41
N ILE B 133 3.91 -23.58 17.24
CA ILE B 133 4.95 -23.06 18.12
C ILE B 133 4.46 -21.82 18.86
N ILE B 134 4.27 -20.72 18.13
CA ILE B 134 4.05 -19.42 18.77
C ILE B 134 2.63 -19.32 19.33
N SER B 135 1.65 -20.01 18.73
CA SER B 135 0.29 -19.96 19.25
C SER B 135 0.19 -20.58 20.65
N ASP B 136 1.08 -21.53 20.97
CA ASP B 136 1.08 -22.19 22.27
C ASP B 136 1.02 -21.18 23.41
N GLN B 137 0.02 -21.34 24.27
CA GLN B 137 -0.26 -20.32 25.28
C GLN B 137 0.93 -20.10 26.20
N LYS B 138 1.54 -21.19 26.70
CA LYS B 138 2.69 -21.02 27.57
C LYS B 138 3.87 -20.43 26.81
N VAL B 139 4.09 -20.88 25.57
CA VAL B 139 5.22 -20.39 24.78
C VAL B 139 5.03 -18.91 24.45
N GLN B 140 3.83 -18.53 23.98
CA GLN B 140 3.56 -17.13 23.69
C GLN B 140 3.64 -16.26 24.93
N ASN B 141 3.14 -16.75 26.07
CA ASN B 141 3.17 -15.93 27.26
C ASN B 141 4.60 -15.68 27.73
N LYS B 142 5.45 -16.70 27.67
CA LYS B 142 6.82 -16.48 28.10
C LYS B 142 7.60 -15.62 27.11
N THR B 143 7.22 -15.66 25.84
CA THR B 143 7.86 -14.79 24.86
C THR B 143 7.49 -13.33 25.10
N ILE B 144 6.19 -13.03 25.21
CA ILE B 144 5.76 -11.64 25.38
C ILE B 144 6.23 -11.10 26.72
N ASP B 145 6.13 -11.92 27.77
CA ASP B 145 6.60 -11.48 29.08
C ASP B 145 8.05 -11.04 29.02
N GLY B 146 8.90 -11.83 28.37
CA GLY B 146 10.31 -11.48 28.26
C GLY B 146 10.53 -10.26 27.39
N ILE B 147 9.82 -10.17 26.27
CA ILE B 147 9.90 -9.00 25.40
C ILE B 147 9.53 -7.74 26.17
N LEU B 148 8.41 -7.78 26.90
CA LEU B 148 8.02 -6.65 27.73
C LEU B 148 9.03 -6.40 28.85
N LEU B 149 9.56 -7.48 29.43
CA LEU B 149 10.51 -7.31 30.52
C LEU B 149 11.80 -6.68 30.02
N LEU B 150 12.17 -6.97 28.77
CA LEU B 150 13.35 -6.34 28.18
C LEU B 150 13.13 -4.84 28.03
N ILE B 151 11.96 -4.44 27.52
CA ILE B 151 11.63 -3.02 27.38
C ILE B 151 11.55 -2.34 28.74
N GLU B 152 10.98 -3.03 29.74
CA GLU B 152 10.88 -2.45 31.07
C GLU B 152 12.25 -2.15 31.64
N ARG B 153 13.22 -3.05 31.39
CA ARG B 153 14.60 -2.85 31.86
C ARG B 153 15.24 -1.63 31.20
N GLU B 154 15.05 -1.48 29.89
CA GLU B 154 15.67 -0.36 29.17
C GLU B 154 15.18 0.96 29.72
N ARG B 155 13.87 1.06 29.98
CA ARG B 155 13.32 2.29 30.56
C ARG B 155 13.86 2.58 31.95
N ASN B 156 14.25 1.53 32.69
CA ASN B 156 14.84 1.72 34.01
C ASN B 156 16.34 1.98 33.95
N GLY B 157 16.92 2.06 32.75
CA GLY B 157 18.32 2.41 32.59
C GLY B 157 19.24 1.27 32.26
N GLU B 158 18.76 0.04 32.24
CA GLU B 158 19.62 -1.10 31.99
C GLU B 158 19.86 -1.26 30.49
N ALA B 159 21.01 -1.87 30.16
CA ALA B 159 21.35 -2.16 28.78
C ALA B 159 20.79 -3.52 28.38
N ILE B 160 20.16 -3.59 27.21
CA ILE B 160 19.55 -4.80 26.69
C ILE B 160 19.94 -4.94 25.22
N ASP B 161 19.66 -6.11 24.66
CA ASP B 161 19.94 -6.38 23.25
C ASP B 161 18.77 -5.89 22.40
N ARG B 162 18.95 -4.72 21.79
CA ARG B 162 17.92 -4.20 20.90
C ARG B 162 17.79 -5.03 19.63
N SER B 163 18.92 -5.57 19.14
CA SER B 163 18.87 -6.41 17.94
C SER B 163 17.97 -7.61 18.16
N LEU B 164 18.06 -8.23 19.34
CA LEU B 164 17.18 -9.33 19.70
C LEU B 164 15.72 -8.88 19.71
N LEU B 165 15.43 -7.76 20.38
CA LEU B 165 14.06 -7.27 20.48
C LEU B 165 13.47 -7.01 19.09
N ARG B 166 14.26 -6.42 18.20
CA ARG B 166 13.79 -6.18 16.85
C ARG B 166 13.50 -7.49 16.12
N SER B 167 14.35 -8.49 16.29
CA SER B 167 14.15 -9.75 15.58
C SER B 167 12.88 -10.46 16.03
N LEU B 168 12.61 -10.49 17.34
CA LEU B 168 11.42 -11.16 17.85
C LEU B 168 10.15 -10.40 17.46
N LEU B 169 10.15 -9.07 17.61
CA LEU B 169 8.98 -8.28 17.24
C LEU B 169 8.74 -8.32 15.74
N SER B 170 9.81 -8.26 14.94
CA SER B 170 9.65 -8.42 13.51
C SER B 170 9.03 -9.78 13.19
N MET B 171 9.40 -10.82 13.94
CA MET B 171 8.77 -12.12 13.77
C MET B 171 7.27 -12.04 14.04
N LEU B 172 6.90 -11.46 15.19
CA LEU B 172 5.49 -11.30 15.54
C LEU B 172 4.73 -10.53 14.48
N SER B 173 5.38 -9.59 13.80
CA SER B 173 4.73 -8.87 12.72
C SER B 173 4.53 -9.77 11.51
N ASP B 174 5.57 -10.52 11.13
CA ASP B 174 5.48 -11.44 10.00
C ASP B 174 4.37 -12.46 10.21
N LEU B 175 4.18 -12.91 11.45
CA LEU B 175 3.11 -13.84 11.79
C LEU B 175 1.77 -13.16 11.97
N GLN B 176 1.70 -11.83 11.83
CA GLN B 176 0.46 -11.07 11.91
C GLN B 176 -0.23 -11.30 13.25
N ILE B 177 0.56 -11.27 14.32
CA ILE B 177 0.04 -11.40 15.68
C ILE B 177 0.67 -10.32 16.55
N TYR B 178 1.38 -9.39 15.91
CA TYR B 178 2.01 -8.29 16.64
C TYR B 178 0.97 -7.48 17.41
N GLN B 179 -0.19 -7.22 16.79
CA GLN B 179 -1.22 -6.39 17.42
C GLN B 179 -1.92 -7.10 18.57
N ASP B 180 -2.45 -8.31 18.31
CA ASP B 180 -3.18 -9.02 19.36
C ASP B 180 -2.29 -9.36 20.53
N SER B 181 -1.10 -9.87 20.25
CA SER B 181 -0.28 -10.45 21.31
C SER B 181 0.51 -9.41 22.07
N PHE B 182 1.08 -8.43 21.36
CA PHE B 182 2.05 -7.52 21.95
C PHE B 182 1.57 -6.09 22.11
N GLU B 183 1.04 -5.49 21.04
CA GLU B 183 0.86 -4.04 20.99
C GLU B 183 -0.05 -3.55 22.10
N GLN B 184 -1.21 -4.20 22.31
CA GLN B 184 -2.14 -3.71 23.31
C GLN B 184 -1.55 -3.81 24.71
N ARG B 185 -1.02 -4.99 25.07
CA ARG B 185 -0.37 -5.15 26.37
C ARG B 185 0.81 -4.21 26.51
N PHE B 186 1.53 -3.96 25.41
CA PHE B 186 2.65 -3.02 25.45
C PHE B 186 2.16 -1.61 25.76
N LEU B 187 1.12 -1.18 25.07
CA LEU B 187 0.53 0.14 25.36
C LEU B 187 0.00 0.19 26.79
N GLU B 188 -0.56 -0.92 27.28
CA GLU B 188 -1.05 -0.95 28.66
C GLU B 188 0.09 -0.80 29.66
N GLU B 189 1.22 -1.47 29.42
CA GLU B 189 2.34 -1.33 30.35
C GLU B 189 3.01 0.03 30.23
N THR B 190 3.10 0.58 29.01
CA THR B 190 3.62 1.93 28.84
C THR B 190 2.75 2.96 29.54
N ASN B 191 1.42 2.82 29.44
CA ASN B 191 0.52 3.74 30.11
C ASN B 191 0.69 3.68 31.62
N ARG B 192 0.66 2.48 32.18
CA ARG B 192 0.77 2.29 33.62
C ARG B 192 2.12 2.80 34.13
N LEU B 193 3.20 2.56 33.36
CA LEU B 193 4.53 2.98 33.80
C LEU B 193 4.66 4.50 33.87
N TYR B 194 4.36 5.19 32.75
CA TYR B 194 4.56 6.63 32.69
C TYR B 194 3.53 7.40 33.48
N ALA B 195 2.35 6.83 33.72
CA ALA B 195 1.41 7.45 34.64
C ALA B 195 2.04 7.61 36.02
N ALA B 196 2.66 6.54 36.53
CA ALA B 196 3.34 6.61 37.82
C ALA B 196 4.56 7.54 37.75
N GLU B 197 5.37 7.41 36.70
CA GLU B 197 6.56 8.26 36.56
C GLU B 197 6.19 9.73 36.47
N GLY B 198 5.12 10.02 35.73
CA GLY B 198 4.64 11.38 35.64
C GLY B 198 4.23 11.93 36.99
N GLN B 199 3.40 11.17 37.71
CA GLN B 199 2.92 11.62 39.01
C GLN B 199 4.06 11.82 40.01
N LYS B 200 5.04 10.90 40.03
CA LYS B 200 6.06 10.94 41.07
C LYS B 200 7.02 12.09 40.86
N LEU B 201 7.62 12.19 39.68
CA LEU B 201 8.57 13.27 39.41
C LEU B 201 7.85 14.62 39.39
N MET B 202 6.53 14.62 39.25
CA MET B 202 5.78 15.86 39.39
C MET B 202 5.82 16.35 40.84
N GLN B 203 6.00 15.45 41.78
CA GLN B 203 6.17 15.79 43.19
C GLN B 203 7.63 16.05 43.55
N GLU B 204 8.53 15.24 43.00
CA GLU B 204 9.92 15.19 43.42
C GLU B 204 10.83 16.21 42.75
N ARG B 205 10.45 16.76 41.59
CA ARG B 205 11.29 17.71 40.88
C ARG B 205 10.55 18.98 40.50
N GLU B 206 11.32 20.05 40.37
CA GLU B 206 10.81 21.34 39.95
C GLU B 206 10.40 21.29 38.48
N VAL B 207 9.60 22.29 38.08
CA VAL B 207 9.14 22.35 36.69
C VAL B 207 10.30 22.37 35.68
N PRO B 208 11.36 23.16 35.88
CA PRO B 208 12.44 23.15 34.87
C PRO B 208 13.09 21.79 34.68
N GLU B 209 13.46 21.10 35.76
CA GLU B 209 14.05 19.78 35.57
C GLU B 209 13.02 18.77 35.12
N TYR B 210 11.76 18.97 35.49
CA TYR B 210 10.71 18.05 35.05
C TYR B 210 10.51 18.14 33.54
N LEU B 211 10.54 19.36 33.00
CA LEU B 211 10.36 19.53 31.56
C LEU B 211 11.50 18.87 30.80
N HIS B 212 12.74 19.09 31.24
CA HIS B 212 13.89 18.44 30.61
C HIS B 212 13.73 16.93 30.60
N HIS B 213 13.24 16.36 31.70
CA HIS B 213 13.07 14.91 31.79
C HIS B 213 12.01 14.41 30.81
N VAL B 214 10.88 15.11 30.72
CA VAL B 214 9.82 14.68 29.80
C VAL B 214 10.33 14.72 28.37
N ASN B 215 11.09 15.75 28.02
CA ASN B 215 11.68 15.84 26.69
C ASN B 215 12.62 14.67 26.42
N LYS B 216 13.36 14.25 27.44
CA LYS B 216 14.29 13.14 27.26
C LYS B 216 13.55 11.82 27.03
N ARG B 217 12.45 11.62 27.75
CA ARG B 217 11.65 10.41 27.58
C ARG B 217 10.99 10.38 26.20
N LEU B 218 10.46 11.52 25.75
CA LEU B 218 9.83 11.58 24.44
C LEU B 218 10.85 11.28 23.34
N GLU B 219 12.10 11.73 23.53
CA GLU B 219 13.15 11.40 22.57
C GLU B 219 13.57 9.94 22.69
N GLU B 220 13.66 9.42 23.91
CA GLU B 220 13.97 8.01 24.11
C GLU B 220 12.94 7.11 23.44
N GLU B 221 11.65 7.38 23.68
CA GLU B 221 10.60 6.56 23.10
C GLU B 221 10.60 6.65 21.58
N ALA B 222 10.96 7.82 21.03
CA ALA B 222 11.15 7.93 19.60
C ALA B 222 12.32 7.08 19.12
N ASP B 223 13.35 6.94 19.94
CA ASP B 223 14.48 6.09 19.55
C ASP B 223 14.10 4.62 19.60
N ARG B 224 13.35 4.22 20.65
CA ARG B 224 12.89 2.84 20.74
C ARG B 224 11.96 2.50 19.59
N LEU B 225 11.16 3.48 19.16
CA LEU B 225 10.23 3.28 18.06
C LEU B 225 10.98 3.02 16.76
N ILE B 226 11.97 3.86 16.45
CA ILE B 226 12.76 3.69 15.24
C ILE B 226 13.53 2.37 15.26
N THR B 227 14.02 1.96 16.44
CA THR B 227 15.02 0.90 16.52
C THR B 227 14.40 -0.49 16.46
N TYR B 228 13.47 -0.80 17.35
CA TYR B 228 12.96 -2.17 17.44
C TYR B 228 11.45 -2.31 17.46
N LEU B 229 10.69 -1.23 17.62
CA LEU B 229 9.24 -1.31 17.54
C LEU B 229 8.76 -1.16 16.10
N ASP B 230 7.53 -1.59 15.86
CA ASP B 230 6.90 -1.44 14.56
C ASP B 230 6.34 -0.02 14.43
N GLN B 231 6.34 0.49 13.19
CA GLN B 231 5.91 1.87 12.97
C GLN B 231 4.42 2.06 13.28
N THR B 232 3.62 1.00 13.13
CA THR B 232 2.19 1.16 13.35
C THR B 232 1.86 1.46 14.81
N THR B 233 2.86 1.36 15.69
CA THR B 233 2.75 1.73 17.09
C THR B 233 3.08 3.20 17.34
N GLN B 234 3.47 3.94 16.30
CA GLN B 234 4.00 5.29 16.49
C GLN B 234 2.98 6.17 17.17
N LYS B 235 1.79 6.24 16.59
CA LYS B 235 0.74 7.15 17.04
C LYS B 235 0.32 6.82 18.47
N SER B 236 0.03 5.55 18.74
CA SER B 236 -0.49 5.16 20.05
C SER B 236 0.55 5.31 21.15
N LEU B 237 1.81 4.97 20.86
CA LEU B 237 2.85 5.08 21.88
C LEU B 237 3.15 6.53 22.24
N ILE B 238 3.43 7.36 21.23
CA ILE B 238 3.80 8.75 21.49
C ILE B 238 2.64 9.49 22.17
N ALA B 239 1.41 9.25 21.71
CA ALA B 239 0.25 9.85 22.35
C ALA B 239 0.14 9.41 23.81
N THR B 240 0.46 8.14 24.09
CA THR B 240 0.37 7.64 25.46
C THR B 240 1.36 8.36 26.37
N VAL B 241 2.62 8.48 25.94
CA VAL B 241 3.62 9.16 26.74
C VAL B 241 3.28 10.65 26.88
N GLU B 242 2.84 11.27 25.78
CA GLU B 242 2.43 12.68 25.84
C GLU B 242 1.30 12.88 26.83
N LYS B 243 0.36 11.93 26.89
CA LYS B 243 -0.75 12.05 27.83
C LYS B 243 -0.26 11.97 29.28
N GLN B 244 0.55 10.97 29.59
CA GLN B 244 0.86 10.65 30.98
C GLN B 244 1.93 11.57 31.58
N LEU B 245 2.81 12.14 30.76
CA LEU B 245 3.83 13.04 31.28
C LEU B 245 3.47 14.51 31.12
N LEU B 246 2.54 14.84 30.23
CA LEU B 246 2.14 16.22 29.98
C LEU B 246 0.64 16.42 30.16
N GLY B 247 -0.19 15.67 29.44
CA GLY B 247 -1.62 15.94 29.43
C GLY B 247 -2.25 15.89 30.81
N GLU B 248 -1.89 14.90 31.62
CA GLU B 248 -2.45 14.75 32.96
C GLU B 248 -1.88 15.75 33.96
N HIS B 249 -1.02 16.67 33.53
CA HIS B 249 -0.38 17.58 34.48
C HIS B 249 -0.32 19.03 33.99
N LEU B 250 -0.95 19.38 32.87
CA LEU B 250 -0.85 20.74 32.32
C LEU B 250 -1.12 21.80 33.37
N THR B 251 -2.29 21.74 34.02
CA THR B 251 -2.62 22.73 35.05
C THR B 251 -1.61 22.71 36.18
N ALA B 252 -1.18 21.52 36.59
CA ALA B 252 -0.25 21.42 37.72
C ALA B 252 1.11 22.02 37.40
N ILE B 253 1.57 21.86 36.16
CA ILE B 253 2.88 22.38 35.77
C ILE B 253 2.88 23.90 35.76
N LEU B 254 1.84 24.51 35.20
CA LEU B 254 1.80 25.96 35.10
C LEU B 254 1.65 26.60 36.48
N GLN B 255 0.70 26.11 37.28
CA GLN B 255 0.46 26.69 38.59
C GLN B 255 1.61 26.43 39.56
N LYS B 256 2.54 25.54 39.23
CA LYS B 256 3.69 25.28 40.08
C LYS B 256 4.93 26.05 39.67
N GLY B 257 5.09 26.35 38.37
CA GLY B 257 6.34 26.92 37.90
C GLY B 257 6.26 28.12 36.96
N LEU B 258 5.09 28.35 36.37
CA LEU B 258 5.00 29.38 35.33
C LEU B 258 5.29 30.76 35.91
N ASN B 259 4.69 31.09 37.05
CA ASN B 259 4.96 32.38 37.68
C ASN B 259 6.45 32.54 37.94
N ASN B 260 7.07 31.49 38.50
CA ASN B 260 8.50 31.51 38.74
C ASN B 260 9.27 31.64 37.43
N LEU B 261 8.78 30.98 36.37
CA LEU B 261 9.47 31.05 35.07
C LEU B 261 9.35 32.44 34.45
N LEU B 262 8.18 33.05 34.54
CA LEU B 262 8.02 34.38 33.94
C LEU B 262 8.67 35.46 34.80
N ASP B 263 8.54 35.37 36.12
CA ASP B 263 9.13 36.39 36.99
C ASP B 263 10.64 36.38 36.95
N GLU B 264 11.25 35.24 36.68
CA GLU B 264 12.70 35.14 36.67
C GLU B 264 13.24 35.16 35.26
N ASN B 265 12.35 35.28 34.30
CA ASN B 265 12.71 35.56 32.94
C ASN B 265 13.65 34.47 32.44
N ARG B 266 13.23 33.21 32.64
CA ARG B 266 14.05 32.05 32.30
C ARG B 266 13.66 31.62 30.91
N ILE B 267 14.32 32.22 29.92
CA ILE B 267 13.90 32.11 28.53
C ILE B 267 13.93 30.65 28.08
N GLN B 268 15.01 29.92 28.37
CA GLN B 268 15.18 28.58 27.83
C GLN B 268 14.10 27.61 28.33
N ASP B 269 13.84 27.60 29.63
CA ASP B 269 12.83 26.70 30.16
C ASP B 269 11.45 27.06 29.64
N LEU B 270 11.22 28.35 29.37
CA LEU B 270 9.95 28.79 28.81
C LEU B 270 9.81 28.34 27.36
N SER B 271 10.92 28.37 26.60
CA SER B 271 10.88 27.84 25.24
C SER B 271 10.54 26.36 25.22
N LEU B 272 11.16 25.58 26.11
CA LEU B 272 10.88 24.15 26.17
C LEU B 272 9.46 23.91 26.65
N LEU B 273 9.01 24.69 27.63
CA LEU B 273 7.62 24.62 28.07
C LEU B 273 6.66 24.85 26.92
N TYR B 274 6.99 25.80 26.04
CA TYR B 274 6.14 26.05 24.88
C TYR B 274 6.25 24.91 23.86
N GLN B 275 7.47 24.39 23.65
CA GLN B 275 7.65 23.29 22.71
C GLN B 275 6.90 22.04 23.17
N LEU B 276 7.00 21.70 24.46
CA LEU B 276 6.34 20.50 24.96
C LEU B 276 4.82 20.66 24.98
N PHE B 277 4.33 21.83 25.39
CA PHE B 277 2.88 22.04 25.44
C PHE B 277 2.28 22.03 24.04
N SER B 278 3.06 22.37 23.01
CA SER B 278 2.58 22.29 21.64
C SER B 278 2.21 20.87 21.23
N ARG B 279 2.74 19.86 21.93
CA ARG B 279 2.51 18.45 21.56
C ARG B 279 1.17 17.91 22.00
N VAL B 280 0.48 18.58 22.93
CA VAL B 280 -0.65 17.99 23.63
C VAL B 280 -1.90 18.79 23.28
N ARG B 281 -3.03 18.09 23.13
CA ARG B 281 -4.30 18.74 22.85
C ARG B 281 -4.66 19.66 24.01
N GLY B 282 -4.93 20.92 23.70
CA GLY B 282 -5.26 21.87 24.75
C GLY B 282 -4.07 22.50 25.44
N GLY B 283 -2.84 22.15 25.04
CA GLY B 283 -1.68 22.60 25.79
C GLY B 283 -1.41 24.08 25.64
N VAL B 284 -1.25 24.55 24.41
CA VAL B 284 -1.01 25.98 24.17
C VAL B 284 -2.16 26.82 24.73
N GLN B 285 -3.39 26.30 24.66
CA GLN B 285 -4.54 27.05 25.17
C GLN B 285 -4.43 27.23 26.68
N VAL B 286 -4.18 26.12 27.41
CA VAL B 286 -4.06 26.19 28.86
C VAL B 286 -2.92 27.12 29.27
N LEU B 287 -1.83 27.11 28.51
CA LEU B 287 -0.78 28.08 28.77
C LEU B 287 -1.28 29.50 28.50
N LEU B 288 -2.05 29.68 27.43
CA LEU B 288 -2.56 31.00 27.06
C LEU B 288 -3.47 31.59 28.13
N GLN B 289 -4.33 30.77 28.75
CA GLN B 289 -5.19 31.29 29.80
C GLN B 289 -4.36 31.77 30.99
N GLN B 290 -3.35 30.99 31.39
CA GLN B 290 -2.54 31.41 32.53
C GLN B 290 -1.60 32.54 32.16
N TRP B 291 -1.29 32.68 30.88
CA TRP B 291 -0.59 33.85 30.39
C TRP B 291 -1.42 35.11 30.63
N ILE B 292 -2.72 35.03 30.36
CA ILE B 292 -3.64 36.15 30.58
C ILE B 292 -3.72 36.49 32.06
N GLU B 293 -3.93 35.48 32.91
CA GLU B 293 -4.07 35.72 34.35
C GLU B 293 -2.83 36.37 34.93
N TYR B 294 -1.66 36.10 34.36
CA TYR B 294 -0.42 36.69 34.84
C TYR B 294 -0.40 38.19 34.57
N ILE B 295 -0.93 38.61 33.43
CA ILE B 295 -0.96 40.03 33.08
C ILE B 295 -2.02 40.77 33.91
N LYS B 296 -3.21 40.18 34.05
CA LYS B 296 -4.23 40.77 34.92
C LYS B 296 -3.71 40.92 36.35
N ALA B 297 -2.96 39.92 36.82
CA ALA B 297 -2.33 40.02 38.14
C ALA B 297 -1.37 41.20 38.17
N PHE B 298 -0.53 41.32 37.13
CA PHE B 298 0.41 42.43 37.03
C PHE B 298 -0.29 43.77 37.12
N GLY B 299 -1.42 43.91 36.42
CA GLY B 299 -2.15 45.16 36.46
C GLY B 299 -2.70 45.45 37.86
N SER B 300 -3.24 44.43 38.52
CA SER B 300 -3.87 44.63 39.82
C SER B 300 -2.89 44.90 40.96
N THR B 301 -1.59 44.65 40.78
CA THR B 301 -0.60 45.02 41.78
C THR B 301 0.12 46.32 41.45
N ILE B 302 0.00 46.80 40.21
CA ILE B 302 0.58 48.09 39.85
C ILE B 302 -0.38 49.23 40.12
N VAL B 303 -1.67 48.94 40.28
CA VAL B 303 -2.58 49.95 40.77
C VAL B 303 -2.53 50.06 42.30
N ILE B 304 -2.02 49.04 42.98
CA ILE B 304 -1.82 49.08 44.43
C ILE B 304 -0.37 49.35 44.81
N ASN B 305 0.57 48.55 44.28
CA ASN B 305 1.97 48.66 44.68
C ASN B 305 2.89 48.98 43.50
N PRO B 306 3.25 50.25 43.29
CA PRO B 306 4.29 50.55 42.30
C PRO B 306 5.65 50.36 42.93
N GLU B 307 6.54 49.63 42.23
CA GLU B 307 7.89 49.46 42.74
C GLU B 307 8.59 50.80 42.64
N LYS B 308 8.53 51.57 43.73
CA LYS B 308 8.87 53.00 43.82
C LYS B 308 10.28 53.34 43.39
N ASP B 309 10.90 52.50 42.55
CA ASP B 309 12.21 52.77 42.00
C ASP B 309 12.12 53.58 40.71
N LYS B 310 11.19 53.25 39.82
CA LYS B 310 10.99 53.99 38.58
C LYS B 310 9.66 54.74 38.58
N THR B 311 9.58 55.72 37.68
CA THR B 311 8.36 56.51 37.43
C THR B 311 7.41 55.67 36.59
N MET B 312 6.36 55.16 37.25
CA MET B 312 5.35 54.22 36.75
C MET B 312 5.31 53.97 35.25
N ARG B 313 5.52 55.01 34.44
CA ARG B 313 5.49 54.79 32.99
C ARG B 313 6.61 53.83 32.58
N GLN B 314 7.78 53.97 33.21
CA GLN B 314 8.89 53.07 32.93
C GLN B 314 8.59 51.64 33.39
N GLU B 315 8.02 51.50 34.60
CA GLU B 315 7.64 50.16 35.06
C GLU B 315 6.66 49.48 34.13
N LEU B 316 5.67 50.22 33.61
CA LEU B 316 4.78 49.60 32.63
C LEU B 316 5.49 49.35 31.31
N ASP B 317 6.56 50.08 31.04
CA ASP B 317 7.30 49.86 29.81
C ASP B 317 8.38 48.83 30.01
N ASP B 318 8.94 48.72 31.21
CA ASP B 318 9.85 47.61 31.49
C ASP B 318 9.12 46.28 31.43
N PHE B 319 7.89 46.21 31.95
CA PHE B 319 7.12 44.97 31.87
C PHE B 319 6.82 44.57 30.43
N LYS B 320 6.42 45.53 29.60
CA LYS B 320 5.92 45.18 28.28
C LYS B 320 7.03 44.60 27.40
N ASP B 321 8.23 45.16 27.49
CA ASP B 321 9.39 44.66 26.74
C ASP B 321 9.77 43.26 27.18
N LYS B 322 9.85 43.04 28.51
CA LYS B 322 10.13 41.73 29.08
C LYS B 322 9.17 40.70 28.51
N VAL B 323 7.87 41.03 28.47
CA VAL B 323 6.85 40.13 27.97
C VAL B 323 6.90 40.05 26.44
N ASP B 324 7.20 41.16 25.76
CA ASP B 324 7.35 41.14 24.31
C ASP B 324 8.47 40.19 23.91
N HIS B 325 9.57 40.22 24.67
CA HIS B 325 10.71 39.35 24.40
C HIS B 325 10.34 37.88 24.60
N ILE B 326 9.55 37.58 25.63
CA ILE B 326 9.15 36.20 25.90
C ILE B 326 8.23 35.67 24.81
N ILE B 327 7.28 36.51 24.36
CA ILE B 327 6.44 36.12 23.23
C ILE B 327 7.29 35.88 21.99
N ASP B 328 8.31 36.72 21.80
CA ASP B 328 9.08 36.69 20.56
C ASP B 328 9.92 35.43 20.43
N ILE B 329 10.59 35.01 21.50
CA ILE B 329 11.55 33.92 21.44
C ILE B 329 10.98 32.62 21.99
N CYS B 330 10.37 32.66 23.18
CA CYS B 330 9.89 31.43 23.80
C CYS B 330 8.65 30.90 23.09
N PHE B 331 7.74 31.80 22.69
CA PHE B 331 6.46 31.44 22.13
C PHE B 331 6.39 31.62 20.62
N LEU B 332 7.52 31.89 19.96
CA LEU B 332 7.63 31.87 18.51
C LEU B 332 6.71 32.92 17.86
N LYS B 333 6.76 34.15 18.40
CA LYS B 333 6.07 35.30 17.81
C LYS B 333 4.56 35.07 17.68
N ASN B 334 3.99 34.21 18.53
CA ASN B 334 2.59 33.80 18.40
C ASN B 334 1.67 34.99 18.58
N GLU B 335 1.00 35.39 17.51
CA GLU B 335 0.09 36.53 17.56
C GLU B 335 -0.96 36.36 18.65
N LYS B 336 -1.56 35.16 18.74
CA LYS B 336 -2.61 34.91 19.73
C LYS B 336 -2.18 35.32 21.12
N PHE B 337 -0.88 35.27 21.41
CA PHE B 337 -0.40 35.75 22.70
C PHE B 337 -0.28 37.27 22.74
N ILE B 338 -0.02 37.92 21.60
CA ILE B 338 0.00 39.38 21.57
C ILE B 338 -1.41 39.96 21.67
N ASN B 339 -2.36 39.42 20.89
CA ASN B 339 -3.74 39.89 21.00
C ASN B 339 -4.31 39.64 22.40
N ALA B 340 -4.01 38.48 22.98
CA ALA B 340 -4.53 38.18 24.31
C ALA B 340 -3.99 39.15 25.35
N MET B 341 -2.74 39.60 25.18
CA MET B 341 -2.17 40.59 26.09
C MET B 341 -2.85 41.95 25.93
N LYS B 342 -3.13 42.34 24.69
CA LYS B 342 -3.82 43.60 24.43
C LYS B 342 -5.22 43.57 25.03
N GLU B 343 -5.99 42.53 24.71
CA GLU B 343 -7.35 42.41 25.23
C GLU B 343 -7.36 42.39 26.74
N ALA B 344 -6.34 41.81 27.37
CA ALA B 344 -6.27 41.75 28.82
C ALA B 344 -6.07 43.14 29.43
N PHE B 345 -5.14 43.92 28.87
CA PHE B 345 -4.93 45.27 29.39
C PHE B 345 -6.13 46.18 29.10
N GLU B 346 -6.75 46.02 27.94
CA GLU B 346 -7.85 46.90 27.56
C GLU B 346 -9.18 46.57 28.22
N THR B 347 -9.28 45.44 28.91
CA THR B 347 -10.47 45.15 29.70
C THR B 347 -10.24 45.34 31.18
N PHE B 348 -8.98 45.22 31.61
CA PHE B 348 -8.64 45.54 32.98
C PHE B 348 -8.86 47.01 33.29
N ILE B 349 -8.52 47.89 32.34
CA ILE B 349 -8.72 49.32 32.58
C ILE B 349 -10.22 49.64 32.65
N ASN B 350 -11.07 48.85 31.99
CA ASN B 350 -12.50 49.16 32.00
C ASN B 350 -13.13 48.88 33.35
N LYS B 351 -12.62 47.90 34.10
CA LYS B 351 -13.13 47.62 35.43
C LYS B 351 -12.40 48.44 36.51
N ARG B 352 -12.27 49.72 36.24
CA ARG B 352 -11.68 50.80 37.02
C ARG B 352 -12.75 51.53 37.81
N PRO B 353 -12.42 51.99 39.02
CA PRO B 353 -13.42 52.67 39.85
C PRO B 353 -13.93 53.96 39.23
N ASN B 354 -15.22 54.23 39.43
CA ASN B 354 -15.85 55.45 38.93
C ASN B 354 -15.55 56.65 39.82
N ASP C 11 40.24 -17.98 5.02
CA ASP C 11 40.04 -17.97 3.57
C ASP C 11 39.66 -19.37 3.04
N GLU C 12 40.05 -20.39 3.79
CA GLU C 12 39.59 -21.76 3.55
C GLU C 12 38.11 -21.87 3.86
N THR C 13 37.63 -21.06 4.82
CA THR C 13 36.21 -21.01 5.13
C THR C 13 35.40 -20.43 3.97
N TRP C 14 35.84 -19.30 3.40
CA TRP C 14 35.12 -18.69 2.27
C TRP C 14 35.10 -19.61 1.05
N GLN C 15 36.16 -20.39 0.85
CA GLN C 15 36.23 -21.29 -0.30
C GLN C 15 35.12 -22.33 -0.28
N LYS C 16 34.62 -22.65 0.91
CA LYS C 16 33.49 -23.56 1.02
C LYS C 16 32.28 -23.03 0.26
N LEU C 17 31.93 -21.77 0.50
CA LEU C 17 30.74 -21.15 -0.10
C LEU C 17 30.89 -20.94 -1.60
N LYS C 18 32.10 -20.59 -2.07
CA LYS C 18 32.31 -20.35 -3.49
C LYS C 18 31.86 -21.56 -4.30
N GLU C 19 32.13 -22.75 -3.79
CA GLU C 19 31.70 -23.98 -4.44
C GLU C 19 30.20 -24.20 -4.25
N ALA C 20 29.68 -23.84 -3.08
CA ALA C 20 28.25 -23.99 -2.83
C ALA C 20 27.44 -23.10 -3.77
N VAL C 21 27.85 -21.85 -3.93
CA VAL C 21 27.16 -20.95 -4.85
C VAL C 21 27.27 -21.46 -6.29
N GLU C 22 28.49 -21.86 -6.70
CA GLU C 22 28.68 -22.35 -8.06
C GLU C 22 27.86 -23.61 -8.33
N ALA C 23 27.74 -24.48 -7.32
CA ALA C 23 26.90 -25.67 -7.48
C ALA C 23 25.45 -25.28 -7.73
N ILE C 24 24.96 -24.29 -6.98
CA ILE C 24 23.61 -23.80 -7.16
C ILE C 24 23.45 -23.17 -8.55
N GLN C 25 24.48 -22.45 -9.00
CA GLN C 25 24.42 -21.79 -10.30
C GLN C 25 24.46 -22.80 -11.44
N ASN C 26 25.27 -23.84 -11.30
CA ASN C 26 25.33 -24.88 -12.31
C ASN C 26 24.32 -25.99 -12.05
N SER C 27 23.51 -25.85 -11.00
CA SER C 27 22.45 -26.81 -10.68
C SER C 27 23.01 -28.20 -10.38
N THR C 28 24.19 -28.24 -9.76
CA THR C 28 24.82 -29.51 -9.41
C THR C 28 24.63 -29.83 -7.94
N SER C 29 25.65 -30.38 -7.28
CA SER C 29 25.49 -30.92 -5.93
C SER C 29 26.20 -30.05 -4.92
N ILE C 30 25.54 -29.83 -3.78
CA ILE C 30 26.13 -29.11 -2.66
C ILE C 30 26.84 -30.15 -1.80
N LYS C 31 28.17 -30.21 -1.91
CA LYS C 31 28.97 -31.27 -1.32
C LYS C 31 29.36 -31.00 0.12
N TYR C 32 28.53 -30.27 0.85
CA TYR C 32 28.75 -30.00 2.26
C TYR C 32 27.41 -30.10 2.98
N ASN C 33 27.46 -30.38 4.28
CA ASN C 33 26.24 -30.30 5.05
C ASN C 33 25.88 -28.84 5.27
N LEU C 34 24.57 -28.56 5.29
CA LEU C 34 24.09 -27.19 5.28
C LEU C 34 24.53 -26.44 6.52
N GLU C 35 24.53 -27.11 7.67
CA GLU C 35 25.01 -26.49 8.89
C GLU C 35 26.46 -26.01 8.76
N GLU C 36 27.28 -26.75 8.02
CA GLU C 36 28.66 -26.31 7.81
C GLU C 36 28.71 -24.97 7.08
N LEU C 37 27.81 -24.77 6.11
CA LEU C 37 27.79 -23.51 5.39
C LEU C 37 27.19 -22.39 6.26
N TYR C 38 26.15 -22.72 7.03
CA TYR C 38 25.60 -21.74 7.95
C TYR C 38 26.67 -21.23 8.92
N GLN C 39 27.57 -22.12 9.33
CA GLN C 39 28.72 -21.70 10.15
C GLN C 39 29.65 -20.76 9.40
N ALA C 40 29.95 -21.07 8.13
CA ALA C 40 30.87 -20.23 7.38
C ALA C 40 30.40 -18.78 7.31
N VAL C 41 29.12 -18.58 6.98
CA VAL C 41 28.61 -17.20 6.88
C VAL C 41 28.64 -16.52 8.24
N GLU C 42 28.25 -17.24 9.29
CA GLU C 42 28.18 -16.61 10.61
C GLU C 42 29.56 -16.19 11.11
N ASN C 43 30.59 -16.99 10.81
CA ASN C 43 31.93 -16.66 11.29
C ASN C 43 32.52 -15.47 10.52
N LEU C 44 32.45 -15.49 9.19
CA LEU C 44 33.10 -14.45 8.41
C LEU C 44 32.50 -13.07 8.65
N CYS C 45 31.28 -12.98 9.20
CA CYS C 45 30.69 -11.70 9.51
C CYS C 45 31.12 -11.14 10.87
N SER C 46 31.67 -11.97 11.76
CA SER C 46 31.95 -11.57 13.13
C SER C 46 33.43 -11.42 13.48
N TYR C 47 34.35 -11.74 12.57
CA TYR C 47 35.77 -11.65 12.87
C TYR C 47 36.47 -10.71 11.90
N LYS C 48 35.69 -9.96 11.13
CA LYS C 48 36.11 -8.92 10.20
C LYS C 48 34.89 -8.03 10.03
N ILE C 49 34.89 -7.16 9.05
CA ILE C 49 33.69 -6.38 8.75
C ILE C 49 32.87 -7.17 7.74
N SER C 50 31.55 -7.15 7.91
CA SER C 50 30.69 -7.92 7.03
C SER C 50 30.65 -7.33 5.63
N ALA C 51 30.86 -6.01 5.51
CA ALA C 51 30.99 -5.33 4.22
C ALA C 51 32.13 -5.89 3.37
N ASN C 52 32.67 -7.05 3.76
CA ASN C 52 33.71 -7.74 3.02
C ASN C 52 33.24 -9.07 2.46
N LEU C 53 32.16 -9.63 2.99
CA LEU C 53 31.58 -10.86 2.47
C LEU C 53 30.50 -10.59 1.44
N TYR C 54 29.79 -9.48 1.59
CA TYR C 54 28.77 -9.07 0.64
C TYR C 54 29.38 -8.76 -0.73
N LYS C 55 30.53 -8.08 -0.73
CA LYS C 55 31.15 -7.70 -2.00
C LYS C 55 31.62 -8.91 -2.78
N GLN C 56 32.08 -9.95 -2.08
CA GLN C 56 32.52 -11.17 -2.75
C GLN C 56 31.36 -11.92 -3.39
N LEU C 57 30.22 -12.00 -2.69
CA LEU C 57 29.05 -12.70 -3.22
C LEU C 57 28.50 -12.01 -4.47
N ARG C 58 28.41 -10.67 -4.47
CA ARG C 58 28.05 -9.93 -5.67
C ARG C 58 28.96 -10.31 -6.83
N GLN C 59 30.25 -10.50 -6.54
CA GLN C 59 31.22 -10.72 -7.61
C GLN C 59 30.92 -12.03 -8.33
N ILE C 60 30.76 -13.12 -7.57
CA ILE C 60 30.47 -14.42 -8.17
C ILE C 60 29.05 -14.50 -8.68
N CYS C 61 28.14 -13.67 -8.17
CA CYS C 61 26.83 -13.54 -8.80
C CYS C 61 26.93 -12.75 -10.09
N GLU C 62 27.75 -11.69 -10.08
CA GLU C 62 27.98 -10.94 -11.31
C GLU C 62 28.68 -11.79 -12.36
N ASP C 63 29.66 -12.60 -11.91
CA ASP C 63 30.39 -13.47 -12.83
C ASP C 63 29.45 -14.39 -13.59
N HIS C 64 28.59 -15.09 -12.86
CA HIS C 64 27.70 -16.07 -13.48
C HIS C 64 26.70 -15.42 -14.43
N ILE C 65 26.07 -14.32 -14.01
CA ILE C 65 24.97 -13.75 -14.79
C ILE C 65 25.50 -13.10 -16.07
N LYS C 66 26.67 -12.47 -16.01
CA LYS C 66 27.30 -11.97 -17.23
C LYS C 66 27.51 -13.06 -18.27
N ALA C 67 27.60 -14.32 -17.85
CA ALA C 67 27.79 -15.41 -18.81
C ALA C 67 26.49 -15.85 -19.49
N GLN C 68 25.34 -15.39 -19.00
CA GLN C 68 24.05 -15.80 -19.56
C GLN C 68 23.61 -14.92 -20.73
N ILE C 69 24.33 -13.84 -21.02
CA ILE C 69 23.93 -12.92 -22.06
C ILE C 69 24.13 -13.52 -23.45
N HIS C 70 25.06 -14.48 -23.61
CA HIS C 70 25.45 -14.90 -24.94
C HIS C 70 24.33 -15.64 -25.68
N GLN C 71 23.45 -16.33 -24.94
CA GLN C 71 22.40 -17.10 -25.59
C GLN C 71 21.41 -16.23 -26.35
N PHE C 72 21.30 -14.94 -26.01
CA PHE C 72 20.30 -14.08 -26.62
C PHE C 72 20.85 -13.36 -27.84
N ARG C 73 21.98 -13.82 -28.37
CA ARG C 73 22.68 -13.23 -29.51
C ARG C 73 22.54 -14.09 -30.75
N GLU C 74 21.80 -15.19 -30.67
CA GLU C 74 21.83 -16.20 -31.71
C GLU C 74 21.42 -15.66 -33.08
N ASP C 75 20.82 -14.46 -33.16
CA ASP C 75 20.37 -13.93 -34.43
C ASP C 75 19.39 -14.83 -35.18
N SER C 76 18.43 -14.19 -35.86
CA SER C 76 17.44 -14.89 -36.66
C SER C 76 16.85 -16.03 -35.85
N LEU C 77 16.49 -15.73 -34.62
CA LEU C 77 15.91 -16.70 -33.71
C LEU C 77 14.44 -16.36 -33.50
N ASP C 78 13.61 -17.40 -33.50
CA ASP C 78 12.16 -17.25 -33.36
C ASP C 78 11.81 -16.45 -32.12
N SER C 79 10.83 -15.55 -32.26
CA SER C 79 10.47 -14.65 -31.18
C SER C 79 9.99 -15.41 -29.95
N VAL C 80 9.07 -16.35 -30.14
CA VAL C 80 8.54 -17.12 -29.00
C VAL C 80 9.66 -17.90 -28.32
N LEU C 81 10.56 -18.50 -29.11
CA LEU C 81 11.69 -19.21 -28.52
C LEU C 81 12.59 -18.24 -27.76
N PHE C 82 12.76 -17.03 -28.29
CA PHE C 82 13.57 -16.03 -27.58
C PHE C 82 12.94 -15.68 -26.24
N LEU C 83 11.62 -15.48 -26.21
CA LEU C 83 10.95 -15.17 -24.96
C LEU C 83 11.06 -16.31 -23.96
N LYS C 84 10.98 -17.56 -24.45
CA LYS C 84 11.10 -18.72 -23.58
C LYS C 84 12.51 -18.86 -23.06
N LYS C 85 13.50 -18.43 -23.83
CA LYS C 85 14.87 -18.43 -23.34
C LYS C 85 15.07 -17.34 -22.29
N ILE C 86 14.42 -16.19 -22.48
CA ILE C 86 14.40 -15.15 -21.45
C ILE C 86 13.72 -15.67 -20.19
N ASP C 87 12.58 -16.33 -20.35
CA ASP C 87 11.83 -16.80 -19.19
C ASP C 87 12.63 -17.80 -18.39
N ARG C 88 13.24 -18.79 -19.07
CA ARG C 88 14.05 -19.78 -18.36
C ARG C 88 15.20 -19.11 -17.62
N CYS C 89 15.90 -18.18 -18.28
CA CYS C 89 16.98 -17.47 -17.61
C CYS C 89 16.47 -16.77 -16.36
N TRP C 90 15.27 -16.20 -16.44
CA TRP C 90 14.69 -15.51 -15.29
C TRP C 90 14.33 -16.49 -14.17
N GLN C 91 13.63 -17.58 -14.52
CA GLN C 91 13.26 -18.57 -13.51
C GLN C 91 14.50 -19.17 -12.85
N ASN C 92 15.57 -19.38 -13.63
CA ASN C 92 16.80 -19.90 -13.04
C ASN C 92 17.42 -18.90 -12.09
N HIS C 93 17.42 -17.62 -12.48
CA HIS C 93 18.00 -16.59 -11.64
C HIS C 93 17.29 -16.51 -10.29
N CYS C 94 15.96 -16.52 -10.31
CA CYS C 94 15.20 -16.42 -9.06
C CYS C 94 15.50 -17.61 -8.14
N ARG C 95 15.36 -18.82 -8.68
CA ARG C 95 15.60 -20.03 -7.89
C ARG C 95 17.01 -20.03 -7.30
N GLN C 96 17.99 -19.68 -8.11
CA GLN C 96 19.36 -19.60 -7.61
C GLN C 96 19.46 -18.56 -6.50
N MET C 97 18.96 -17.35 -6.75
CA MET C 97 19.07 -16.27 -5.77
C MET C 97 18.31 -16.58 -4.49
N ILE C 98 17.12 -17.19 -4.61
CA ILE C 98 16.35 -17.54 -3.42
C ILE C 98 17.10 -18.53 -2.55
N MET C 99 17.73 -19.54 -3.17
CA MET C 99 18.51 -20.49 -2.37
C MET C 99 19.77 -19.83 -1.83
N ILE C 100 20.48 -19.05 -2.66
CA ILE C 100 21.65 -18.31 -2.17
C ILE C 100 21.26 -17.45 -0.97
N ARG C 101 20.09 -16.83 -1.02
CA ARG C 101 19.64 -16.01 0.10
C ARG C 101 19.43 -16.83 1.36
N SER C 102 18.97 -18.08 1.24
CA SER C 102 18.72 -18.90 2.41
C SER C 102 20.02 -19.15 3.18
N ILE C 103 21.07 -19.54 2.47
CA ILE C 103 22.35 -19.84 3.13
C ILE C 103 22.92 -18.58 3.77
N PHE C 104 22.82 -17.43 3.08
CA PHE C 104 23.37 -16.17 3.55
C PHE C 104 22.36 -15.33 4.33
N LEU C 105 21.39 -15.98 5.01
CA LEU C 105 20.34 -15.24 5.69
C LEU C 105 20.91 -14.40 6.83
N PHE C 106 21.89 -14.93 7.56
CA PHE C 106 22.50 -14.20 8.67
C PHE C 106 23.09 -12.88 8.18
N LEU C 107 23.71 -12.89 7.00
CA LEU C 107 24.19 -11.65 6.38
C LEU C 107 23.03 -10.75 6.00
N ASP C 108 21.97 -11.33 5.44
CA ASP C 108 20.89 -10.54 4.87
C ASP C 108 20.17 -9.75 5.95
N ARG C 109 20.03 -10.34 7.14
CA ARG C 109 19.37 -9.72 8.29
C ARG C 109 20.30 -8.93 9.17
N THR C 110 21.61 -9.20 9.14
CA THR C 110 22.54 -8.37 9.88
C THR C 110 22.52 -6.95 9.33
N TYR C 111 22.46 -6.83 8.01
CA TYR C 111 22.38 -5.52 7.39
C TYR C 111 21.01 -4.89 7.61
N VAL C 112 19.97 -5.71 7.77
CA VAL C 112 18.65 -5.20 8.07
C VAL C 112 18.54 -4.80 9.54
N LEU C 113 19.17 -5.55 10.43
CA LEU C 113 19.13 -5.22 11.86
C LEU C 113 19.79 -3.88 12.14
N GLN C 114 20.88 -3.55 11.44
CA GLN C 114 21.59 -2.33 11.77
C GLN C 114 21.21 -1.11 10.94
N ASN C 115 20.45 -1.26 9.86
CA ASN C 115 20.09 -0.18 8.93
C ASN C 115 21.12 0.06 7.85
N SER C 116 21.56 -0.98 7.15
CA SER C 116 22.53 -0.77 6.07
C SER C 116 21.85 -0.22 4.82
N MET C 117 22.61 0.54 4.03
CA MET C 117 22.05 1.02 2.76
C MET C 117 22.29 0.05 1.63
N LEU C 118 23.07 -1.01 1.86
CA LEU C 118 23.33 -1.99 0.82
C LEU C 118 22.07 -2.80 0.56
N PRO C 119 21.77 -3.12 -0.69
CA PRO C 119 20.53 -3.84 -0.99
C PRO C 119 20.51 -5.22 -0.36
N SER C 120 19.30 -5.73 -0.13
CA SER C 120 19.19 -7.12 0.27
C SER C 120 19.75 -7.99 -0.84
N ILE C 121 20.11 -9.23 -0.48
CA ILE C 121 20.67 -10.14 -1.47
C ILE C 121 19.72 -10.32 -2.64
N TRP C 122 18.42 -10.39 -2.36
CA TRP C 122 17.45 -10.53 -3.43
C TRP C 122 17.48 -9.33 -4.36
N ASP C 123 17.42 -8.13 -3.80
CA ASP C 123 17.50 -6.92 -4.62
C ASP C 123 18.83 -6.82 -5.34
N MET C 124 19.92 -7.22 -4.66
CA MET C 124 21.23 -7.24 -5.30
C MET C 124 21.22 -8.12 -6.54
N GLY C 125 20.56 -9.28 -6.46
CA GLY C 125 20.43 -10.13 -7.63
C GLY C 125 19.57 -9.51 -8.71
N LEU C 126 18.50 -8.82 -8.31
CA LEU C 126 17.64 -8.15 -9.29
C LEU C 126 18.40 -7.10 -10.06
N GLU C 127 19.24 -6.32 -9.36
CA GLU C 127 20.04 -5.31 -10.03
C GLU C 127 20.96 -5.93 -11.08
N LEU C 128 21.66 -7.01 -10.70
CA LEU C 128 22.53 -7.71 -11.64
C LEU C 128 21.76 -8.26 -12.82
N PHE C 129 20.59 -8.85 -12.58
CA PHE C 129 19.80 -9.36 -13.71
C PHE C 129 19.37 -8.22 -14.62
N ARG C 130 18.93 -7.11 -14.04
CA ARG C 130 18.57 -5.95 -14.85
C ARG C 130 19.80 -5.42 -15.60
N ALA C 131 20.93 -5.28 -14.88
CA ALA C 131 22.11 -4.65 -15.44
C ALA C 131 22.67 -5.44 -16.63
N HIS C 132 22.84 -6.74 -16.46
CA HIS C 132 23.59 -7.55 -17.42
C HIS C 132 22.70 -8.30 -18.42
N ILE C 133 21.40 -8.38 -18.19
CA ILE C 133 20.53 -9.12 -19.09
C ILE C 133 19.57 -8.14 -19.77
N ILE C 134 18.67 -7.55 -18.99
CA ILE C 134 17.61 -6.73 -19.56
C ILE C 134 18.10 -5.35 -19.99
N SER C 135 19.12 -4.80 -19.33
CA SER C 135 19.57 -3.46 -19.70
C SER C 135 20.10 -3.41 -21.13
N ASP C 136 20.67 -4.50 -21.62
CA ASP C 136 21.09 -4.57 -23.02
C ASP C 136 19.91 -4.24 -23.90
N GLN C 137 20.03 -3.15 -24.68
CA GLN C 137 18.89 -2.62 -25.42
C GLN C 137 18.35 -3.63 -26.42
N LYS C 138 19.26 -4.29 -27.13
CA LYS C 138 18.86 -5.22 -28.17
C LYS C 138 18.05 -6.36 -27.58
N VAL C 139 18.46 -6.85 -26.40
CA VAL C 139 17.72 -7.90 -25.71
C VAL C 139 16.36 -7.37 -25.24
N GLN C 140 16.35 -6.20 -24.60
CA GLN C 140 15.10 -5.62 -24.11
C GLN C 140 14.15 -5.33 -25.26
N ASN C 141 14.69 -4.81 -26.37
CA ASN C 141 13.84 -4.48 -27.51
C ASN C 141 13.25 -5.73 -28.14
N LYS C 142 14.02 -6.80 -28.23
CA LYS C 142 13.46 -8.04 -28.76
C LYS C 142 12.50 -8.68 -27.76
N THR C 143 12.72 -8.45 -26.46
CA THR C 143 11.77 -8.95 -25.46
C THR C 143 10.44 -8.23 -25.57
N ILE C 144 10.46 -6.89 -25.56
CA ILE C 144 9.22 -6.12 -25.58
C ILE C 144 8.48 -6.30 -26.91
N ASP C 145 9.21 -6.33 -28.02
CA ASP C 145 8.58 -6.59 -29.31
C ASP C 145 7.83 -7.92 -29.28
N GLY C 146 8.46 -8.96 -28.72
CA GLY C 146 7.81 -10.27 -28.68
C GLY C 146 6.60 -10.29 -27.76
N ILE C 147 6.72 -9.65 -26.59
CA ILE C 147 5.58 -9.59 -25.66
C ILE C 147 4.40 -8.87 -26.32
N LEU C 148 4.66 -7.72 -26.94
CA LEU C 148 3.60 -7.01 -27.65
C LEU C 148 3.07 -7.84 -28.81
N LEU C 149 3.94 -8.59 -29.48
CA LEU C 149 3.48 -9.36 -30.64
C LEU C 149 2.56 -10.50 -30.20
N LEU C 150 2.81 -11.09 -29.02
CA LEU C 150 1.88 -12.09 -28.51
C LEU C 150 0.53 -11.48 -28.19
N ILE C 151 0.51 -10.31 -27.56
CA ILE C 151 -0.75 -9.63 -27.26
C ILE C 151 -1.48 -9.33 -28.55
N GLU C 152 -0.75 -8.90 -29.58
CA GLU C 152 -1.37 -8.64 -30.87
C GLU C 152 -1.90 -9.91 -31.51
N ARG C 153 -1.16 -11.00 -31.39
CA ARG C 153 -1.57 -12.28 -31.94
C ARG C 153 -2.86 -12.75 -31.29
N GLU C 154 -2.95 -12.59 -29.98
CA GLU C 154 -4.14 -12.99 -29.23
C GLU C 154 -5.36 -12.14 -29.63
N ARG C 155 -5.16 -10.82 -29.75
CA ARG C 155 -6.27 -9.96 -30.16
C ARG C 155 -6.78 -10.32 -31.55
N ASN C 156 -5.92 -10.89 -32.39
CA ASN C 156 -6.30 -11.35 -33.71
C ASN C 156 -6.89 -12.76 -33.70
N GLY C 157 -7.02 -13.38 -32.52
CA GLY C 157 -7.74 -14.64 -32.35
C GLY C 157 -6.88 -15.86 -32.15
N GLU C 158 -5.57 -15.76 -32.29
CA GLU C 158 -4.71 -16.91 -32.18
C GLU C 158 -4.38 -17.21 -30.73
N ALA C 159 -4.11 -18.48 -30.45
CA ALA C 159 -3.79 -18.92 -29.09
C ALA C 159 -2.32 -18.74 -28.78
N ILE C 160 -2.05 -18.22 -27.58
CA ILE C 160 -0.70 -17.93 -27.11
C ILE C 160 -0.55 -18.48 -25.70
N ASP C 161 0.70 -18.52 -25.23
CA ASP C 161 1.00 -18.96 -23.87
C ASP C 161 0.81 -17.77 -22.94
N ARG C 162 -0.35 -17.70 -22.28
CA ARG C 162 -0.60 -16.62 -21.34
C ARG C 162 0.31 -16.73 -20.12
N SER C 163 0.63 -17.96 -19.69
CA SER C 163 1.53 -18.13 -18.56
C SER C 163 2.89 -17.52 -18.85
N LEU C 164 3.40 -17.73 -20.06
CA LEU C 164 4.63 -17.07 -20.48
C LEU C 164 4.46 -15.55 -20.41
N LEU C 165 3.34 -15.05 -20.92
CA LEU C 165 3.07 -13.63 -20.89
C LEU C 165 2.98 -13.10 -19.46
N ARG C 166 2.29 -13.84 -18.59
CA ARG C 166 2.15 -13.41 -17.20
C ARG C 166 3.50 -13.37 -16.51
N SER C 167 4.34 -14.38 -16.75
CA SER C 167 5.63 -14.46 -16.08
C SER C 167 6.57 -13.35 -16.53
N LEU C 168 6.59 -13.04 -17.83
CA LEU C 168 7.50 -12.02 -18.34
C LEU C 168 7.11 -10.64 -17.83
N LEU C 169 5.82 -10.33 -17.85
CA LEU C 169 5.37 -9.03 -17.36
C LEU C 169 5.60 -8.93 -15.86
N SER C 170 5.37 -10.02 -15.13
CA SER C 170 5.71 -10.03 -13.71
C SER C 170 7.20 -9.76 -13.52
N MET C 171 8.04 -10.32 -14.40
CA MET C 171 9.47 -10.06 -14.33
C MET C 171 9.76 -8.57 -14.51
N LEU C 172 9.17 -7.97 -15.55
CA LEU C 172 9.34 -6.54 -15.78
C LEU C 172 8.86 -5.71 -14.60
N SER C 173 7.83 -6.18 -13.89
CA SER C 173 7.37 -5.48 -12.70
C SER C 173 8.36 -5.63 -11.56
N ASP C 174 8.83 -6.86 -11.31
CA ASP C 174 9.83 -7.07 -10.27
C ASP C 174 11.08 -6.25 -10.55
N LEU C 175 11.46 -6.14 -11.82
CA LEU C 175 12.58 -5.29 -12.22
C LEU C 175 12.18 -3.83 -12.35
N GLN C 176 10.91 -3.49 -12.13
CA GLN C 176 10.46 -2.10 -12.07
C GLN C 176 10.71 -1.35 -13.38
N ILE C 177 10.39 -1.99 -14.50
CA ILE C 177 10.50 -1.35 -15.80
C ILE C 177 9.21 -1.58 -16.58
N TYR C 178 8.17 -2.07 -15.88
CA TYR C 178 6.90 -2.36 -16.54
C TYR C 178 6.34 -1.12 -17.24
N GLN C 179 6.35 0.02 -16.55
CA GLN C 179 5.75 1.24 -17.11
C GLN C 179 6.64 1.85 -18.18
N ASP C 180 7.93 2.01 -17.89
CA ASP C 180 8.83 2.70 -18.80
C ASP C 180 8.94 1.97 -20.13
N SER C 181 9.23 0.68 -20.08
CA SER C 181 9.57 -0.09 -21.26
C SER C 181 8.36 -0.69 -21.97
N PHE C 182 7.34 -1.12 -21.22
CA PHE C 182 6.23 -1.88 -21.79
C PHE C 182 4.91 -1.11 -21.80
N GLU C 183 4.48 -0.56 -20.66
CA GLU C 183 3.10 -0.09 -20.56
C GLU C 183 2.76 0.97 -21.60
N GLN C 184 3.66 1.93 -21.81
CA GLN C 184 3.36 2.99 -22.75
C GLN C 184 3.24 2.48 -24.17
N ARG C 185 4.20 1.67 -24.62
CA ARG C 185 4.11 1.09 -25.96
C ARG C 185 2.88 0.20 -26.09
N PHE C 186 2.50 -0.48 -24.99
CA PHE C 186 1.32 -1.34 -25.04
C PHE C 186 0.05 -0.54 -25.27
N LEU C 187 -0.13 0.55 -24.51
CA LEU C 187 -1.31 1.39 -24.71
C LEU C 187 -1.34 2.01 -26.10
N GLU C 188 -0.17 2.39 -26.63
CA GLU C 188 -0.14 2.98 -27.96
C GLU C 188 -0.55 1.95 -29.01
N GLU C 189 -0.09 0.71 -28.88
CA GLU C 189 -0.50 -0.33 -29.81
C GLU C 189 -1.96 -0.72 -29.62
N THR C 190 -2.44 -0.69 -28.38
CA THR C 190 -3.88 -0.91 -28.15
C THR C 190 -4.70 0.18 -28.83
N ASN C 191 -4.23 1.42 -28.76
CA ASN C 191 -4.95 2.54 -29.36
C ASN C 191 -5.04 2.40 -30.87
N ARG C 192 -3.90 2.17 -31.53
CA ARG C 192 -3.89 2.05 -32.98
C ARG C 192 -4.72 0.87 -33.46
N LEU C 193 -4.65 -0.26 -32.75
CA LEU C 193 -5.36 -1.46 -33.20
C LEU C 193 -6.87 -1.24 -33.16
N TYR C 194 -7.38 -0.77 -32.03
CA TYR C 194 -8.83 -0.60 -31.89
C TYR C 194 -9.34 0.63 -32.63
N ALA C 195 -8.50 1.64 -32.83
CA ALA C 195 -8.88 2.74 -33.71
C ALA C 195 -9.18 2.24 -35.12
N ALA C 196 -8.26 1.43 -35.67
CA ALA C 196 -8.49 0.87 -36.99
C ALA C 196 -9.67 -0.09 -36.98
N GLU C 197 -9.75 -0.94 -35.97
CA GLU C 197 -10.83 -1.90 -35.87
C GLU C 197 -12.18 -1.20 -35.76
N GLY C 198 -12.23 -0.08 -35.02
CA GLY C 198 -13.48 0.66 -34.91
C GLY C 198 -13.98 1.15 -36.26
N GLN C 199 -13.12 1.86 -37.00
CA GLN C 199 -13.54 2.36 -38.30
C GLN C 199 -13.89 1.23 -39.26
N LYS C 200 -13.14 0.14 -39.21
CA LYS C 200 -13.34 -0.93 -40.18
C LYS C 200 -14.66 -1.65 -39.95
N LEU C 201 -14.90 -2.14 -38.72
CA LEU C 201 -16.16 -2.85 -38.48
C LEU C 201 -17.36 -1.91 -38.46
N MET C 202 -17.14 -0.60 -38.29
CA MET C 202 -18.26 0.34 -38.36
C MET C 202 -18.83 0.42 -39.77
N GLN C 203 -18.02 0.12 -40.78
CA GLN C 203 -18.51 0.04 -42.15
C GLN C 203 -19.04 -1.35 -42.50
N GLU C 204 -18.34 -2.39 -42.03
CA GLU C 204 -18.60 -3.75 -42.48
C GLU C 204 -19.79 -4.41 -41.79
N ARG C 205 -20.20 -3.93 -40.63
CA ARG C 205 -21.21 -4.64 -39.85
C ARG C 205 -22.33 -3.70 -39.47
N GLU C 206 -23.52 -4.27 -39.32
CA GLU C 206 -24.67 -3.49 -38.86
C GLU C 206 -24.50 -3.14 -37.39
N VAL C 207 -25.29 -2.15 -36.95
CA VAL C 207 -25.19 -1.69 -35.55
C VAL C 207 -25.40 -2.84 -34.57
N PRO C 208 -26.39 -3.72 -34.72
CA PRO C 208 -26.52 -4.83 -33.75
C PRO C 208 -25.29 -5.69 -33.68
N GLU C 209 -24.71 -6.08 -34.83
CA GLU C 209 -23.50 -6.89 -34.81
C GLU C 209 -22.30 -6.08 -34.35
N TYR C 210 -22.30 -4.76 -34.59
CA TYR C 210 -21.18 -3.95 -34.12
C TYR C 210 -21.19 -3.84 -32.60
N LEU C 211 -22.37 -3.63 -32.01
CA LEU C 211 -22.48 -3.51 -30.57
C LEU C 211 -22.11 -4.82 -29.88
N HIS C 212 -22.61 -5.95 -30.41
CA HIS C 212 -22.23 -7.25 -29.87
C HIS C 212 -20.72 -7.42 -29.88
N HIS C 213 -20.06 -7.01 -30.98
CA HIS C 213 -18.60 -7.15 -31.07
C HIS C 213 -17.90 -6.25 -30.06
N VAL C 214 -18.38 -5.02 -29.89
CA VAL C 214 -17.78 -4.11 -28.93
C VAL C 214 -17.86 -4.68 -27.53
N ASN C 215 -19.01 -5.26 -27.17
CA ASN C 215 -19.13 -5.88 -25.86
C ASN C 215 -18.17 -7.06 -25.72
N LYS C 216 -17.96 -7.80 -26.81
CA LYS C 216 -17.04 -8.95 -26.76
C LYS C 216 -15.62 -8.48 -26.49
N ARG C 217 -15.24 -7.35 -27.09
CA ARG C 217 -13.90 -6.81 -26.89
C ARG C 217 -13.70 -6.29 -25.48
N LEU C 218 -14.69 -5.58 -24.95
CA LEU C 218 -14.58 -5.06 -23.58
C LEU C 218 -14.43 -6.19 -22.57
N GLU C 219 -15.11 -7.31 -22.81
CA GLU C 219 -14.98 -8.47 -21.94
C GLU C 219 -13.64 -9.16 -22.14
N GLU C 220 -13.19 -9.29 -23.39
CA GLU C 220 -11.89 -9.86 -23.66
C GLU C 220 -10.78 -9.06 -22.97
N GLU C 221 -10.81 -7.74 -23.13
CA GLU C 221 -9.78 -6.90 -22.53
C GLU C 221 -9.82 -6.99 -21.01
N ALA C 222 -11.01 -7.15 -20.44
CA ALA C 222 -11.11 -7.40 -19.01
C ALA C 222 -10.47 -8.73 -18.64
N ASP C 223 -10.55 -9.72 -19.53
CA ASP C 223 -9.90 -11.00 -19.27
C ASP C 223 -8.38 -10.89 -19.35
N ARG C 224 -7.87 -10.19 -20.36
CA ARG C 224 -6.43 -10.03 -20.49
C ARG C 224 -5.87 -9.25 -19.31
N LEU C 225 -6.64 -8.30 -18.81
CA LEU C 225 -6.24 -7.50 -17.66
C LEU C 225 -6.11 -8.36 -16.41
N ILE C 226 -7.12 -9.18 -16.11
CA ILE C 226 -7.07 -10.07 -14.95
C ILE C 226 -5.93 -11.07 -15.08
N THR C 227 -5.69 -11.55 -16.30
CA THR C 227 -4.85 -12.74 -16.48
C THR C 227 -3.36 -12.42 -16.48
N TYR C 228 -2.90 -11.53 -17.37
CA TYR C 228 -1.47 -11.32 -17.52
C TYR C 228 -1.00 -9.87 -17.49
N LEU C 229 -1.88 -8.89 -17.58
CA LEU C 229 -1.45 -7.51 -17.45
C LEU C 229 -1.42 -7.11 -15.97
N ASP C 230 -0.71 -6.03 -15.70
CA ASP C 230 -0.63 -5.50 -14.33
C ASP C 230 -1.88 -4.70 -14.00
N GLN C 231 -2.23 -4.68 -12.72
CA GLN C 231 -3.47 -4.03 -12.30
C GLN C 231 -3.47 -2.54 -12.58
N THR C 232 -2.30 -1.90 -12.58
CA THR C 232 -2.25 -0.47 -12.81
C THR C 232 -2.54 -0.06 -14.25
N THR C 233 -2.65 -1.01 -15.17
CA THR C 233 -2.98 -0.73 -16.55
C THR C 233 -4.48 -0.70 -16.78
N GLN C 234 -5.27 -0.97 -15.74
CA GLN C 234 -6.70 -1.22 -15.91
C GLN C 234 -7.43 0.00 -16.49
N LYS C 235 -7.30 1.15 -15.84
CA LYS C 235 -8.08 2.32 -16.24
C LYS C 235 -7.73 2.75 -17.66
N SER C 236 -6.43 2.87 -17.97
CA SER C 236 -6.02 3.37 -19.27
C SER C 236 -6.42 2.42 -20.38
N LEU C 237 -6.33 1.11 -20.13
CA LEU C 237 -6.67 0.14 -21.16
C LEU C 237 -8.17 0.18 -21.49
N ILE C 238 -9.01 0.10 -20.46
CA ILE C 238 -10.45 0.11 -20.70
C ILE C 238 -10.87 1.43 -21.34
N ALA C 239 -10.28 2.54 -20.88
CA ALA C 239 -10.58 3.84 -21.48
C ALA C 239 -10.22 3.89 -22.95
N THR C 240 -9.07 3.30 -23.33
CA THR C 240 -8.65 3.33 -24.72
C THR C 240 -9.62 2.53 -25.59
N VAL C 241 -9.98 1.32 -25.15
CA VAL C 241 -10.91 0.51 -25.93
C VAL C 241 -12.27 1.18 -26.00
N GLU C 242 -12.76 1.72 -24.88
CA GLU C 242 -14.03 2.44 -24.88
C GLU C 242 -13.98 3.63 -25.83
N LYS C 243 -12.85 4.33 -25.89
CA LYS C 243 -12.75 5.51 -26.75
C LYS C 243 -12.80 5.13 -28.23
N GLN C 244 -11.99 4.14 -28.64
CA GLN C 244 -11.82 3.87 -30.07
C GLN C 244 -12.96 3.06 -30.67
N LEU C 245 -13.69 2.29 -29.86
CA LEU C 245 -14.80 1.51 -30.39
C LEU C 245 -16.16 2.14 -30.15
N LEU C 246 -16.27 3.07 -29.21
CA LEU C 246 -17.54 3.72 -28.88
C LEU C 246 -17.45 5.23 -29.01
N GLY C 247 -16.54 5.88 -28.29
CA GLY C 247 -16.50 7.33 -28.26
C GLY C 247 -16.38 7.96 -29.63
N GLU C 248 -15.53 7.40 -30.49
CA GLU C 248 -15.34 7.93 -31.84
C GLU C 248 -16.47 7.58 -32.78
N HIS C 249 -17.52 6.90 -32.29
CA HIS C 249 -18.58 6.44 -33.17
C HIS C 249 -19.97 6.63 -32.59
N LEU C 250 -20.09 7.28 -31.43
CA LEU C 250 -21.39 7.42 -30.76
C LEU C 250 -22.43 7.99 -31.71
N THR C 251 -22.18 9.19 -32.22
CA THR C 251 -23.11 9.82 -33.14
C THR C 251 -23.30 8.99 -34.39
N ALA C 252 -22.21 8.41 -34.91
CA ALA C 252 -22.28 7.62 -36.13
C ALA C 252 -23.09 6.35 -35.94
N ILE C 253 -22.99 5.70 -34.77
CA ILE C 253 -23.75 4.48 -34.53
C ILE C 253 -25.25 4.78 -34.50
N LEU C 254 -25.64 5.85 -33.81
CA LEU C 254 -27.06 6.17 -33.69
C LEU C 254 -27.65 6.58 -35.04
N GLN C 255 -26.94 7.44 -35.76
CA GLN C 255 -27.44 7.94 -37.04
C GLN C 255 -27.54 6.82 -38.08
N LYS C 256 -26.87 5.69 -37.85
CA LYS C 256 -26.92 4.55 -38.75
C LYS C 256 -27.91 3.48 -38.30
N GLY C 257 -28.18 3.36 -37.01
CA GLY C 257 -28.93 2.23 -36.52
C GLY C 257 -30.06 2.48 -35.55
N LEU C 258 -30.10 3.65 -34.90
CA LEU C 258 -31.08 3.86 -33.84
C LEU C 258 -32.51 3.79 -34.38
N ASN C 259 -32.78 4.47 -35.50
CA ASN C 259 -34.12 4.43 -36.08
C ASN C 259 -34.54 3.00 -36.38
N ASN C 260 -33.65 2.24 -37.01
CA ASN C 260 -33.95 0.84 -37.30
C ASN C 260 -34.18 0.05 -36.02
N LEU C 261 -33.47 0.38 -34.94
CA LEU C 261 -33.66 -0.36 -33.70
C LEU C 261 -35.04 -0.09 -33.11
N LEU C 262 -35.51 1.16 -33.17
CA LEU C 262 -36.80 1.52 -32.59
C LEU C 262 -37.97 1.13 -33.49
N ASP C 263 -37.84 1.34 -34.80
CA ASP C 263 -38.90 1.01 -35.74
C ASP C 263 -39.16 -0.50 -35.79
N GLU C 264 -38.26 -1.32 -35.24
CA GLU C 264 -38.48 -2.74 -35.09
C GLU C 264 -38.66 -3.22 -33.64
N ASN C 265 -38.55 -2.31 -32.66
CA ASN C 265 -38.75 -2.62 -31.23
C ASN C 265 -37.77 -3.70 -30.78
N ARG C 266 -36.47 -3.43 -31.00
CA ARG C 266 -35.40 -4.42 -30.73
C ARG C 266 -34.88 -4.23 -29.32
N ILE C 267 -35.61 -4.80 -28.37
CA ILE C 267 -35.38 -4.54 -26.94
C ILE C 267 -33.99 -5.00 -26.52
N GLN C 268 -33.61 -6.22 -26.91
CA GLN C 268 -32.32 -6.77 -26.47
C GLN C 268 -31.16 -5.93 -26.99
N ASP C 269 -31.15 -5.60 -28.28
CA ASP C 269 -30.12 -4.72 -28.83
C ASP C 269 -30.21 -3.31 -28.27
N LEU C 270 -31.40 -2.86 -27.90
CA LEU C 270 -31.55 -1.53 -27.31
C LEU C 270 -31.01 -1.48 -25.89
N SER C 271 -31.24 -2.54 -25.10
CA SER C 271 -30.67 -2.60 -23.76
C SER C 271 -29.15 -2.58 -23.83
N LEU C 272 -28.56 -3.31 -24.78
CA LEU C 272 -27.11 -3.33 -24.92
C LEU C 272 -26.58 -1.95 -25.29
N LEU C 273 -27.29 -1.27 -26.21
CA LEU C 273 -26.94 0.09 -26.59
C LEU C 273 -26.88 1.01 -25.37
N TYR C 274 -27.83 0.87 -24.45
CA TYR C 274 -27.81 1.73 -23.26
C TYR C 274 -26.65 1.35 -22.36
N GLN C 275 -26.37 0.05 -22.23
CA GLN C 275 -25.28 -0.40 -21.38
C GLN C 275 -23.94 0.09 -21.90
N LEU C 276 -23.71 -0.02 -23.21
CA LEU C 276 -22.43 0.38 -23.77
C LEU C 276 -22.25 1.89 -23.76
N PHE C 277 -23.30 2.64 -24.11
CA PHE C 277 -23.19 4.10 -24.14
C PHE C 277 -22.98 4.68 -22.75
N SER C 278 -23.45 3.98 -21.71
CA SER C 278 -23.22 4.41 -20.33
C SER C 278 -21.75 4.45 -19.96
N ARG C 279 -20.89 3.76 -20.71
CA ARG C 279 -19.48 3.69 -20.38
C ARG C 279 -18.71 4.95 -20.78
N VAL C 280 -19.28 5.81 -21.64
CA VAL C 280 -18.56 6.90 -22.30
C VAL C 280 -19.16 8.26 -21.96
N ARG C 281 -18.29 9.28 -21.87
CA ARG C 281 -18.76 10.65 -21.65
C ARG C 281 -19.69 11.12 -22.78
N GLY C 282 -20.88 11.58 -22.41
CA GLY C 282 -21.81 12.07 -23.41
C GLY C 282 -22.60 11.01 -24.14
N GLY C 283 -22.41 9.73 -23.80
CA GLY C 283 -23.06 8.68 -24.56
C GLY C 283 -24.55 8.66 -24.33
N VAL C 284 -24.97 8.63 -23.07
CA VAL C 284 -26.39 8.70 -22.75
C VAL C 284 -26.97 10.02 -23.28
N GLN C 285 -26.17 11.10 -23.22
CA GLN C 285 -26.66 12.40 -23.67
C GLN C 285 -26.92 12.42 -25.17
N VAL C 286 -25.96 11.96 -25.97
CA VAL C 286 -26.17 11.91 -27.42
C VAL C 286 -27.32 10.97 -27.76
N LEU C 287 -27.45 9.86 -27.04
CA LEU C 287 -28.58 8.97 -27.25
C LEU C 287 -29.88 9.65 -26.86
N LEU C 288 -29.87 10.37 -25.74
CA LEU C 288 -31.08 11.07 -25.30
C LEU C 288 -31.49 12.12 -26.32
N GLN C 289 -30.51 12.80 -26.94
CA GLN C 289 -30.81 13.77 -27.98
C GLN C 289 -31.51 13.13 -29.17
N GLN C 290 -31.01 11.98 -29.63
CA GLN C 290 -31.61 11.35 -30.80
C GLN C 290 -32.93 10.68 -30.44
N TRP C 291 -33.10 10.33 -29.17
CA TRP C 291 -34.38 9.87 -28.67
C TRP C 291 -35.46 10.93 -28.82
N ILE C 292 -35.12 12.19 -28.50
CA ILE C 292 -36.04 13.30 -28.70
C ILE C 292 -36.36 13.45 -30.17
N GLU C 293 -35.32 13.45 -31.01
CA GLU C 293 -35.51 13.64 -32.45
C GLU C 293 -36.36 12.52 -33.05
N TYR C 294 -36.24 11.30 -32.52
CA TYR C 294 -37.03 10.19 -33.05
C TYR C 294 -38.49 10.33 -32.66
N ILE C 295 -38.76 10.75 -31.43
CA ILE C 295 -40.16 10.87 -30.98
C ILE C 295 -40.83 12.06 -31.65
N LYS C 296 -40.15 13.20 -31.73
CA LYS C 296 -40.70 14.34 -32.46
C LYS C 296 -41.00 13.96 -33.90
N ALA C 297 -40.09 13.22 -34.54
CA ALA C 297 -40.30 12.80 -35.92
C ALA C 297 -41.50 11.86 -36.04
N PHE C 298 -41.52 10.79 -35.23
CA PHE C 298 -42.61 9.81 -35.35
C PHE C 298 -43.97 10.44 -35.10
N GLY C 299 -44.08 11.29 -34.07
CA GLY C 299 -45.36 11.90 -33.78
C GLY C 299 -45.85 12.79 -34.91
N SER C 300 -44.95 13.63 -35.43
CA SER C 300 -45.31 14.57 -36.49
C SER C 300 -45.51 13.88 -37.83
N THR C 301 -45.15 12.62 -37.98
CA THR C 301 -45.47 11.92 -39.21
C THR C 301 -46.77 11.15 -39.12
N ILE C 302 -47.34 10.98 -37.92
CA ILE C 302 -48.64 10.34 -37.80
C ILE C 302 -49.80 11.35 -37.73
N VAL C 303 -49.54 12.60 -37.32
CA VAL C 303 -50.55 13.64 -37.41
C VAL C 303 -50.57 14.32 -38.78
N ILE C 304 -49.50 14.20 -39.54
CA ILE C 304 -49.50 14.76 -40.88
C ILE C 304 -49.90 13.70 -41.91
N ASN C 305 -49.40 12.48 -41.77
CA ASN C 305 -49.84 11.33 -42.56
C ASN C 305 -50.29 10.23 -41.59
N PRO C 306 -51.60 10.04 -41.38
CA PRO C 306 -52.07 9.02 -40.43
C PRO C 306 -52.16 7.61 -41.00
N GLU C 307 -52.14 6.64 -40.09
CA GLU C 307 -52.41 5.24 -40.41
C GLU C 307 -53.92 5.01 -40.56
N LYS C 308 -54.30 3.79 -40.92
CA LYS C 308 -55.68 3.49 -41.27
C LYS C 308 -56.37 2.43 -40.42
N ASP C 309 -55.70 1.81 -39.45
CA ASP C 309 -56.31 0.72 -38.67
C ASP C 309 -57.50 1.15 -37.84
N LYS C 310 -57.25 1.65 -36.64
CA LYS C 310 -58.29 2.11 -35.74
C LYS C 310 -58.19 3.63 -35.61
N THR C 311 -58.69 4.16 -34.50
CA THR C 311 -58.60 5.59 -34.27
C THR C 311 -57.15 5.99 -34.03
N MET C 312 -56.82 7.23 -34.39
CA MET C 312 -55.43 7.66 -34.32
C MET C 312 -54.99 7.96 -32.89
N ARG C 313 -55.91 8.43 -32.03
CA ARG C 313 -55.55 8.64 -30.63
C ARG C 313 -55.06 7.35 -29.99
N GLN C 314 -55.65 6.23 -30.38
CA GLN C 314 -55.19 4.93 -29.91
C GLN C 314 -53.83 4.59 -30.52
N GLU C 315 -53.61 4.86 -31.81
CA GLU C 315 -52.26 4.65 -32.35
C GLU C 315 -51.24 5.47 -31.57
N LEU C 316 -51.64 6.66 -31.12
CA LEU C 316 -50.91 7.56 -30.23
C LEU C 316 -50.82 7.01 -28.80
N ASP C 317 -51.35 5.81 -28.59
CA ASP C 317 -51.26 5.10 -27.32
C ASP C 317 -50.44 3.82 -27.42
N ASP C 318 -50.45 3.14 -28.57
CA ASP C 318 -49.57 1.99 -28.75
C ASP C 318 -48.11 2.44 -28.77
N PHE C 319 -47.84 3.58 -29.40
CA PHE C 319 -46.51 4.15 -29.37
C PHE C 319 -46.11 4.45 -27.92
N LYS C 320 -47.04 4.98 -27.13
CA LYS C 320 -46.76 5.27 -25.73
C LYS C 320 -46.47 3.99 -24.95
N ASP C 321 -47.21 2.93 -25.24
CA ASP C 321 -46.94 1.63 -24.63
C ASP C 321 -45.58 1.11 -25.06
N LYS C 322 -45.34 1.09 -26.37
CA LYS C 322 -44.05 0.66 -26.91
C LYS C 322 -42.91 1.47 -26.34
N VAL C 323 -43.07 2.79 -26.30
CA VAL C 323 -41.98 3.66 -25.86
C VAL C 323 -41.76 3.58 -24.35
N ASP C 324 -42.85 3.55 -23.56
CA ASP C 324 -42.71 3.41 -22.12
C ASP C 324 -41.99 2.12 -21.76
N HIS C 325 -42.28 1.05 -22.52
CA HIS C 325 -41.64 -0.23 -22.27
C HIS C 325 -40.13 -0.16 -22.47
N ILE C 326 -39.67 0.58 -23.49
CA ILE C 326 -38.25 0.69 -23.75
C ILE C 326 -37.54 1.47 -22.64
N ILE C 327 -38.17 2.55 -22.15
CA ILE C 327 -37.59 3.24 -21.00
C ILE C 327 -37.54 2.31 -19.80
N ASP C 328 -38.55 1.45 -19.65
CA ASP C 328 -38.64 0.62 -18.45
C ASP C 328 -37.54 -0.43 -18.43
N ILE C 329 -37.28 -1.08 -19.56
CA ILE C 329 -36.31 -2.18 -19.63
C ILE C 329 -34.99 -1.75 -20.25
N CYS C 330 -35.02 -1.11 -21.43
CA CYS C 330 -33.77 -0.80 -22.11
C CYS C 330 -33.03 0.33 -21.41
N PHE C 331 -33.76 1.35 -20.96
CA PHE C 331 -33.14 2.53 -20.38
C PHE C 331 -33.23 2.56 -18.86
N LEU C 332 -33.71 1.48 -18.24
CA LEU C 332 -33.66 1.28 -16.78
C LEU C 332 -34.39 2.37 -16.02
N LYS C 333 -35.62 2.66 -16.44
CA LYS C 333 -36.50 3.59 -15.72
C LYS C 333 -35.87 4.97 -15.59
N ASN C 334 -34.96 5.30 -16.52
CA ASN C 334 -34.20 6.55 -16.46
C ASN C 334 -35.17 7.72 -16.64
N GLU C 335 -35.29 8.55 -15.61
CA GLU C 335 -36.21 9.69 -15.66
C GLU C 335 -35.98 10.57 -16.87
N LYS C 336 -34.72 10.93 -17.13
CA LYS C 336 -34.40 11.86 -18.21
C LYS C 336 -35.04 11.46 -19.53
N PHE C 337 -35.26 10.16 -19.74
CA PHE C 337 -35.91 9.70 -20.97
C PHE C 337 -37.42 9.85 -20.92
N ILE C 338 -38.01 9.79 -19.72
CA ILE C 338 -39.45 10.01 -19.59
C ILE C 338 -39.78 11.48 -19.78
N ASN C 339 -39.02 12.36 -19.12
CA ASN C 339 -39.21 13.79 -19.25
C ASN C 339 -38.99 14.27 -20.68
N ALA C 340 -37.94 13.76 -21.33
CA ALA C 340 -37.63 14.17 -22.69
C ALA C 340 -38.72 13.75 -23.67
N MET C 341 -39.38 12.63 -23.41
CA MET C 341 -40.48 12.20 -24.27
C MET C 341 -41.65 13.15 -24.22
N LYS C 342 -41.99 13.64 -23.02
CA LYS C 342 -43.08 14.61 -22.90
C LYS C 342 -42.73 15.94 -23.58
N GLU C 343 -41.58 16.52 -23.23
CA GLU C 343 -41.18 17.80 -23.81
C GLU C 343 -41.09 17.72 -25.33
N ALA C 344 -40.75 16.56 -25.88
CA ALA C 344 -40.75 16.41 -27.33
C ALA C 344 -42.16 16.53 -27.89
N PHE C 345 -43.12 15.87 -27.25
CA PHE C 345 -44.51 15.92 -27.71
C PHE C 345 -45.14 17.30 -27.57
N GLU C 346 -44.72 18.09 -26.58
CA GLU C 346 -45.34 19.41 -26.43
C GLU C 346 -44.88 20.39 -27.49
N THR C 347 -43.97 19.98 -28.37
CA THR C 347 -43.63 20.77 -29.55
C THR C 347 -43.66 19.91 -30.81
N THR D 10 -27.67 26.85 -21.31
CA THR D 10 -26.30 26.96 -20.80
C THR D 10 -26.10 28.26 -20.03
N ASP D 11 -24.85 28.71 -20.02
CA ASP D 11 -24.45 30.03 -19.53
C ASP D 11 -25.05 30.30 -18.15
N GLU D 12 -26.26 30.87 -18.10
CA GLU D 12 -27.06 31.04 -16.88
C GLU D 12 -26.76 30.10 -15.73
N THR D 13 -26.94 28.80 -15.95
CA THR D 13 -26.67 27.82 -14.91
C THR D 13 -25.20 27.83 -14.50
N TRP D 14 -24.30 27.84 -15.47
CA TRP D 14 -22.87 27.85 -15.15
C TRP D 14 -22.47 29.09 -14.36
N GLN D 15 -23.14 30.21 -14.58
CA GLN D 15 -22.81 31.41 -13.83
C GLN D 15 -23.09 31.23 -12.35
N LYS D 16 -24.10 30.42 -12.02
CA LYS D 16 -24.37 30.08 -10.62
C LYS D 16 -23.16 29.41 -9.99
N LEU D 17 -22.64 28.37 -10.64
CA LEU D 17 -21.49 27.65 -10.11
C LEU D 17 -20.23 28.50 -10.16
N LYS D 18 -20.03 29.23 -11.26
CA LYS D 18 -18.89 30.12 -11.39
C LYS D 18 -18.87 31.18 -10.28
N GLU D 19 -20.04 31.70 -9.89
CA GLU D 19 -20.06 32.65 -8.78
C GLU D 19 -19.84 31.94 -7.45
N ALA D 20 -20.38 30.72 -7.31
CA ALA D 20 -20.16 29.97 -6.09
C ALA D 20 -18.68 29.63 -5.92
N VAL D 21 -18.01 29.21 -6.99
CA VAL D 21 -16.59 28.90 -6.93
C VAL D 21 -15.79 30.14 -6.55
N GLU D 22 -16.07 31.28 -7.19
CA GLU D 22 -15.34 32.50 -6.89
C GLU D 22 -15.57 32.96 -5.45
N ALA D 23 -16.78 32.77 -4.93
CA ALA D 23 -17.03 33.07 -3.53
C ALA D 23 -16.15 32.21 -2.63
N ILE D 24 -16.00 30.93 -2.99
CA ILE D 24 -15.13 30.03 -2.23
C ILE D 24 -13.68 30.50 -2.31
N GLN D 25 -13.26 30.97 -3.49
CA GLN D 25 -11.86 31.35 -3.68
C GLN D 25 -11.52 32.62 -2.92
N ASN D 26 -12.44 33.58 -2.88
CA ASN D 26 -12.23 34.83 -2.17
C ASN D 26 -12.74 34.81 -0.73
N SER D 27 -13.23 33.66 -0.25
CA SER D 27 -13.69 33.50 1.14
C SER D 27 -14.89 34.39 1.44
N THR D 28 -15.75 34.62 0.45
CA THR D 28 -16.93 35.43 0.66
C THR D 28 -18.14 34.53 0.88
N SER D 29 -19.31 34.93 0.37
CA SER D 29 -20.56 34.26 0.65
C SER D 29 -21.08 33.53 -0.58
N ILE D 30 -21.59 32.34 -0.38
CA ILE D 30 -22.24 31.57 -1.43
C ILE D 30 -23.71 31.96 -1.44
N LYS D 31 -24.12 32.73 -2.45
CA LYS D 31 -25.44 33.37 -2.46
C LYS D 31 -26.53 32.47 -3.03
N TYR D 32 -26.42 31.16 -2.82
CA TYR D 32 -27.46 30.24 -3.23
C TYR D 32 -27.63 29.18 -2.15
N ASN D 33 -28.82 28.58 -2.13
CA ASN D 33 -28.99 27.37 -1.35
C ASN D 33 -28.30 26.24 -2.09
N LEU D 34 -27.69 25.32 -1.33
CA LEU D 34 -26.77 24.36 -1.93
C LEU D 34 -27.49 23.43 -2.90
N GLU D 35 -28.74 23.09 -2.60
CA GLU D 35 -29.51 22.22 -3.49
C GLU D 35 -29.58 22.79 -4.91
N GLU D 36 -29.66 24.11 -5.02
CA GLU D 36 -29.65 24.76 -6.33
C GLU D 36 -28.33 24.54 -7.05
N LEU D 37 -27.21 24.57 -6.32
CA LEU D 37 -25.92 24.40 -6.95
C LEU D 37 -25.69 22.95 -7.34
N TYR D 38 -26.06 22.01 -6.46
CA TYR D 38 -25.95 20.59 -6.78
C TYR D 38 -26.80 20.24 -8.00
N GLN D 39 -28.01 20.81 -8.08
CA GLN D 39 -28.85 20.61 -9.26
C GLN D 39 -28.17 21.15 -10.51
N ALA D 40 -27.56 22.32 -10.39
CA ALA D 40 -26.87 22.93 -11.53
C ALA D 40 -25.80 21.99 -12.10
N VAL D 41 -25.02 21.36 -11.21
CA VAL D 41 -23.99 20.42 -11.67
C VAL D 41 -24.65 19.25 -12.39
N GLU D 42 -25.72 18.71 -11.82
CA GLU D 42 -26.35 17.54 -12.42
C GLU D 42 -26.95 17.88 -13.78
N ASN D 43 -27.46 19.09 -13.96
CA ASN D 43 -28.06 19.47 -15.24
C ASN D 43 -27.00 19.59 -16.33
N LEU D 44 -25.88 20.26 -16.04
CA LEU D 44 -24.84 20.42 -17.04
C LEU D 44 -24.18 19.11 -17.42
N CYS D 45 -24.23 18.10 -16.55
CA CYS D 45 -23.69 16.78 -16.87
C CYS D 45 -24.66 15.86 -17.59
N SER D 46 -25.96 16.14 -17.57
CA SER D 46 -26.92 15.18 -18.12
C SER D 46 -27.50 15.62 -19.44
N TYR D 47 -27.26 16.86 -19.85
CA TYR D 47 -27.68 17.39 -21.14
C TYR D 47 -26.44 18.09 -21.67
N LYS D 48 -25.55 17.35 -22.34
CA LYS D 48 -24.32 17.98 -22.81
C LYS D 48 -24.62 18.94 -23.95
N ILE D 49 -24.18 20.19 -23.84
CA ILE D 49 -24.40 21.14 -24.94
C ILE D 49 -23.03 21.35 -25.52
N SER D 50 -22.50 22.57 -25.38
CA SER D 50 -21.11 22.82 -25.76
C SER D 50 -20.43 21.99 -24.69
N ALA D 51 -20.76 22.32 -23.44
CA ALA D 51 -20.38 21.59 -22.24
C ALA D 51 -18.93 21.45 -21.79
N ASN D 52 -18.62 20.25 -21.29
CA ASN D 52 -17.36 19.91 -20.61
C ASN D 52 -17.15 20.91 -19.47
N LEU D 53 -17.93 20.66 -18.42
CA LEU D 53 -17.93 21.52 -17.25
C LEU D 53 -16.62 21.41 -16.50
N TYR D 54 -15.97 20.26 -16.66
CA TYR D 54 -14.66 20.02 -16.06
C TYR D 54 -13.62 20.99 -16.59
N LYS D 55 -13.60 21.22 -17.91
CA LYS D 55 -12.60 22.12 -18.47
C LYS D 55 -12.84 23.56 -18.04
N GLN D 56 -14.11 23.96 -17.89
CA GLN D 56 -14.39 25.29 -17.38
C GLN D 56 -14.02 25.43 -15.92
N LEU D 57 -14.33 24.41 -15.10
CA LEU D 57 -13.96 24.45 -13.69
C LEU D 57 -12.45 24.45 -13.53
N ARG D 58 -11.73 23.65 -14.32
CA ARG D 58 -10.28 23.70 -14.34
C ARG D 58 -9.78 25.12 -14.59
N GLN D 59 -10.44 25.84 -15.51
CA GLN D 59 -9.97 27.17 -15.90
C GLN D 59 -10.09 28.17 -14.75
N ILE D 60 -11.25 28.24 -14.11
CA ILE D 60 -11.39 29.22 -13.04
C ILE D 60 -10.54 28.84 -11.83
N CYS D 61 -10.21 27.56 -11.68
CA CYS D 61 -9.24 27.18 -10.65
C CYS D 61 -7.83 27.59 -11.06
N GLU D 62 -7.50 27.43 -12.34
CA GLU D 62 -6.18 27.83 -12.80
C GLU D 62 -5.97 29.34 -12.68
N ASP D 63 -6.98 30.12 -13.06
CA ASP D 63 -6.88 31.58 -12.95
C ASP D 63 -6.61 32.01 -11.52
N HIS D 64 -7.38 31.48 -10.57
CA HIS D 64 -7.25 31.89 -9.18
C HIS D 64 -5.88 31.51 -8.62
N ILE D 65 -5.41 30.30 -8.94
CA ILE D 65 -4.16 29.81 -8.36
C ILE D 65 -2.96 30.54 -8.97
N LYS D 66 -3.01 30.82 -10.27
CA LYS D 66 -1.98 31.64 -10.91
C LYS D 66 -1.88 33.01 -10.29
N ALA D 67 -2.95 33.50 -9.66
CA ALA D 67 -2.93 34.80 -9.01
C ALA D 67 -2.25 34.77 -7.65
N GLN D 68 -1.96 33.58 -7.13
CA GLN D 68 -1.38 33.41 -5.80
C GLN D 68 0.14 33.46 -5.83
N ILE D 69 0.76 33.51 -7.01
CA ILE D 69 2.21 33.47 -7.12
C ILE D 69 2.84 34.78 -6.65
N HIS D 70 2.12 35.89 -6.72
CA HIS D 70 2.74 37.20 -6.52
C HIS D 70 3.16 37.45 -5.07
N GLN D 71 2.46 36.86 -4.10
CA GLN D 71 2.81 37.10 -2.71
C GLN D 71 4.19 36.56 -2.35
N PHE D 72 4.71 35.59 -3.10
CA PHE D 72 5.97 34.97 -2.74
C PHE D 72 7.15 35.63 -3.45
N ARG D 73 6.93 36.79 -4.06
CA ARG D 73 7.96 37.52 -4.77
C ARG D 73 8.41 38.77 -4.04
N GLU D 74 7.88 39.00 -2.83
CA GLU D 74 8.24 40.16 -2.04
C GLU D 74 9.71 40.10 -1.68
N ASP D 75 10.47 41.12 -2.08
CA ASP D 75 11.91 41.06 -1.92
C ASP D 75 12.29 41.20 -0.46
N SER D 76 13.30 40.45 -0.05
CA SER D 76 13.88 40.57 1.29
C SER D 76 12.82 40.35 2.35
N LEU D 77 12.12 39.21 2.26
CA LEU D 77 11.10 38.86 3.22
C LEU D 77 11.64 37.76 4.14
N ASP D 78 11.33 37.88 5.43
CA ASP D 78 11.81 36.95 6.42
C ASP D 78 11.44 35.51 6.04
N SER D 79 12.39 34.60 6.25
CA SER D 79 12.20 33.22 5.82
C SER D 79 11.00 32.59 6.50
N VAL D 80 10.90 32.75 7.82
CA VAL D 80 9.78 32.15 8.55
C VAL D 80 8.47 32.73 8.05
N LEU D 81 8.43 34.05 7.82
CA LEU D 81 7.21 34.68 7.30
C LEU D 81 6.88 34.14 5.91
N PHE D 82 7.90 33.91 5.09
CA PHE D 82 7.69 33.33 3.77
C PHE D 82 7.12 31.92 3.88
N LEU D 83 7.67 31.12 4.78
CA LEU D 83 7.16 29.76 4.98
C LEU D 83 5.72 29.79 5.45
N LYS D 84 5.38 30.77 6.30
CA LYS D 84 4.02 30.88 6.80
C LYS D 84 3.05 31.31 5.70
N LYS D 85 3.52 32.08 4.71
CA LYS D 85 2.68 32.43 3.57
C LYS D 85 2.47 31.23 2.65
N ILE D 86 3.51 30.41 2.46
CA ILE D 86 3.35 29.18 1.70
C ILE D 86 2.32 28.28 2.37
N ASP D 87 2.42 28.12 3.69
CA ASP D 87 1.50 27.25 4.41
C ASP D 87 0.07 27.79 4.32
N ARG D 88 -0.10 29.09 4.59
CA ARG D 88 -1.43 29.67 4.53
C ARG D 88 -2.02 29.53 3.13
N CYS D 89 -1.20 29.79 2.10
CA CYS D 89 -1.63 29.57 0.73
C CYS D 89 -2.06 28.13 0.50
N TRP D 90 -1.34 27.18 1.10
CA TRP D 90 -1.66 25.78 0.95
C TRP D 90 -2.95 25.42 1.71
N GLN D 91 -3.06 25.87 2.96
CA GLN D 91 -4.27 25.59 3.74
C GLN D 91 -5.51 26.19 3.07
N ASN D 92 -5.37 27.37 2.44
CA ASN D 92 -6.50 27.93 1.73
C ASN D 92 -6.83 27.12 0.49
N HIS D 93 -5.80 26.71 -0.27
CA HIS D 93 -6.04 25.95 -1.48
C HIS D 93 -6.75 24.64 -1.19
N CYS D 94 -6.29 23.91 -0.17
CA CYS D 94 -6.92 22.64 0.16
C CYS D 94 -8.38 22.85 0.56
N ARG D 95 -8.61 23.80 1.48
CA ARG D 95 -9.95 24.06 1.97
C ARG D 95 -10.88 24.44 0.83
N GLN D 96 -10.44 25.32 -0.06
CA GLN D 96 -11.26 25.69 -1.21
C GLN D 96 -11.53 24.49 -2.10
N MET D 97 -10.48 23.73 -2.43
CA MET D 97 -10.65 22.59 -3.33
C MET D 97 -11.58 21.53 -2.73
N ILE D 98 -11.50 21.33 -1.41
CA ILE D 98 -12.37 20.35 -0.76
C ILE D 98 -13.83 20.75 -0.91
N MET D 99 -14.13 22.05 -0.74
CA MET D 99 -15.50 22.52 -0.87
C MET D 99 -15.99 22.44 -2.33
N ILE D 100 -15.16 22.89 -3.27
CA ILE D 100 -15.50 22.72 -4.68
C ILE D 100 -15.80 21.26 -4.99
N ARG D 101 -15.02 20.35 -4.42
CA ARG D 101 -15.26 18.92 -4.64
C ARG D 101 -16.62 18.51 -4.08
N SER D 102 -17.03 19.11 -2.96
CA SER D 102 -18.34 18.76 -2.40
C SER D 102 -19.46 19.19 -3.33
N ILE D 103 -19.38 20.41 -3.87
CA ILE D 103 -20.41 20.90 -4.78
C ILE D 103 -20.45 20.05 -6.04
N PHE D 104 -19.27 19.74 -6.58
CA PHE D 104 -19.14 19.00 -7.84
C PHE D 104 -18.99 17.51 -7.64
N LEU D 105 -19.57 16.96 -6.57
CA LEU D 105 -19.38 15.54 -6.29
C LEU D 105 -19.93 14.68 -7.41
N PHE D 106 -21.06 15.08 -7.98
CA PHE D 106 -21.62 14.34 -9.10
C PHE D 106 -20.64 14.27 -10.27
N LEU D 107 -19.87 15.33 -10.50
CA LEU D 107 -18.97 15.35 -11.66
C LEU D 107 -17.86 14.30 -11.52
N ASP D 108 -17.07 14.35 -10.46
CA ASP D 108 -15.97 13.38 -10.45
C ASP D 108 -16.41 11.98 -10.03
N ARG D 109 -17.59 11.81 -9.44
CA ARG D 109 -18.03 10.44 -9.19
C ARG D 109 -18.60 9.83 -10.46
N THR D 110 -19.14 10.68 -11.35
CA THR D 110 -19.56 10.22 -12.67
C THR D 110 -18.37 9.89 -13.55
N TYR D 111 -17.34 10.76 -13.54
CA TYR D 111 -16.15 10.51 -14.36
C TYR D 111 -15.37 9.31 -13.86
N VAL D 112 -15.51 8.94 -12.57
CA VAL D 112 -14.98 7.66 -12.12
C VAL D 112 -15.92 6.52 -12.53
N LEU D 113 -17.23 6.75 -12.43
CA LEU D 113 -18.20 5.75 -12.88
C LEU D 113 -18.09 5.56 -14.39
N GLN D 114 -17.82 6.63 -15.10
CA GLN D 114 -17.64 6.46 -16.52
C GLN D 114 -16.22 6.09 -16.90
N ASN D 115 -15.35 5.81 -15.92
CA ASN D 115 -13.97 5.41 -16.15
C ASN D 115 -13.17 6.44 -16.95
N SER D 116 -13.18 7.67 -16.47
CA SER D 116 -12.47 8.73 -17.16
C SER D 116 -10.95 8.65 -16.93
N MET D 117 -10.21 9.18 -17.90
CA MET D 117 -8.76 9.33 -17.76
C MET D 117 -8.37 10.67 -17.17
N LEU D 118 -9.33 11.60 -17.01
CA LEU D 118 -9.05 12.92 -16.46
C LEU D 118 -8.79 12.82 -14.95
N PRO D 119 -7.89 13.64 -14.40
CA PRO D 119 -7.63 13.58 -12.95
C PRO D 119 -8.88 13.97 -12.18
N SER D 120 -8.96 13.48 -10.94
CA SER D 120 -10.03 13.91 -10.06
C SER D 120 -9.91 15.41 -9.80
N ILE D 121 -11.02 16.01 -9.35
CA ILE D 121 -11.00 17.44 -9.05
C ILE D 121 -9.92 17.75 -8.01
N TRP D 122 -9.77 16.87 -7.02
CA TRP D 122 -8.73 17.10 -6.00
C TRP D 122 -7.34 17.04 -6.62
N ASP D 123 -7.07 16.01 -7.42
CA ASP D 123 -5.77 15.90 -8.08
C ASP D 123 -5.55 17.05 -9.05
N MET D 124 -6.62 17.46 -9.76
CA MET D 124 -6.53 18.61 -10.64
C MET D 124 -6.09 19.85 -9.86
N GLY D 125 -6.58 20.02 -8.64
CA GLY D 125 -6.10 21.10 -7.81
C GLY D 125 -4.65 20.93 -7.41
N LEU D 126 -4.25 19.70 -7.07
CA LEU D 126 -2.84 19.44 -6.74
C LEU D 126 -1.94 19.69 -7.93
N GLU D 127 -2.35 19.27 -9.12
CA GLU D 127 -1.55 19.53 -10.30
C GLU D 127 -1.39 21.03 -10.54
N LEU D 128 -2.49 21.78 -10.47
CA LEU D 128 -2.40 23.22 -10.65
C LEU D 128 -1.54 23.85 -9.57
N PHE D 129 -1.72 23.44 -8.30
CA PHE D 129 -0.92 24.02 -7.23
C PHE D 129 0.55 23.71 -7.44
N ARG D 130 0.87 22.49 -7.84
CA ARG D 130 2.26 22.15 -8.12
C ARG D 130 2.77 23.00 -9.27
N ALA D 131 2.01 23.06 -10.36
CA ALA D 131 2.47 23.70 -11.59
C ALA D 131 2.77 25.19 -11.38
N HIS D 132 1.84 25.91 -10.77
CA HIS D 132 1.91 27.37 -10.75
C HIS D 132 2.50 27.97 -9.47
N ILE D 133 2.65 27.20 -8.39
CA ILE D 133 3.22 27.76 -7.17
C ILE D 133 4.56 27.10 -6.86
N ILE D 134 4.52 25.83 -6.48
CA ILE D 134 5.73 25.18 -5.97
C ILE D 134 6.71 24.87 -7.10
N SER D 135 6.22 24.67 -8.33
CA SER D 135 7.14 24.40 -9.43
C SER D 135 8.05 25.58 -9.72
N ASP D 136 7.58 26.80 -9.47
CA ASP D 136 8.40 27.99 -9.67
C ASP D 136 9.74 27.85 -8.94
N GLN D 137 10.83 27.91 -9.70
CA GLN D 137 12.14 27.59 -9.14
C GLN D 137 12.49 28.50 -7.97
N LYS D 138 12.25 29.80 -8.13
CA LYS D 138 12.56 30.75 -7.08
C LYS D 138 11.71 30.51 -5.84
N VAL D 139 10.42 30.19 -6.04
CA VAL D 139 9.52 29.92 -4.92
C VAL D 139 9.94 28.65 -4.19
N GLN D 140 10.18 27.56 -4.94
CA GLN D 140 10.57 26.30 -4.32
C GLN D 140 11.90 26.43 -3.60
N ASN D 141 12.84 27.17 -4.19
CA ASN D 141 14.16 27.32 -3.58
C ASN D 141 14.08 28.07 -2.27
N LYS D 142 13.31 29.15 -2.22
CA LYS D 142 13.22 29.87 -0.96
C LYS D 142 12.39 29.07 0.04
N THR D 143 11.49 28.21 -0.46
CA THR D 143 10.74 27.31 0.42
C THR D 143 11.65 26.28 1.06
N ILE D 144 12.42 25.56 0.25
CA ILE D 144 13.30 24.50 0.77
C ILE D 144 14.41 25.09 1.64
N ASP D 145 14.97 26.22 1.22
CA ASP D 145 16.01 26.87 2.03
C ASP D 145 15.51 27.17 3.44
N GLY D 146 14.29 27.69 3.55
CA GLY D 146 13.75 28.00 4.86
C GLY D 146 13.48 26.75 5.68
N ILE D 147 12.93 25.71 5.05
CA ILE D 147 12.67 24.45 5.75
C ILE D 147 13.98 23.86 6.30
N LEU D 148 15.01 23.80 5.44
CA LEU D 148 16.31 23.31 5.90
C LEU D 148 16.90 24.21 6.98
N LEU D 149 16.69 25.53 6.86
CA LEU D 149 17.26 26.45 7.83
C LEU D 149 16.64 26.29 9.22
N LEU D 150 15.35 25.96 9.29
CA LEU D 150 14.74 25.69 10.58
C LEU D 150 15.33 24.43 11.20
N ILE D 151 15.52 23.39 10.39
CA ILE D 151 16.13 22.17 10.88
C ILE D 151 17.54 22.46 11.39
N GLU D 152 18.29 23.29 10.65
CA GLU D 152 19.62 23.66 11.09
C GLU D 152 19.57 24.43 12.40
N ARG D 153 18.61 25.35 12.53
CA ARG D 153 18.48 26.11 13.77
C ARG D 153 18.14 25.19 14.92
N GLU D 154 17.24 24.24 14.70
CA GLU D 154 16.87 23.29 15.76
C GLU D 154 18.04 22.42 16.18
N ARG D 155 18.82 21.92 15.20
CA ARG D 155 19.98 21.11 15.55
C ARG D 155 21.00 21.91 16.33
N ASN D 156 21.03 23.23 16.12
CA ASN D 156 21.91 24.13 16.85
C ASN D 156 21.33 24.58 18.19
N GLY D 157 20.13 24.11 18.56
CA GLY D 157 19.56 24.37 19.86
C GLY D 157 18.43 25.39 19.88
N GLU D 158 18.14 26.03 18.76
CA GLU D 158 17.11 27.05 18.73
C GLU D 158 15.73 26.42 18.63
N ALA D 159 14.72 27.14 19.13
CA ALA D 159 13.33 26.68 19.09
C ALA D 159 12.67 27.10 17.78
N ILE D 160 11.95 26.17 17.16
CA ILE D 160 11.27 26.40 15.88
C ILE D 160 9.86 25.84 15.98
N ASP D 161 9.04 26.19 14.99
CA ASP D 161 7.66 25.69 14.91
C ASP D 161 7.68 24.33 14.22
N ARG D 162 7.61 23.26 15.01
CA ARG D 162 7.59 21.92 14.43
C ARG D 162 6.32 21.66 13.64
N SER D 163 5.18 22.19 14.11
CA SER D 163 3.93 22.01 13.37
C SER D 163 4.02 22.63 11.99
N LEU D 164 4.64 23.81 11.89
CA LEU D 164 4.87 24.44 10.59
C LEU D 164 5.69 23.53 9.69
N LEU D 165 6.76 22.94 10.22
CA LEU D 165 7.58 22.03 9.43
C LEU D 165 6.77 20.81 8.98
N ARG D 166 5.98 20.24 9.89
CA ARG D 166 5.20 19.06 9.54
C ARG D 166 4.18 19.39 8.45
N SER D 167 3.55 20.55 8.54
CA SER D 167 2.54 20.92 7.55
C SER D 167 3.18 21.13 6.18
N LEU D 168 4.34 21.81 6.13
CA LEU D 168 4.98 22.05 4.85
C LEU D 168 5.53 20.78 4.24
N LEU D 169 6.19 19.94 5.04
CA LEU D 169 6.72 18.69 4.50
C LEU D 169 5.59 17.77 4.08
N SER D 170 4.51 17.70 4.87
CA SER D 170 3.33 16.96 4.45
C SER D 170 2.80 17.49 3.13
N MET D 171 2.85 18.80 2.92
CA MET D 171 2.43 19.37 1.65
C MET D 171 3.29 18.82 0.51
N LEU D 172 4.62 18.88 0.69
CA LEU D 172 5.53 18.37 -0.32
C LEU D 172 5.27 16.90 -0.63
N SER D 173 4.81 16.12 0.36
CA SER D 173 4.47 14.72 0.12
C SER D 173 3.18 14.60 -0.67
N ASP D 174 2.12 15.30 -0.23
CA ASP D 174 0.87 15.28 -0.97
C ASP D 174 1.08 15.74 -2.41
N LEU D 175 1.98 16.69 -2.62
CA LEU D 175 2.32 17.09 -3.97
C LEU D 175 3.31 16.14 -4.62
N GLN D 176 3.76 15.11 -3.90
CA GLN D 176 4.64 14.08 -4.47
C GLN D 176 5.97 14.65 -4.97
N ILE D 177 6.58 15.54 -4.17
CA ILE D 177 7.91 16.07 -4.48
C ILE D 177 8.78 16.08 -3.22
N TYR D 178 8.32 15.41 -2.16
CA TYR D 178 9.10 15.33 -0.93
C TYR D 178 10.50 14.80 -1.20
N GLN D 179 10.58 13.78 -2.06
CA GLN D 179 11.83 13.12 -2.38
C GLN D 179 12.70 14.00 -3.26
N ASP D 180 12.14 14.55 -4.34
CA ASP D 180 12.91 15.36 -5.28
C ASP D 180 13.39 16.65 -4.62
N SER D 181 12.49 17.37 -3.96
CA SER D 181 12.77 18.74 -3.54
C SER D 181 13.48 18.82 -2.20
N PHE D 182 13.12 17.96 -1.25
CA PHE D 182 13.57 18.10 0.13
C PHE D 182 14.51 16.99 0.60
N GLU D 183 14.10 15.74 0.47
CA GLU D 183 14.82 14.64 1.13
C GLU D 183 16.27 14.57 0.67
N GLN D 184 16.52 14.78 -0.63
CA GLN D 184 17.87 14.76 -1.17
C GLN D 184 18.75 15.82 -0.52
N ARG D 185 18.32 17.07 -0.57
CA ARG D 185 19.09 18.16 0.04
C ARG D 185 19.15 18.02 1.55
N PHE D 186 18.10 17.49 2.17
CA PHE D 186 18.12 17.33 3.62
C PHE D 186 19.21 16.36 4.06
N LEU D 187 19.29 15.20 3.39
CA LEU D 187 20.33 14.23 3.69
C LEU D 187 21.72 14.80 3.40
N GLU D 188 21.85 15.59 2.33
CA GLU D 188 23.15 16.18 2.01
C GLU D 188 23.58 17.16 3.10
N GLU D 189 22.64 17.96 3.60
CA GLU D 189 22.97 18.90 4.67
C GLU D 189 23.15 18.17 6.00
N THR D 190 22.35 17.13 6.24
CA THR D 190 22.55 16.30 7.42
C THR D 190 23.91 15.62 7.38
N ASN D 191 24.31 15.17 6.20
CA ASN D 191 25.60 14.49 6.03
C ASN D 191 26.76 15.44 6.34
N ARG D 192 26.74 16.63 5.72
CA ARG D 192 27.80 17.60 5.97
C ARG D 192 27.84 18.03 7.43
N LEU D 193 26.67 18.23 8.05
CA LEU D 193 26.62 18.74 9.41
C LEU D 193 27.21 17.75 10.39
N TYR D 194 26.73 16.50 10.36
CA TYR D 194 27.19 15.53 11.34
C TYR D 194 28.59 15.02 11.02
N ALA D 195 29.01 15.10 9.76
CA ALA D 195 30.41 14.86 9.43
C ALA D 195 31.32 15.85 10.16
N ALA D 196 30.99 17.14 10.08
CA ALA D 196 31.78 18.16 10.76
C ALA D 196 31.69 17.99 12.27
N GLU D 197 30.48 17.77 12.80
CA GLU D 197 30.30 17.62 14.23
C GLU D 197 31.08 16.41 14.75
N GLY D 198 31.16 15.34 13.96
CA GLY D 198 31.98 14.21 14.34
C GLY D 198 33.45 14.58 14.53
N GLN D 199 34.03 15.22 13.50
CA GLN D 199 35.45 15.59 13.58
C GLN D 199 35.69 16.57 14.73
N LYS D 200 34.79 17.53 14.91
CA LYS D 200 35.02 18.59 15.89
C LYS D 200 34.95 18.06 17.31
N LEU D 201 33.84 17.39 17.67
CA LEU D 201 33.69 16.89 19.02
C LEU D 201 34.59 15.69 19.31
N MET D 202 35.08 15.00 18.27
CA MET D 202 36.00 13.89 18.52
C MET D 202 37.34 14.38 19.06
N GLN D 203 37.72 15.62 18.74
CA GLN D 203 38.89 16.25 19.33
C GLN D 203 38.60 16.96 20.65
N GLU D 204 37.46 17.63 20.77
CA GLU D 204 37.24 18.52 21.91
C GLU D 204 36.81 17.79 23.18
N ARG D 205 36.27 16.58 23.08
CA ARG D 205 35.67 15.91 24.22
C ARG D 205 36.25 14.51 24.36
N GLU D 206 36.33 14.04 25.60
CA GLU D 206 36.72 12.66 25.81
C GLU D 206 35.62 11.72 25.37
N VAL D 207 35.97 10.46 25.21
CA VAL D 207 35.08 9.41 24.73
C VAL D 207 33.82 9.32 25.58
N PRO D 208 33.88 9.36 26.92
CA PRO D 208 32.62 9.32 27.69
C PRO D 208 31.69 10.46 27.36
N GLU D 209 32.22 11.69 27.27
CA GLU D 209 31.37 12.81 26.90
C GLU D 209 30.96 12.73 25.44
N TYR D 210 31.80 12.12 24.61
CA TYR D 210 31.47 11.99 23.19
C TYR D 210 30.35 10.97 22.98
N LEU D 211 30.44 9.82 23.64
CA LEU D 211 29.42 8.78 23.45
C LEU D 211 28.05 9.24 23.92
N HIS D 212 27.99 9.91 25.07
CA HIS D 212 26.75 10.48 25.55
C HIS D 212 26.15 11.41 24.48
N HIS D 213 27.00 12.20 23.82
CA HIS D 213 26.52 13.15 22.82
C HIS D 213 25.97 12.43 21.60
N VAL D 214 26.66 11.38 21.14
CA VAL D 214 26.17 10.63 19.97
C VAL D 214 24.81 10.02 20.26
N ASN D 215 24.65 9.41 21.45
CA ASN D 215 23.35 8.87 21.81
C ASN D 215 22.29 9.97 21.88
N LYS D 216 22.69 11.16 22.32
CA LYS D 216 21.74 12.27 22.41
C LYS D 216 21.27 12.69 21.03
N ARG D 217 22.17 12.73 20.05
CA ARG D 217 21.79 13.11 18.69
C ARG D 217 20.91 12.06 18.02
N LEU D 218 21.24 10.78 18.19
CA LEU D 218 20.43 9.73 17.58
C LEU D 218 19.00 9.76 18.10
N GLU D 219 18.82 10.11 19.36
CA GLU D 219 17.47 10.25 19.89
C GLU D 219 16.79 11.50 19.34
N GLU D 220 17.54 12.60 19.26
CA GLU D 220 17.01 13.83 18.67
C GLU D 220 16.58 13.60 17.23
N GLU D 221 17.44 12.98 16.43
CA GLU D 221 17.10 12.73 15.04
C GLU D 221 15.94 11.75 14.93
N ALA D 222 15.88 10.79 15.86
CA ALA D 222 14.69 9.94 15.94
C ALA D 222 13.46 10.75 16.31
N ASP D 223 13.63 11.81 17.11
CA ASP D 223 12.51 12.65 17.48
C ASP D 223 12.02 13.48 16.30
N ARG D 224 12.94 14.05 15.50
CA ARG D 224 12.54 14.82 14.34
C ARG D 224 11.81 13.95 13.33
N LEU D 225 12.19 12.68 13.23
CA LEU D 225 11.49 11.74 12.36
C LEU D 225 10.05 11.56 12.83
N ILE D 226 9.87 11.31 14.13
CA ILE D 226 8.54 11.14 14.69
C ILE D 226 7.71 12.40 14.55
N THR D 227 8.34 13.57 14.72
CA THR D 227 7.58 14.80 14.90
C THR D 227 7.14 15.42 13.57
N TYR D 228 8.08 15.69 12.65
CA TYR D 228 7.72 16.39 11.42
C TYR D 228 8.28 15.80 10.13
N LEU D 229 9.22 14.86 10.19
CA LEU D 229 9.70 14.28 8.95
C LEU D 229 8.80 13.13 8.50
N ASP D 230 8.93 12.78 7.21
CA ASP D 230 8.18 11.67 6.67
C ASP D 230 8.84 10.35 7.08
N GLN D 231 8.01 9.32 7.25
CA GLN D 231 8.51 8.06 7.80
C GLN D 231 9.50 7.38 6.84
N THR D 232 9.42 7.64 5.54
CA THR D 232 10.34 7.01 4.59
C THR D 232 11.76 7.56 4.69
N THR D 233 11.98 8.61 5.47
CA THR D 233 13.31 9.18 5.65
C THR D 233 14.09 8.46 6.75
N GLN D 234 13.44 7.48 7.40
CA GLN D 234 14.00 6.85 8.59
C GLN D 234 15.33 6.17 8.27
N LYS D 235 15.33 5.34 7.23
CA LYS D 235 16.49 4.52 6.89
C LYS D 235 17.70 5.39 6.57
N SER D 236 17.54 6.33 5.66
CA SER D 236 18.67 7.11 5.18
C SER D 236 19.19 8.08 6.24
N LEU D 237 18.29 8.68 7.03
CA LEU D 237 18.72 9.65 8.02
C LEU D 237 19.53 8.99 9.14
N ILE D 238 18.99 7.95 9.76
CA ILE D 238 19.68 7.32 10.88
C ILE D 238 21.01 6.73 10.43
N ALA D 239 21.03 6.13 9.23
CA ALA D 239 22.29 5.61 8.69
C ALA D 239 23.31 6.72 8.53
N THR D 240 22.85 7.90 8.10
CA THR D 240 23.76 9.03 7.91
C THR D 240 24.37 9.47 9.24
N VAL D 241 23.53 9.63 10.27
CA VAL D 241 24.03 10.04 11.58
C VAL D 241 24.92 8.97 12.18
N GLU D 242 24.52 7.70 12.06
CA GLU D 242 25.35 6.60 12.55
C GLU D 242 26.71 6.60 11.86
N LYS D 243 26.74 6.88 10.56
CA LYS D 243 28.01 6.87 9.83
C LYS D 243 28.91 8.01 10.29
N GLN D 244 28.38 9.23 10.37
CA GLN D 244 29.22 10.40 10.58
C GLN D 244 29.63 10.59 12.03
N LEU D 245 28.87 10.06 12.98
CA LEU D 245 29.23 10.17 14.40
C LEU D 245 29.88 8.92 14.96
N LEU D 246 29.69 7.76 14.34
CA LEU D 246 30.26 6.52 14.85
C LEU D 246 31.13 5.81 13.81
N GLY D 247 30.59 5.49 12.64
CA GLY D 247 31.33 4.70 11.67
C GLY D 247 32.67 5.32 11.28
N GLU D 248 32.69 6.64 11.12
CA GLU D 248 33.93 7.31 10.74
C GLU D 248 34.91 7.45 11.88
N HIS D 249 34.58 6.98 13.08
CA HIS D 249 35.45 7.20 14.22
C HIS D 249 35.62 5.98 15.12
N LEU D 250 35.10 4.82 14.72
CA LEU D 250 35.17 3.63 15.58
C LEU D 250 36.58 3.40 16.07
N THR D 251 37.52 3.25 15.13
CA THR D 251 38.90 2.97 15.48
C THR D 251 39.48 4.10 16.33
N ALA D 252 39.16 5.36 15.98
CA ALA D 252 39.68 6.49 16.74
C ALA D 252 39.14 6.52 18.17
N ILE D 253 37.89 6.11 18.38
CA ILE D 253 37.32 6.12 19.73
C ILE D 253 38.03 5.12 20.64
N LEU D 254 38.31 3.90 20.15
CA LEU D 254 38.98 2.92 21.00
C LEU D 254 40.40 3.35 21.33
N GLN D 255 41.15 3.82 20.33
CA GLN D 255 42.53 4.22 20.58
C GLN D 255 42.58 5.42 21.51
N LYS D 256 41.48 6.14 21.66
CA LYS D 256 41.44 7.31 22.53
C LYS D 256 40.85 7.03 23.90
N GLY D 257 39.93 6.07 24.02
CA GLY D 257 39.22 5.93 25.27
C GLY D 257 39.04 4.53 25.85
N LEU D 258 39.17 3.48 25.04
CA LEU D 258 38.85 2.15 25.55
C LEU D 258 39.82 1.77 26.67
N ASN D 259 41.11 2.05 26.49
CA ASN D 259 42.10 1.73 27.52
C ASN D 259 41.74 2.37 28.85
N ASN D 260 41.43 3.67 28.85
CA ASN D 260 41.08 4.34 30.10
C ASN D 260 39.78 3.81 30.68
N LEU D 261 38.81 3.48 29.81
CA LEU D 261 37.51 2.98 30.29
C LEU D 261 37.65 1.62 30.96
N LEU D 262 38.52 0.75 30.42
CA LEU D 262 38.71 -0.56 31.02
C LEU D 262 39.57 -0.49 32.28
N ASP D 263 40.62 0.34 32.29
CA ASP D 263 41.53 0.37 33.43
C ASP D 263 40.88 0.91 34.69
N GLU D 264 39.93 1.83 34.55
CA GLU D 264 39.24 2.42 35.69
C GLU D 264 37.83 1.89 35.83
N ASN D 265 37.44 0.91 35.01
CA ASN D 265 36.25 0.11 35.23
C ASN D 265 34.97 0.94 35.20
N ARG D 266 34.76 1.62 34.08
CA ARG D 266 33.65 2.56 33.89
C ARG D 266 32.51 1.81 33.21
N ILE D 267 31.70 1.12 34.04
CA ILE D 267 30.72 0.15 33.53
C ILE D 267 29.67 0.83 32.66
N GLN D 268 29.12 1.95 33.12
CA GLN D 268 28.05 2.63 32.40
C GLN D 268 28.52 3.10 31.03
N ASP D 269 29.70 3.73 30.98
CA ASP D 269 30.25 4.15 29.69
C ASP D 269 30.57 2.95 28.80
N LEU D 270 30.95 1.82 29.40
CA LEU D 270 31.23 0.63 28.60
C LEU D 270 29.95 0.02 28.06
N SER D 271 28.87 0.02 28.85
CA SER D 271 27.58 -0.46 28.36
C SER D 271 27.12 0.37 27.18
N LEU D 272 27.27 1.69 27.26
CA LEU D 272 26.85 2.57 26.18
C LEU D 272 27.70 2.35 24.93
N LEU D 273 29.02 2.18 25.11
CA LEU D 273 29.90 1.88 23.98
C LEU D 273 29.42 0.65 23.20
N TYR D 274 28.94 -0.37 23.91
CA TYR D 274 28.46 -1.56 23.22
C TYR D 274 27.14 -1.29 22.49
N GLN D 275 26.25 -0.52 23.12
CA GLN D 275 24.97 -0.20 22.48
C GLN D 275 25.18 0.63 21.21
N LEU D 276 26.05 1.64 21.28
CA LEU D 276 26.28 2.49 20.11
C LEU D 276 27.02 1.73 19.01
N PHE D 277 28.02 0.94 19.38
CA PHE D 277 28.75 0.16 18.39
C PHE D 277 27.88 -0.94 17.79
N SER D 278 26.88 -1.40 18.52
CA SER D 278 25.94 -2.38 17.97
C SER D 278 25.17 -1.81 16.78
N ARG D 279 25.07 -0.49 16.66
CA ARG D 279 24.30 0.13 15.58
C ARG D 279 25.01 0.11 14.23
N VAL D 280 26.32 -0.10 14.18
CA VAL D 280 27.10 0.11 12.97
C VAL D 280 27.74 -1.20 12.53
N ARG D 281 27.72 -1.46 11.22
CA ARG D 281 28.38 -2.63 10.65
C ARG D 281 29.87 -2.51 10.81
N GLY D 282 30.50 -3.58 11.31
CA GLY D 282 31.90 -3.59 11.60
C GLY D 282 32.25 -3.06 12.97
N GLY D 283 31.24 -2.62 13.74
CA GLY D 283 31.42 -2.01 15.04
C GLY D 283 31.71 -2.93 16.21
N VAL D 284 30.82 -3.89 16.49
CA VAL D 284 31.09 -4.85 17.56
C VAL D 284 32.36 -5.62 17.27
N GLN D 285 32.61 -5.87 15.98
CA GLN D 285 33.80 -6.59 15.55
C GLN D 285 35.07 -5.78 15.81
N VAL D 286 35.08 -4.51 15.39
CA VAL D 286 36.26 -3.67 15.60
C VAL D 286 36.56 -3.53 17.10
N LEU D 287 35.50 -3.46 17.93
CA LEU D 287 35.68 -3.45 19.37
C LEU D 287 36.29 -4.76 19.86
N LEU D 288 35.81 -5.88 19.32
CA LEU D 288 36.31 -7.20 19.74
C LEU D 288 37.80 -7.33 19.45
N GLN D 289 38.27 -6.74 18.34
CA GLN D 289 39.69 -6.75 18.03
C GLN D 289 40.50 -6.05 19.11
N GLN D 290 40.05 -4.86 19.53
CA GLN D 290 40.74 -4.09 20.55
C GLN D 290 40.51 -4.64 21.95
N TRP D 291 39.43 -5.39 22.15
CA TRP D 291 39.27 -6.13 23.39
C TRP D 291 40.39 -7.17 23.54
N ILE D 292 40.71 -7.88 22.45
CA ILE D 292 41.83 -8.82 22.47
C ILE D 292 43.15 -8.10 22.75
N GLU D 293 43.42 -7.00 22.02
CA GLU D 293 44.67 -6.29 22.22
C GLU D 293 44.82 -5.80 23.65
N TYR D 294 43.71 -5.42 24.29
CA TYR D 294 43.79 -4.91 25.65
C TYR D 294 44.15 -6.01 26.64
N ILE D 295 43.62 -7.22 26.44
CA ILE D 295 43.88 -8.30 27.39
C ILE D 295 45.33 -8.76 27.26
N LYS D 296 45.78 -8.95 26.02
CA LYS D 296 47.17 -9.32 25.79
C LYS D 296 48.13 -8.27 26.35
N ALA D 297 47.82 -6.98 26.13
CA ALA D 297 48.68 -5.94 26.69
C ALA D 297 48.65 -5.95 28.22
N PHE D 298 47.46 -5.88 28.81
CA PHE D 298 47.37 -5.82 30.27
C PHE D 298 47.94 -7.08 30.91
N GLY D 299 47.57 -8.25 30.37
CA GLY D 299 48.07 -9.49 30.92
C GLY D 299 49.56 -9.71 30.71
N SER D 300 50.04 -9.45 29.48
CA SER D 300 51.46 -9.71 29.21
C SER D 300 52.39 -8.71 29.88
N THR D 301 51.86 -7.63 30.46
CA THR D 301 52.65 -6.72 31.28
C THR D 301 52.49 -6.98 32.77
N ILE D 302 51.51 -7.78 33.19
CA ILE D 302 51.40 -8.11 34.61
C ILE D 302 52.25 -9.33 34.93
N VAL D 303 52.59 -10.12 33.92
CA VAL D 303 53.59 -11.16 34.11
C VAL D 303 55.00 -10.61 33.98
N ILE D 304 55.15 -9.41 33.44
CA ILE D 304 56.44 -8.72 33.40
C ILE D 304 56.58 -7.77 34.59
N ASN D 305 55.58 -6.92 34.82
CA ASN D 305 55.60 -6.00 35.97
C ASN D 305 54.39 -6.23 36.86
N PRO D 306 54.57 -6.85 38.03
CA PRO D 306 53.46 -6.99 38.98
C PRO D 306 53.29 -5.74 39.82
N GLU D 307 52.03 -5.34 40.03
CA GLU D 307 51.75 -4.29 40.98
C GLU D 307 51.91 -4.91 42.37
N LYS D 308 53.16 -5.01 42.82
CA LYS D 308 53.55 -5.80 43.99
C LYS D 308 52.76 -5.49 45.25
N ASP D 309 51.44 -5.67 45.18
CA ASP D 309 50.56 -5.56 46.36
C ASP D 309 50.14 -6.93 46.88
N LYS D 310 49.62 -7.77 45.99
CA LYS D 310 49.22 -9.14 46.30
C LYS D 310 50.14 -10.08 45.53
N THR D 311 49.92 -11.38 45.72
CA THR D 311 50.68 -12.37 44.98
C THR D 311 50.19 -12.37 43.53
N MET D 312 50.73 -13.28 42.72
CA MET D 312 50.39 -13.25 41.31
C MET D 312 49.11 -14.02 40.97
N ARG D 313 48.82 -15.13 41.67
CA ARG D 313 47.60 -15.90 41.41
C ARG D 313 46.33 -15.09 41.62
N GLN D 314 46.25 -14.31 42.70
CA GLN D 314 45.04 -13.50 42.94
C GLN D 314 44.96 -12.27 42.06
N GLU D 315 46.07 -11.55 41.90
CA GLU D 315 46.03 -10.39 41.01
C GLU D 315 45.54 -10.82 39.63
N LEU D 316 45.90 -12.04 39.21
CA LEU D 316 45.32 -12.59 37.99
C LEU D 316 43.86 -13.00 38.18
N ASP D 317 43.46 -13.31 39.42
CA ASP D 317 42.08 -13.72 39.66
C ASP D 317 41.21 -12.50 39.87
N ASP D 318 41.80 -11.42 40.38
CA ASP D 318 41.13 -10.14 40.44
C ASP D 318 40.83 -9.63 39.03
N PHE D 319 41.78 -9.83 38.10
CA PHE D 319 41.60 -9.37 36.73
C PHE D 319 40.45 -10.10 36.04
N LYS D 320 40.36 -11.43 36.17
CA LYS D 320 39.29 -12.15 35.49
C LYS D 320 37.93 -11.80 36.05
N ASP D 321 37.85 -11.57 37.36
CA ASP D 321 36.60 -11.10 37.98
C ASP D 321 36.19 -9.77 37.38
N LYS D 322 37.14 -8.83 37.30
CA LYS D 322 36.87 -7.52 36.73
C LYS D 322 36.32 -7.63 35.31
N VAL D 323 36.94 -8.48 34.49
CA VAL D 323 36.55 -8.60 33.08
C VAL D 323 35.23 -9.35 32.93
N ASP D 324 35.02 -10.41 33.72
CA ASP D 324 33.77 -11.17 33.65
C ASP D 324 32.57 -10.30 33.98
N HIS D 325 32.73 -9.41 34.97
CA HIS D 325 31.65 -8.48 35.31
C HIS D 325 31.33 -7.59 34.12
N ILE D 326 32.36 -7.20 33.35
CA ILE D 326 32.18 -6.34 32.20
C ILE D 326 31.47 -7.07 31.06
N ILE D 327 31.84 -8.33 30.78
CA ILE D 327 31.13 -9.09 29.74
C ILE D 327 29.67 -9.28 30.14
N ASP D 328 29.43 -9.52 31.43
CA ASP D 328 28.11 -9.92 31.89
C ASP D 328 27.11 -8.78 31.71
N ILE D 329 27.51 -7.56 32.03
CA ILE D 329 26.61 -6.42 32.06
C ILE D 329 26.79 -5.53 30.84
N CYS D 330 28.03 -5.14 30.52
CA CYS D 330 28.25 -4.20 29.42
C CYS D 330 28.04 -4.86 28.06
N PHE D 331 28.52 -6.07 27.88
CA PHE D 331 28.47 -6.72 26.57
C PHE D 331 27.37 -7.77 26.48
N LEU D 332 26.50 -7.84 27.49
CA LEU D 332 25.25 -8.61 27.41
C LEU D 332 25.50 -10.10 27.22
N LYS D 333 26.33 -10.67 28.08
CA LYS D 333 26.58 -12.11 28.15
C LYS D 333 27.16 -12.64 26.84
N ASN D 334 27.78 -11.78 26.03
CA ASN D 334 28.17 -12.11 24.67
C ASN D 334 29.23 -13.20 24.69
N GLU D 335 28.87 -14.38 24.18
CA GLU D 335 29.79 -15.51 24.13
C GLU D 335 31.08 -15.14 23.40
N LYS D 336 30.96 -14.52 22.22
CA LYS D 336 32.13 -14.20 21.40
C LYS D 336 33.17 -13.40 22.16
N PHE D 337 32.76 -12.59 23.14
CA PHE D 337 33.74 -11.89 23.96
C PHE D 337 34.35 -12.78 25.02
N ILE D 338 33.63 -13.81 25.49
CA ILE D 338 34.20 -14.78 26.41
C ILE D 338 35.21 -15.66 25.68
N ASN D 339 34.84 -16.15 24.49
CA ASN D 339 35.76 -16.96 23.71
C ASN D 339 37.02 -16.18 23.33
N ALA D 340 36.86 -14.90 22.99
CA ALA D 340 38.05 -14.10 22.69
C ALA D 340 38.93 -13.95 23.92
N MET D 341 38.33 -13.89 25.11
CA MET D 341 39.11 -13.80 26.33
C MET D 341 39.88 -15.08 26.62
N LYS D 342 39.25 -16.25 26.41
CA LYS D 342 39.95 -17.51 26.60
C LYS D 342 41.12 -17.63 25.63
N GLU D 343 40.88 -17.31 24.35
CA GLU D 343 41.95 -17.37 23.35
C GLU D 343 43.13 -16.52 23.74
N ALA D 344 42.85 -15.33 24.29
CA ALA D 344 43.91 -14.40 24.68
C ALA D 344 44.71 -14.96 25.86
N PHE D 345 44.01 -15.54 26.83
CA PHE D 345 44.69 -16.09 28.00
C PHE D 345 45.61 -17.23 27.62
N GLU D 346 45.26 -18.03 26.62
CA GLU D 346 46.15 -19.10 26.17
C GLU D 346 47.24 -18.58 25.22
N THR D 347 47.54 -17.27 25.28
CA THR D 347 48.67 -16.70 24.56
C THR D 347 49.83 -16.41 25.51
N ASP E 2 -2.14 -60.77 -43.73
CA ASP E 2 -2.29 -59.32 -43.92
C ASP E 2 -1.93 -58.45 -42.70
N PRO E 3 -2.38 -58.78 -41.49
CA PRO E 3 -2.06 -57.89 -40.36
C PRO E 3 -0.59 -57.95 -39.98
N ALA E 4 0.05 -59.10 -40.15
CA ALA E 4 1.48 -59.23 -39.88
C ALA E 4 2.29 -58.21 -40.67
N ASP E 5 1.86 -57.88 -41.89
CA ASP E 5 2.60 -56.88 -42.68
C ASP E 5 2.45 -55.48 -42.09
N ARG E 6 1.26 -55.16 -41.57
CA ARG E 6 1.03 -53.81 -41.06
C ARG E 6 1.87 -53.56 -39.81
N TRP E 7 1.95 -54.56 -38.92
CA TRP E 7 2.83 -54.45 -37.76
C TRP E 7 4.27 -54.22 -38.17
N CYS E 8 4.71 -54.88 -39.25
CA CYS E 8 6.08 -54.67 -39.74
C CYS E 8 6.27 -53.25 -40.24
N GLU E 9 5.30 -52.72 -41.00
CA GLU E 9 5.42 -51.34 -41.48
C GLU E 9 5.38 -50.34 -40.33
N LEU E 10 4.60 -50.62 -39.29
CA LEU E 10 4.56 -49.71 -38.14
C LEU E 10 5.92 -49.65 -37.46
N ALA E 11 6.57 -50.79 -37.29
CA ALA E 11 7.88 -50.81 -36.66
C ALA E 11 8.90 -50.01 -37.45
N ALA E 12 8.86 -50.10 -38.79
CA ALA E 12 9.74 -49.31 -39.62
C ALA E 12 9.44 -47.83 -39.47
N TRP E 13 8.17 -47.44 -39.64
CA TRP E 13 7.78 -46.05 -39.49
C TRP E 13 8.11 -45.50 -38.10
N THR E 14 7.93 -46.32 -37.06
CA THR E 14 8.23 -45.86 -35.71
C THR E 14 9.72 -45.60 -35.53
N CYS E 15 10.57 -46.41 -36.18
CA CYS E 15 12.01 -46.16 -36.12
C CYS E 15 12.41 -44.98 -37.00
N ASP E 16 11.90 -44.92 -38.23
CA ASP E 16 12.22 -43.78 -39.09
C ASP E 16 11.73 -42.47 -38.49
N THR E 17 10.56 -42.47 -37.86
CA THR E 17 9.98 -41.23 -37.37
C THR E 17 10.54 -40.83 -36.01
N PHE E 18 10.96 -41.78 -35.19
CA PHE E 18 11.38 -41.47 -33.83
C PHE E 18 12.80 -41.95 -33.52
N ASP F 2 -3.49 59.46 45.46
CA ASP F 2 -2.42 58.66 44.88
C ASP F 2 -2.88 57.58 43.87
N PRO F 3 -3.88 56.75 44.22
CA PRO F 3 -4.31 55.72 43.27
C PRO F 3 -5.04 56.27 42.07
N ALA F 4 -5.79 57.37 42.24
CA ALA F 4 -6.45 58.01 41.10
C ALA F 4 -5.44 58.40 40.02
N ASP F 5 -4.23 58.81 40.42
CA ASP F 5 -3.20 59.16 39.45
C ASP F 5 -2.75 57.93 38.68
N ARG F 6 -2.65 56.78 39.37
CA ARG F 6 -2.16 55.57 38.72
C ARG F 6 -3.14 55.08 37.65
N TRP F 7 -4.44 55.12 37.93
CA TRP F 7 -5.43 54.72 36.93
C TRP F 7 -5.34 55.60 35.68
N CYS F 8 -5.12 56.91 35.85
CA CYS F 8 -4.99 57.79 34.70
C CYS F 8 -3.72 57.48 33.91
N GLU F 9 -2.60 57.25 34.61
CA GLU F 9 -1.35 56.87 33.92
C GLU F 9 -1.52 55.55 33.19
N LEU F 10 -2.27 54.62 33.78
CA LEU F 10 -2.52 53.32 33.14
C LEU F 10 -3.35 53.48 31.87
N ALA F 11 -4.41 54.30 31.93
CA ALA F 11 -5.26 54.50 30.76
C ALA F 11 -4.47 55.12 29.62
N ALA F 12 -3.58 56.07 29.93
CA ALA F 12 -2.73 56.66 28.89
C ALA F 12 -1.82 55.61 28.28
N TRP F 13 -1.12 54.85 29.14
CA TRP F 13 -0.20 53.82 28.64
C TRP F 13 -0.93 52.78 27.81
N THR F 14 -2.16 52.41 28.21
CA THR F 14 -2.91 51.40 27.47
C THR F 14 -3.31 51.90 26.07
N CYS F 15 -3.62 53.19 25.94
CA CYS F 15 -3.90 53.77 24.64
C CYS F 15 -2.63 53.99 23.82
N ASP F 16 -1.57 54.49 24.46
CA ASP F 16 -0.31 54.69 23.76
C ASP F 16 0.23 53.37 23.23
N THR F 17 0.10 52.30 24.02
CA THR F 17 0.71 51.02 23.67
C THR F 17 -0.16 50.20 22.72
N PHE F 18 -1.47 50.37 22.76
CA PHE F 18 -2.35 49.48 21.99
C PHE F 18 -3.27 50.24 21.05
N PRO G 3 -56.62 16.73 -42.81
CA PRO G 3 -55.30 16.56 -42.18
C PRO G 3 -55.15 17.41 -40.92
N ALA G 4 -55.90 18.51 -40.85
CA ALA G 4 -55.84 19.44 -39.73
C ALA G 4 -56.66 18.99 -38.54
N ASP G 5 -57.24 17.79 -38.58
CA ASP G 5 -57.92 17.22 -37.43
C ASP G 5 -56.97 16.47 -36.53
N ARG G 6 -55.68 16.43 -36.86
CA ARG G 6 -54.67 15.71 -36.10
C ARG G 6 -53.76 16.61 -35.27
N TRP G 7 -53.48 17.83 -35.72
CA TRP G 7 -52.75 18.79 -34.89
C TRP G 7 -53.52 19.11 -33.63
N CYS G 8 -54.85 19.09 -33.72
CA CYS G 8 -55.71 19.31 -32.56
C CYS G 8 -55.69 18.10 -31.64
N GLU G 9 -55.73 16.90 -32.22
CA GLU G 9 -55.71 15.68 -31.41
C GLU G 9 -54.37 15.53 -30.69
N LEU G 10 -53.27 15.98 -31.32
CA LEU G 10 -51.97 15.93 -30.67
C LEU G 10 -51.91 16.88 -29.47
N ALA G 11 -52.40 18.11 -29.63
CA ALA G 11 -52.33 19.06 -28.51
C ALA G 11 -53.17 18.60 -27.34
N ALA G 12 -54.30 17.95 -27.60
CA ALA G 12 -55.11 17.39 -26.52
C ALA G 12 -54.35 16.28 -25.79
N TRP G 13 -53.76 15.35 -26.55
CA TRP G 13 -52.98 14.28 -25.95
C TRP G 13 -51.80 14.84 -25.17
N THR G 14 -51.18 15.91 -25.67
CA THR G 14 -50.04 16.51 -25.00
C THR G 14 -50.45 17.17 -23.68
N CYS G 15 -51.63 17.78 -23.63
CA CYS G 15 -52.10 18.33 -22.36
C CYS G 15 -52.45 17.22 -21.40
N ASP G 16 -53.17 16.20 -21.89
CA ASP G 16 -53.55 15.08 -21.05
C ASP G 16 -52.34 14.27 -20.58
N THR G 17 -51.35 14.09 -21.43
CA THR G 17 -50.25 13.21 -21.03
C THR G 17 -49.22 13.99 -20.21
N ASP H 5 60.10 -15.30 35.45
CA ASP H 5 59.78 -16.48 36.24
C ASP H 5 58.27 -16.59 36.43
N ARG H 6 57.57 -15.65 35.81
CA ARG H 6 56.13 -15.51 35.94
C ARG H 6 55.39 -16.18 34.81
N TRP H 7 56.06 -16.37 33.68
CA TRP H 7 55.57 -17.21 32.60
C TRP H 7 55.29 -18.64 33.05
N CYS H 8 55.58 -18.97 34.31
CA CYS H 8 55.17 -20.26 34.87
C CYS H 8 53.78 -20.24 35.52
N GLU H 9 53.53 -19.28 36.41
CA GLU H 9 52.25 -19.21 37.10
C GLU H 9 51.08 -18.88 36.18
N LEU H 10 51.35 -18.11 35.14
CA LEU H 10 50.31 -17.72 34.18
C LEU H 10 49.77 -18.92 33.41
N ALA H 11 50.67 -19.77 32.92
CA ALA H 11 50.28 -20.96 32.16
C ALA H 11 49.61 -21.97 33.07
N ALA H 12 49.97 -22.01 34.36
CA ALA H 12 49.26 -22.84 35.32
C ALA H 12 47.82 -22.36 35.48
N TRP H 13 47.63 -21.06 35.66
CA TRP H 13 46.28 -20.50 35.76
C TRP H 13 45.50 -20.71 34.46
N THR H 14 46.18 -20.62 33.31
CA THR H 14 45.48 -20.77 32.04
C THR H 14 44.93 -22.18 31.88
N CYS H 15 45.66 -23.19 32.37
CA CYS H 15 45.16 -24.56 32.33
C CYS H 15 44.05 -24.77 33.34
N ASP H 16 44.21 -24.25 34.57
CA ASP H 16 43.17 -24.40 35.59
C ASP H 16 41.88 -23.68 35.18
N THR H 17 41.99 -22.53 34.53
CA THR H 17 40.83 -21.72 34.20
C THR H 17 40.19 -22.17 32.89
#